data_5X1L
#
_entry.id   5X1L
#
_cell.length_a   102.773
_cell.length_b   117.888
_cell.length_c   129.726
_cell.angle_alpha   90.00
_cell.angle_beta   90.00
_cell.angle_gamma   90.00
#
_symmetry.space_group_name_H-M   'P 21 21 2'
#
loop_
_entity.id
_entity.type
_entity.pdbx_description
1 polymer 'Vanillate/3-O-methylgallate O-demethylase'
2 non-polymer 1,2-ETHANEDIOL
3 non-polymer (6S)-5,6,7,8-TETRAHYDROFOLATE
4 water water
#
_entity_poly.entity_id   1
_entity_poly.type   'polypeptide(L)'
_entity_poly.pdbx_seq_one_letter_code
;GSSMSAPTNLEQVLAAGGNTVEMLRNSQIGAYVYPVVAPEFSNWRTEQWAWRNSAVLFDQTHHMVDLYIRGKDALKLLSD
TMINSPKGWEPNKAKQYVPVTPYGHVIGDGIIFYLAEEEFVYVGRAPAANWLMYHAQTGGYNVDIVHDDRSPSRPMGKPV
QRISWRFQIQGPKAWDVIEKLHGGTLEKLKFFNMAEMNIAGMKIRTLRHGMAGAPGLEIWGPYETQEKARNAILEAGKEF
GLIPVGSRAYPSNTLESGWIPSPLPAIYTGDKLKAYREWLPANSYEASGAIGGSFVSSNIEDYYVNPYEIGYGPFVKFDH
DFIGRDALEAIDPATQRKKVTLAWNGDDMAKIYASLFDTEADAHYKFFDLPLANYANTNADAVLDAAGNVVGMSMFTGYS
YNEKRALSLATIDHEIPVGTELTVLWGEENGGTRKTTVEPHKQMAVRAVVSPVPYSVTARETYEGGWRKAAVTA
;
_entity_poly.pdbx_strand_id   A,B,C
#
# COMPACT_ATOMS: atom_id res chain seq x y z
N ALA A 6 29.25 56.50 22.13
CA ALA A 6 28.60 56.93 23.37
C ALA A 6 27.46 55.99 23.85
N PRO A 7 26.58 55.48 22.97
CA PRO A 7 25.53 54.57 23.44
C PRO A 7 26.10 53.28 24.02
N THR A 8 25.55 52.86 25.16
CA THR A 8 25.95 51.62 25.83
C THR A 8 24.89 50.53 25.77
N ASN A 9 23.66 50.84 25.36
CA ASN A 9 22.60 49.85 25.33
C ASN A 9 21.72 50.09 24.11
N LEU A 10 20.81 49.16 23.86
CA LEU A 10 19.96 49.22 22.66
C LEU A 10 19.07 50.46 22.69
N GLU A 11 18.52 50.79 23.86
CA GLU A 11 17.62 51.94 23.92
C GLU A 11 18.32 53.20 23.46
N GLN A 12 19.57 53.42 23.91
CA GLN A 12 20.31 54.58 23.44
C GLN A 12 20.64 54.48 21.95
N VAL A 13 20.87 53.27 21.44
CA VAL A 13 21.15 53.13 20.01
C VAL A 13 19.95 53.58 19.19
N LEU A 14 18.74 53.18 19.60
CA LEU A 14 17.55 53.52 18.82
C LEU A 14 17.24 55.00 18.91
N ALA A 15 17.39 55.58 20.10
CA ALA A 15 17.18 57.01 20.27
C ALA A 15 18.06 57.81 19.33
N ALA A 16 19.29 57.36 19.13
CA ALA A 16 20.27 58.07 18.31
C ALA A 16 20.30 57.64 16.86
N GLY A 17 19.58 56.57 16.50
CA GLY A 17 19.82 55.91 15.23
C GLY A 17 18.81 56.14 14.14
N GLY A 18 17.83 57.05 14.33
CA GLY A 18 16.76 57.23 13.38
C GLY A 18 15.78 56.06 13.36
N ASN A 19 15.13 55.89 12.21
CA ASN A 19 14.13 54.84 12.05
C ASN A 19 14.75 53.45 12.28
N THR A 20 14.14 52.67 13.16
CA THR A 20 14.68 51.36 13.51
C THR A 20 14.81 50.44 12.30
N VAL A 21 13.80 50.39 11.43
CA VAL A 21 13.90 49.51 10.26
C VAL A 21 15.06 49.92 9.37
N GLU A 22 15.19 51.22 9.10
CA GLU A 22 16.27 51.70 8.23
C GLU A 22 17.63 51.34 8.80
N MET A 23 17.80 51.47 10.12
CA MET A 23 19.05 51.09 10.75
C MET A 23 19.36 49.61 10.52
N LEU A 24 18.41 48.74 10.87
CA LEU A 24 18.62 47.31 10.76
C LEU A 24 18.83 46.88 9.31
N ARG A 25 18.07 47.49 8.37
CA ARG A 25 18.21 47.08 6.98
C ARG A 25 19.46 47.64 6.31
N ASN A 26 20.19 48.54 6.97
CA ASN A 26 21.42 49.10 6.41
C ASN A 26 22.61 48.83 7.31
N SER A 27 22.47 47.87 8.23
CA SER A 27 23.52 47.58 9.20
C SER A 27 24.79 47.12 8.51
N GLN A 28 25.93 47.44 9.11
CA GLN A 28 27.24 47.11 8.58
C GLN A 28 27.82 45.83 9.16
N ILE A 29 26.99 45.01 9.83
CA ILE A 29 27.47 43.83 10.53
C ILE A 29 28.09 42.80 9.57
N GLY A 30 27.62 42.75 8.33
CA GLY A 30 28.00 41.68 7.43
C GLY A 30 27.18 40.41 7.56
N ALA A 31 27.74 39.33 7.02
CA ALA A 31 27.04 38.05 6.95
C ALA A 31 26.79 37.46 8.33
N TYR A 32 25.72 36.68 8.45
CA TYR A 32 25.54 35.84 9.63
C TYR A 32 26.34 34.57 9.38
N VAL A 33 27.38 34.36 10.17
CA VAL A 33 28.38 33.32 9.89
C VAL A 33 28.13 32.11 10.76
N TYR A 34 28.28 30.93 10.18
CA TYR A 34 28.38 29.69 10.92
C TYR A 34 29.86 29.38 11.12
N PRO A 35 30.39 29.63 12.32
CA PRO A 35 31.84 29.79 12.51
C PRO A 35 32.63 28.48 12.65
N VAL A 36 33.95 28.62 12.43
CA VAL A 36 35.01 27.71 12.85
C VAL A 36 35.01 26.38 12.11
N VAL A 37 33.86 25.68 12.07
CA VAL A 37 33.80 24.42 11.34
C VAL A 37 34.18 24.67 9.89
N ALA A 38 34.99 23.76 9.32
CA ALA A 38 35.42 23.90 7.94
C ALA A 38 34.21 24.13 7.03
N PRO A 39 34.29 25.05 6.05
CA PRO A 39 33.16 25.21 5.14
C PRO A 39 32.75 23.91 4.45
N GLU A 40 33.71 23.14 3.95
CA GLU A 40 33.41 21.86 3.31
C GLU A 40 34.43 20.82 3.74
N PHE A 41 33.98 19.56 3.85
CA PHE A 41 34.92 18.45 4.05
C PHE A 41 35.11 17.66 2.77
N SER A 42 34.02 17.38 2.06
CA SER A 42 34.11 16.82 0.73
C SER A 42 33.59 17.89 -0.20
N ASN A 43 32.29 17.99 -0.43
CA ASN A 43 31.67 19.14 -1.09
C ASN A 43 30.23 19.25 -0.61
N TRP A 44 29.68 20.46 -0.63
CA TRP A 44 28.37 20.65 0.00
C TRP A 44 27.27 19.84 -0.69
N ARG A 45 27.41 19.52 -1.97
CA ARG A 45 26.37 18.73 -2.62
C ARG A 45 26.36 17.30 -2.10
N THR A 46 27.54 16.68 -2.03
CA THR A 46 27.63 15.32 -1.50
C THR A 46 27.30 15.28 -0.01
N GLU A 47 27.60 16.37 0.71
CA GLU A 47 27.25 16.41 2.14
C GLU A 47 25.74 16.50 2.33
N GLN A 48 25.06 17.32 1.52
CA GLN A 48 23.60 17.35 1.60
C GLN A 48 23.02 15.98 1.27
N TRP A 49 23.58 15.34 0.24
CA TRP A 49 23.07 14.06 -0.22
C TRP A 49 23.19 13.00 0.87
N ALA A 50 24.27 13.05 1.64
CA ALA A 50 24.53 12.02 2.63
C ALA A 50 23.55 12.07 3.79
N TRP A 51 23.06 13.25 4.20
CA TRP A 51 22.09 13.21 5.29
C TRP A 51 20.76 12.63 4.85
N ARG A 52 20.53 12.50 3.55
CA ARG A 52 19.33 11.83 3.11
C ARG A 52 19.55 10.39 2.63
N ASN A 53 20.79 10.00 2.35
CA ASN A 53 21.07 8.71 1.72
C ASN A 53 22.07 7.84 2.47
N SER A 54 22.88 8.39 3.36
CA SER A 54 23.76 7.52 4.15
C SER A 54 23.74 7.96 5.61
N ALA A 55 24.78 8.66 6.05
CA ALA A 55 24.82 9.22 7.40
C ALA A 55 25.76 10.41 7.43
N VAL A 56 25.57 11.29 8.42
CA VAL A 56 26.40 12.48 8.54
C VAL A 56 26.74 12.75 10.00
N LEU A 57 27.85 13.42 10.19
CA LEU A 57 28.20 14.03 11.46
C LEU A 57 28.02 15.54 11.28
N PHE A 58 26.99 16.09 11.93
CA PHE A 58 26.84 17.53 12.08
C PHE A 58 27.66 18.02 13.26
N ASP A 59 28.54 19.00 13.03
CA ASP A 59 29.33 19.58 14.10
C ASP A 59 28.62 20.87 14.53
N GLN A 60 27.94 20.84 15.67
CA GLN A 60 27.18 21.99 16.17
C GLN A 60 27.89 22.71 17.31
N THR A 61 29.20 22.55 17.42
CA THR A 61 29.94 23.02 18.58
C THR A 61 30.09 24.53 18.59
N HIS A 62 29.88 25.21 17.46
CA HIS A 62 30.40 26.58 17.34
C HIS A 62 29.39 27.67 17.01
N HIS A 63 28.21 27.35 16.51
CA HIS A 63 27.36 28.41 16.00
C HIS A 63 26.23 28.83 16.95
N MET A 64 26.15 28.24 18.14
N MET A 64 26.16 28.26 18.15
CA MET A 64 25.07 28.53 19.07
CA MET A 64 25.07 28.56 19.07
C MET A 64 25.62 29.06 20.39
C MET A 64 25.60 29.03 20.41
N VAL A 65 24.80 29.87 21.06
CA VAL A 65 25.09 30.33 22.41
C VAL A 65 24.61 29.28 23.40
N ASP A 66 25.42 28.96 24.42
CA ASP A 66 25.02 28.06 25.50
C ASP A 66 24.85 28.85 26.78
N LEU A 67 23.74 28.63 27.49
CA LEU A 67 23.55 29.17 28.83
C LEU A 67 23.46 28.01 29.81
N TYR A 68 24.39 27.93 30.76
CA TYR A 68 24.30 26.94 31.82
C TYR A 68 23.59 27.57 33.01
N ILE A 69 22.42 27.06 33.34
CA ILE A 69 21.49 27.65 34.30
C ILE A 69 21.34 26.69 35.45
N ARG A 70 21.74 27.13 36.65
CA ARG A 70 21.70 26.31 37.85
C ARG A 70 21.06 27.06 38.99
N GLY A 71 20.32 26.35 39.83
CA GLY A 71 19.82 26.98 41.04
C GLY A 71 18.39 26.67 41.42
N LYS A 72 18.01 27.09 42.63
CA LYS A 72 16.68 26.79 43.14
C LYS A 72 15.59 27.31 42.21
N ASP A 73 15.81 28.47 41.59
CA ASP A 73 14.79 29.09 40.76
C ASP A 73 14.97 28.88 39.26
N ALA A 74 15.86 27.98 38.85
CA ALA A 74 16.06 27.76 37.41
C ALA A 74 14.77 27.33 36.72
N LEU A 75 14.10 26.31 37.23
CA LEU A 75 12.88 25.85 36.57
C LEU A 75 11.82 26.95 36.54
N LYS A 76 11.67 27.69 37.65
CA LYS A 76 10.76 28.83 37.69
C LYS A 76 11.11 29.87 36.63
N LEU A 77 12.40 30.15 36.46
CA LEU A 77 12.79 31.15 35.46
C LEU A 77 12.32 30.75 34.07
N LEU A 78 12.44 29.46 33.73
CA LEU A 78 12.01 28.97 32.43
C LEU A 78 10.50 28.99 32.31
N SER A 79 9.81 28.42 33.31
CA SER A 79 8.35 28.41 33.34
C SER A 79 7.78 29.84 33.21
N ASP A 80 8.30 30.78 33.99
CA ASP A 80 7.83 32.16 33.88
C ASP A 80 8.02 32.76 32.49
N THR A 81 8.96 32.26 31.67
CA THR A 81 9.29 32.95 30.41
C THR A 81 8.94 32.18 29.15
N MET A 82 8.52 30.91 29.24
CA MET A 82 8.28 30.10 28.05
C MET A 82 6.79 29.87 27.84
N ILE A 83 6.42 29.73 26.55
CA ILE A 83 5.04 29.35 26.24
C ILE A 83 4.81 27.88 26.54
N ASN A 84 5.88 27.08 26.59
CA ASN A 84 5.77 25.63 26.73
C ASN A 84 5.18 25.24 28.08
N SER A 85 4.52 24.09 28.12
CA SER A 85 4.05 23.58 29.40
C SER A 85 5.22 23.09 30.25
N PRO A 86 5.33 23.54 31.50
CA PRO A 86 6.29 22.94 32.44
C PRO A 86 5.75 21.71 33.17
N LYS A 87 4.46 21.39 32.99
CA LYS A 87 3.83 20.35 33.79
C LYS A 87 4.46 19.00 33.51
N GLY A 88 4.96 18.34 34.55
CA GLY A 88 5.51 17.00 34.40
C GLY A 88 6.90 16.97 33.82
N TRP A 89 7.57 18.12 33.74
CA TRP A 89 8.91 18.18 33.19
C TRP A 89 9.91 17.71 34.23
N GLU A 90 10.69 16.70 33.88
CA GLU A 90 11.67 16.09 34.77
C GLU A 90 13.00 15.95 34.04
N PRO A 91 14.11 15.78 34.78
CA PRO A 91 15.42 15.63 34.12
C PRO A 91 15.39 14.58 33.03
N ASN A 92 16.22 14.83 32.01
CA ASN A 92 16.43 13.95 30.84
C ASN A 92 15.26 14.05 29.87
N LYS A 93 14.61 15.20 29.87
CA LYS A 93 13.72 15.58 28.77
C LYS A 93 14.12 16.99 28.35
N ALA A 94 14.23 17.23 27.04
CA ALA A 94 14.49 18.59 26.56
C ALA A 94 13.23 19.16 25.95
N LYS A 95 13.19 20.49 25.85
CA LYS A 95 12.11 21.22 25.20
C LYS A 95 12.68 22.24 24.22
N GLN A 96 11.88 22.56 23.19
CA GLN A 96 12.20 23.72 22.36
C GLN A 96 11.57 24.93 23.06
N TYR A 97 12.38 25.56 23.91
CA TYR A 97 12.01 26.78 24.62
C TYR A 97 11.69 27.92 23.63
N VAL A 98 10.47 28.47 23.74
CA VAL A 98 10.03 29.60 22.91
C VAL A 98 9.49 30.70 23.83
N PRO A 99 10.23 31.79 24.03
CA PRO A 99 9.69 32.91 24.82
C PRO A 99 9.03 33.95 23.93
N VAL A 100 7.94 34.53 24.43
CA VAL A 100 7.30 35.65 23.74
C VAL A 100 7.34 36.86 24.65
N THR A 101 7.15 38.04 24.03
CA THR A 101 7.11 39.28 24.78
C THR A 101 5.74 39.45 25.44
N PRO A 102 5.59 40.45 26.31
CA PRO A 102 4.25 40.79 26.82
C PRO A 102 3.23 41.02 25.71
N TYR A 103 3.69 41.39 24.52
CA TYR A 103 2.79 41.64 23.39
C TYR A 103 2.51 40.38 22.55
N GLY A 104 3.01 39.22 22.97
CA GLY A 104 2.71 37.99 22.26
C GLY A 104 3.65 37.61 21.14
N HIS A 105 4.72 38.37 20.92
CA HIS A 105 5.57 38.12 19.78
C HIS A 105 6.80 37.29 20.17
N VAL A 106 7.24 36.44 19.23
CA VAL A 106 8.41 35.59 19.45
C VAL A 106 9.66 36.44 19.65
N ILE A 107 10.42 36.13 20.70
CA ILE A 107 11.74 36.71 20.91
C ILE A 107 12.82 35.89 20.22
N GLY A 108 12.72 34.57 20.36
CA GLY A 108 13.66 33.67 19.73
C GLY A 108 13.27 32.27 20.18
N ASP A 109 14.22 31.36 20.19
CA ASP A 109 13.92 29.98 20.57
C ASP A 109 15.23 29.25 20.69
N GLY A 110 15.20 28.13 21.39
CA GLY A 110 16.37 27.27 21.46
C GLY A 110 16.00 26.00 22.18
N ILE A 111 16.98 25.11 22.35
CA ILE A 111 16.76 23.86 23.04
C ILE A 111 17.18 24.03 24.49
N ILE A 112 16.29 23.69 25.42
N ILE A 112 16.30 23.68 25.42
CA ILE A 112 16.58 23.70 26.85
CA ILE A 112 16.63 23.69 26.84
C ILE A 112 16.66 22.24 27.32
C ILE A 112 16.67 22.24 27.33
N PHE A 113 17.84 21.84 27.81
CA PHE A 113 18.06 20.49 28.31
C PHE A 113 17.85 20.52 29.82
N TYR A 114 16.97 19.64 30.31
CA TYR A 114 16.80 19.43 31.74
C TYR A 114 17.79 18.34 32.14
N LEU A 115 18.95 18.74 32.67
CA LEU A 115 20.06 17.82 32.90
C LEU A 115 19.96 17.06 34.20
N ALA A 116 19.55 17.74 35.27
CA ALA A 116 19.38 17.15 36.59
C ALA A 116 18.57 18.15 37.40
N GLU A 117 18.26 17.81 38.64
CA GLU A 117 17.58 18.76 39.52
C GLU A 117 18.34 20.09 39.59
N GLU A 118 17.63 21.17 39.28
CA GLU A 118 18.20 22.53 39.35
C GLU A 118 19.39 22.70 38.40
N GLU A 119 19.41 21.97 37.29
CA GLU A 119 20.50 22.10 36.31
C GLU A 119 19.92 22.05 34.90
N PHE A 120 20.03 23.15 34.16
CA PHE A 120 19.54 23.23 32.80
C PHE A 120 20.63 23.84 31.90
N VAL A 121 20.55 23.57 30.60
CA VAL A 121 21.39 24.30 29.64
C VAL A 121 20.53 24.72 28.46
N TYR A 122 20.57 26.01 28.11
CA TYR A 122 19.96 26.52 26.89
C TYR A 122 20.98 26.47 25.77
N VAL A 123 20.54 26.10 24.56
CA VAL A 123 21.41 26.08 23.37
C VAL A 123 20.64 26.68 22.21
N GLY A 124 21.11 27.81 21.69
CA GLY A 124 20.42 28.43 20.57
C GLY A 124 21.06 29.76 20.24
N ARG A 125 20.38 30.50 19.37
CA ARG A 125 20.88 31.84 18.99
C ARG A 125 20.85 32.78 20.19
N ALA A 126 21.52 33.92 20.03
CA ALA A 126 21.67 34.86 21.11
C ALA A 126 20.35 35.39 21.69
N PRO A 127 19.29 35.65 20.91
CA PRO A 127 18.19 36.47 21.47
C PRO A 127 17.47 35.85 22.66
N ALA A 128 17.14 34.55 22.60
CA ALA A 128 16.48 33.94 23.75
C ALA A 128 17.43 33.78 24.94
N ALA A 129 18.74 33.61 24.67
CA ALA A 129 19.70 33.60 25.77
C ALA A 129 19.76 34.96 26.47
N ASN A 130 19.80 36.03 25.69
CA ASN A 130 19.80 37.38 26.26
C ASN A 130 18.58 37.62 27.14
N TRP A 131 17.41 37.17 26.68
CA TRP A 131 16.18 37.31 27.44
C TRP A 131 16.26 36.56 28.77
N LEU A 132 16.76 35.32 28.74
CA LEU A 132 16.94 34.56 29.97
C LEU A 132 17.90 35.27 30.92
N MET A 133 19.01 35.79 30.40
CA MET A 133 19.97 36.42 31.30
C MET A 133 19.38 37.67 31.92
N TYR A 134 18.62 38.43 31.13
CA TYR A 134 18.01 39.64 31.64
C TYR A 134 17.07 39.33 32.80
N HIS A 135 16.26 38.28 32.66
CA HIS A 135 15.30 37.96 33.72
C HIS A 135 15.98 37.33 34.92
N ALA A 136 17.01 36.51 34.70
CA ALA A 136 17.77 35.97 35.82
C ALA A 136 18.46 37.08 36.61
N GLN A 137 18.91 38.14 35.93
CA GLN A 137 19.69 39.19 36.58
C GLN A 137 18.80 40.20 37.30
N THR A 138 17.65 40.53 36.73
CA THR A 138 16.82 41.63 37.24
C THR A 138 15.52 41.17 37.87
N GLY A 139 15.12 39.92 37.67
CA GLY A 139 13.82 39.49 38.15
C GLY A 139 13.79 38.90 39.53
N GLY A 140 14.93 38.86 40.22
CA GLY A 140 14.98 38.32 41.57
C GLY A 140 15.08 36.81 41.67
N TYR A 141 15.56 36.13 40.63
CA TYR A 141 15.64 34.67 40.66
C TYR A 141 16.90 34.23 41.40
N ASN A 142 16.74 33.20 42.24
CA ASN A 142 17.85 32.55 42.90
C ASN A 142 18.42 31.51 41.93
N VAL A 143 19.38 31.96 41.12
CA VAL A 143 19.85 31.18 39.99
C VAL A 143 21.22 31.72 39.62
N ASP A 144 22.09 30.84 39.14
CA ASP A 144 23.41 31.22 38.64
C ASP A 144 23.49 30.82 37.18
N ILE A 145 24.05 31.71 36.36
CA ILE A 145 24.12 31.49 34.93
C ILE A 145 25.56 31.62 34.47
N VAL A 146 25.99 30.70 33.62
CA VAL A 146 27.27 30.79 32.92
C VAL A 146 26.96 30.91 31.45
N HIS A 147 27.40 32.00 30.84
CA HIS A 147 27.14 32.29 29.45
C HIS A 147 28.37 31.91 28.63
N ASP A 148 28.20 31.02 27.67
CA ASP A 148 29.30 30.55 26.83
C ASP A 148 28.91 30.94 25.40
N ASP A 149 29.51 32.01 24.90
CA ASP A 149 29.08 32.60 23.65
C ASP A 149 29.36 31.63 22.50
N ARG A 150 28.63 31.80 21.40
CA ARG A 150 29.03 31.15 20.16
C ARG A 150 30.43 31.63 19.80
N SER A 151 31.13 30.84 18.98
CA SER A 151 32.52 31.12 18.66
C SER A 151 32.64 32.34 17.76
N PRO A 152 33.83 32.97 17.71
CA PRO A 152 34.00 34.16 16.88
C PRO A 152 33.77 33.87 15.40
N SER A 153 33.15 34.84 14.70
CA SER A 153 32.78 34.64 13.31
C SER A 153 33.99 34.51 12.40
N ARG A 154 35.04 35.23 12.71
CA ARG A 154 36.29 35.27 11.92
C ARG A 154 37.43 35.15 12.91
N PRO A 155 37.76 33.93 13.34
CA PRO A 155 38.82 33.78 14.37
C PRO A 155 40.19 34.18 13.89
N MET A 156 40.47 34.08 12.58
CA MET A 156 41.73 34.55 11.99
C MET A 156 42.94 33.95 12.72
N GLY A 157 42.88 32.66 13.02
CA GLY A 157 44.01 31.96 13.61
C GLY A 157 44.05 31.92 15.12
N LYS A 158 43.23 32.71 15.79
CA LYS A 158 43.19 32.67 17.23
C LYS A 158 42.55 31.35 17.70
N PRO A 159 42.97 30.83 18.85
CA PRO A 159 42.37 29.59 19.36
C PRO A 159 40.93 29.80 19.80
N VAL A 160 40.11 28.75 19.65
CA VAL A 160 38.69 28.81 19.95
C VAL A 160 38.38 27.77 21.02
N GLN A 161 37.64 28.18 22.07
CA GLN A 161 37.22 27.30 23.17
C GLN A 161 35.70 27.36 23.36
N ARG A 162 35.10 26.20 23.66
CA ARG A 162 33.75 26.12 24.19
C ARG A 162 33.79 25.28 25.45
N ILE A 163 32.73 25.37 26.25
CA ILE A 163 32.66 24.49 27.41
C ILE A 163 32.34 23.07 26.97
N SER A 164 31.43 22.90 26.01
CA SER A 164 31.02 21.59 25.53
C SER A 164 31.20 21.51 24.02
N TRP A 165 31.41 20.29 23.52
CA TRP A 165 31.19 20.01 22.11
C TRP A 165 29.79 19.45 21.92
N ARG A 166 29.22 19.63 20.73
CA ARG A 166 27.87 19.16 20.45
C ARG A 166 27.82 18.68 19.02
N PHE A 167 27.46 17.40 18.81
CA PHE A 167 27.36 16.80 17.49
C PHE A 167 25.96 16.23 17.31
N GLN A 168 25.55 16.04 16.06
CA GLN A 168 24.43 15.17 15.74
C GLN A 168 24.90 14.11 14.75
N ILE A 169 24.35 12.90 14.91
CA ILE A 169 24.50 11.82 13.93
C ILE A 169 23.13 11.57 13.35
N GLN A 170 23.00 11.74 12.03
CA GLN A 170 21.70 11.80 11.35
C GLN A 170 21.84 11.12 10.01
N GLY A 171 20.69 10.73 9.46
CA GLY A 171 20.62 10.11 8.16
C GLY A 171 20.01 8.71 8.29
N PRO A 172 19.63 8.12 7.16
CA PRO A 172 18.98 6.80 7.24
C PRO A 172 19.84 5.73 7.87
N LYS A 173 21.17 5.83 7.81
CA LYS A 173 22.03 4.86 8.46
C LYS A 173 22.57 5.33 9.80
N ALA A 174 22.05 6.44 10.33
CA ALA A 174 22.57 6.98 11.58
C ALA A 174 22.45 5.97 12.72
N TRP A 175 21.30 5.30 12.85
CA TRP A 175 21.15 4.40 13.97
C TRP A 175 22.12 3.23 13.88
N ASP A 176 22.43 2.78 12.66
CA ASP A 176 23.45 1.74 12.51
C ASP A 176 24.79 2.22 13.04
N VAL A 177 25.17 3.45 12.73
CA VAL A 177 26.44 3.98 13.24
C VAL A 177 26.38 4.07 14.74
N ILE A 178 25.28 4.61 15.27
CA ILE A 178 25.13 4.79 16.71
C ILE A 178 25.27 3.46 17.45
N GLU A 179 24.62 2.42 16.94
CA GLU A 179 24.67 1.13 17.63
C GLU A 179 26.04 0.49 17.48
N LYS A 180 26.72 0.73 16.36
CA LYS A 180 28.09 0.26 16.22
C LYS A 180 28.97 0.93 17.28
N LEU A 181 28.81 2.24 17.45
CA LEU A 181 29.56 2.94 18.49
C LEU A 181 29.21 2.42 19.87
N HIS A 182 27.92 2.25 20.13
CA HIS A 182 27.49 1.90 21.47
C HIS A 182 28.00 0.51 21.87
N GLY A 183 28.19 -0.37 20.89
CA GLY A 183 28.59 -1.73 21.15
C GLY A 183 27.44 -2.71 21.18
N GLY A 184 26.23 -2.23 20.92
CA GLY A 184 25.06 -3.08 20.87
C GLY A 184 23.83 -2.25 20.59
N THR A 185 22.67 -2.83 20.91
CA THR A 185 21.38 -2.18 20.66
C THR A 185 21.20 -0.95 21.54
N LEU A 186 20.68 0.13 20.96
CA LEU A 186 20.35 1.33 21.72
C LEU A 186 18.87 1.63 21.52
N GLU A 187 18.15 1.72 22.62
CA GLU A 187 16.73 1.96 22.54
C GLU A 187 16.46 3.34 21.94
N LYS A 188 15.50 3.39 21.01
CA LYS A 188 15.05 4.65 20.45
C LYS A 188 13.98 5.23 21.39
N LEU A 189 14.35 6.25 22.15
CA LEU A 189 13.37 6.85 23.06
C LEU A 189 12.43 7.76 22.28
N LYS A 190 11.49 8.37 23.01
CA LYS A 190 10.63 9.34 22.35
C LYS A 190 11.42 10.61 22.04
N PHE A 191 10.92 11.35 21.05
CA PHE A 191 11.63 12.55 20.57
C PHE A 191 11.94 13.49 21.73
N PHE A 192 13.20 13.97 21.76
CA PHE A 192 13.73 14.87 22.77
C PHE A 192 13.82 14.26 24.17
N ASN A 193 13.77 12.93 24.32
CA ASN A 193 14.12 12.32 25.59
C ASN A 193 15.62 12.04 25.61
N MET A 194 16.23 12.23 26.77
CA MET A 194 17.68 12.18 26.92
C MET A 194 18.11 10.90 27.62
N ALA A 195 19.26 10.36 27.20
CA ALA A 195 19.83 9.19 27.90
C ALA A 195 21.34 9.18 27.73
N GLU A 196 21.93 8.01 27.51
CA GLU A 196 23.37 7.95 27.31
C GLU A 196 23.72 6.81 26.37
N MET A 197 24.97 6.85 25.90
CA MET A 197 25.48 5.85 24.97
C MET A 197 26.98 5.74 25.20
N ASN A 198 27.57 4.66 24.71
N ASN A 198 27.57 4.65 24.71
CA ASN A 198 29.01 4.49 24.74
CA ASN A 198 29.02 4.46 24.75
C ASN A 198 29.63 5.03 23.48
C ASN A 198 29.65 5.00 23.48
N ILE A 199 30.71 5.80 23.63
CA ILE A 199 31.56 6.20 22.51
C ILE A 199 33.01 6.08 23.00
N ALA A 200 33.75 5.11 22.44
CA ALA A 200 35.16 4.88 22.77
C ALA A 200 35.41 4.87 24.28
N GLY A 201 34.58 4.11 24.99
CA GLY A 201 34.77 3.99 26.43
C GLY A 201 34.35 5.20 27.24
N MET A 202 33.65 6.17 26.66
CA MET A 202 33.09 7.29 27.39
C MET A 202 31.59 7.13 27.51
N LYS A 203 31.02 7.66 28.59
CA LYS A 203 29.57 7.71 28.72
C LYS A 203 29.13 9.07 28.19
N ILE A 204 28.46 9.06 27.03
CA ILE A 204 28.09 10.27 26.30
C ILE A 204 26.58 10.46 26.45
N ARG A 205 26.17 11.62 26.97
CA ARG A 205 24.74 11.89 27.05
C ARG A 205 24.14 12.11 25.66
N THR A 206 22.88 11.71 25.51
CA THR A 206 22.22 11.73 24.21
C THR A 206 20.87 12.44 24.28
N LEU A 207 20.44 12.94 23.13
CA LEU A 207 19.13 13.56 22.93
C LEU A 207 18.53 12.91 21.70
N ARG A 208 17.39 12.23 21.87
CA ARG A 208 16.72 11.61 20.75
C ARG A 208 16.28 12.65 19.73
N HIS A 209 16.67 12.45 18.48
CA HIS A 209 16.48 13.44 17.43
C HIS A 209 16.15 12.69 16.14
N GLY A 210 16.15 13.40 15.02
CA GLY A 210 15.97 12.73 13.75
C GLY A 210 15.54 13.70 12.66
N MET A 211 15.58 13.20 11.42
CA MET A 211 15.19 14.01 10.28
C MET A 211 14.96 13.10 9.07
N ALA A 212 14.13 13.61 8.14
CA ALA A 212 13.82 12.92 6.90
C ALA A 212 13.31 11.50 7.14
N GLY A 213 12.57 11.30 8.24
CA GLY A 213 11.97 10.02 8.54
C GLY A 213 12.87 8.98 9.16
N ALA A 214 14.07 9.36 9.64
CA ALA A 214 14.99 8.40 10.23
C ALA A 214 15.48 8.91 11.58
N PRO A 215 15.56 8.04 12.59
CA PRO A 215 15.98 8.48 13.92
C PRO A 215 17.47 8.78 13.98
N GLY A 216 17.81 9.77 14.78
CA GLY A 216 19.20 10.13 15.02
C GLY A 216 19.40 10.61 16.45
N LEU A 217 20.59 11.14 16.75
CA LEU A 217 20.90 11.62 18.08
C LEU A 217 21.64 12.93 17.99
N GLU A 218 21.39 13.80 18.95
CA GLU A 218 22.34 14.83 19.32
C GLU A 218 23.13 14.30 20.51
N ILE A 219 24.44 14.55 20.53
CA ILE A 219 25.32 14.12 21.61
C ILE A 219 26.20 15.28 22.02
N TRP A 220 26.66 15.28 23.27
CA TRP A 220 27.52 16.35 23.75
C TRP A 220 28.43 15.83 24.85
N GLY A 221 29.46 16.61 25.16
CA GLY A 221 30.37 16.29 26.22
C GLY A 221 31.32 17.45 26.47
N PRO A 222 32.17 17.33 27.47
CA PRO A 222 33.11 18.42 27.76
C PRO A 222 34.10 18.61 26.61
N TYR A 223 34.43 19.86 26.34
CA TYR A 223 35.23 20.20 25.15
C TYR A 223 36.46 19.33 25.01
N GLU A 224 37.10 18.93 26.11
CA GLU A 224 38.37 18.22 26.02
C GLU A 224 38.25 16.84 25.35
N THR A 225 37.06 16.24 25.32
CA THR A 225 36.91 14.93 24.68
C THR A 225 36.40 15.04 23.25
N GLN A 226 36.35 16.25 22.70
CA GLN A 226 35.76 16.46 21.38
C GLN A 226 36.41 15.58 20.31
N GLU A 227 37.74 15.62 20.23
N GLU A 227 37.74 15.61 20.23
CA GLU A 227 38.44 14.89 19.18
CA GLU A 227 38.40 14.88 19.15
C GLU A 227 38.31 13.39 19.39
C GLU A 227 38.37 13.38 19.37
N LYS A 228 38.42 12.94 20.65
CA LYS A 228 38.28 11.52 20.94
C LYS A 228 36.94 11.00 20.43
N ALA A 229 35.86 11.75 20.66
CA ALA A 229 34.54 11.34 20.17
C ALA A 229 34.46 11.45 18.65
N ARG A 230 34.91 12.58 18.09
CA ARG A 230 34.75 12.78 16.65
C ARG A 230 35.47 11.69 15.86
N ASN A 231 36.68 11.32 16.29
CA ASN A 231 37.44 10.34 15.54
C ASN A 231 36.78 8.96 15.63
N ALA A 232 36.23 8.61 16.78
CA ALA A 232 35.52 7.33 16.89
C ALA A 232 34.29 7.30 15.99
N ILE A 233 33.55 8.42 15.91
CA ILE A 233 32.35 8.46 15.08
C ILE A 233 32.72 8.31 13.61
N LEU A 234 33.71 9.08 13.15
CA LEU A 234 34.14 8.98 11.76
C LEU A 234 34.64 7.58 11.42
N GLU A 235 35.38 6.95 12.33
CA GLU A 235 35.92 5.61 12.08
C GLU A 235 34.80 4.58 12.02
N ALA A 236 33.92 4.55 13.03
CA ALA A 236 32.83 3.57 13.00
C ALA A 236 31.88 3.80 11.83
N GLY A 237 31.74 5.06 11.38
CA GLY A 237 30.75 5.34 10.35
C GLY A 237 31.19 5.05 8.93
N LYS A 238 32.49 4.82 8.71
CA LYS A 238 32.95 4.54 7.35
C LYS A 238 32.21 3.36 6.76
N GLU A 239 31.95 2.34 7.59
CA GLU A 239 31.21 1.16 7.10
C GLU A 239 29.86 1.56 6.50
N PHE A 240 29.23 2.60 7.01
CA PHE A 240 27.88 2.97 6.57
C PHE A 240 27.88 4.22 5.71
N GLY A 241 29.05 4.63 5.23
CA GLY A 241 29.11 5.80 4.38
C GLY A 241 28.90 7.11 5.10
N LEU A 242 29.13 7.18 6.40
CA LEU A 242 28.99 8.46 7.12
C LEU A 242 30.11 9.42 6.71
N ILE A 243 29.75 10.68 6.48
CA ILE A 243 30.74 11.70 6.16
C ILE A 243 30.48 12.92 7.04
N PRO A 244 31.51 13.67 7.42
CA PRO A 244 31.25 14.92 8.15
C PRO A 244 30.68 15.98 7.23
N VAL A 245 29.86 16.84 7.81
CA VAL A 245 29.22 17.93 7.08
C VAL A 245 29.90 19.23 7.50
N GLY A 246 30.16 20.10 6.53
CA GLY A 246 30.81 21.37 6.78
C GLY A 246 29.82 22.48 7.04
N SER A 247 30.37 23.68 7.32
CA SER A 247 29.49 24.77 7.71
C SER A 247 28.80 25.41 6.52
N ARG A 248 29.22 25.12 5.30
CA ARG A 248 28.50 25.63 4.15
C ARG A 248 27.18 24.90 3.96
N ALA A 249 27.21 23.56 4.01
CA ALA A 249 25.99 22.78 3.80
C ALA A 249 25.09 22.76 5.04
N TYR A 250 25.68 22.75 6.23
CA TYR A 250 24.92 22.50 7.46
C TYR A 250 23.66 23.36 7.62
N PRO A 251 23.71 24.71 7.55
CA PRO A 251 22.50 25.51 7.81
C PRO A 251 21.42 25.36 6.75
N SER A 252 21.74 24.79 5.59
CA SER A 252 20.73 24.54 4.59
C SER A 252 19.85 23.33 4.93
N ASN A 253 20.28 22.51 5.88
CA ASN A 253 19.46 21.36 6.28
C ASN A 253 18.06 21.78 6.68
N THR A 254 17.92 22.92 7.37
CA THR A 254 16.60 23.32 7.86
C THR A 254 15.64 23.69 6.73
N LEU A 255 16.13 23.98 5.53
CA LEU A 255 15.21 24.19 4.42
C LEU A 255 14.37 22.94 4.15
N GLU A 256 14.96 21.76 4.38
CA GLU A 256 14.26 20.48 4.30
C GLU A 256 13.54 20.13 5.59
N SER A 257 14.13 20.46 6.75
CA SER A 257 13.56 20.04 8.03
C SER A 257 12.42 20.94 8.49
N GLY A 258 12.45 22.23 8.13
CA GLY A 258 11.31 23.11 8.32
C GLY A 258 11.41 24.14 9.44
N TRP A 259 12.50 24.16 10.20
CA TRP A 259 12.64 25.09 11.32
C TRP A 259 13.14 26.44 10.83
N ILE A 260 12.40 27.50 11.18
CA ILE A 260 12.80 28.87 10.85
C ILE A 260 13.68 29.39 11.97
N PRO A 261 14.99 29.58 11.74
CA PRO A 261 15.91 29.93 12.82
C PRO A 261 15.94 31.42 13.15
N SER A 262 15.36 32.25 12.33
CA SER A 262 15.75 33.64 12.31
C SER A 262 14.58 34.60 12.52
N PRO A 263 13.65 34.36 13.44
CA PRO A 263 12.65 35.40 13.67
C PRO A 263 13.33 36.64 14.23
N LEU A 264 12.88 37.80 13.78
CA LEU A 264 13.36 39.05 14.36
C LEU A 264 13.01 39.07 15.84
N PRO A 265 13.96 39.34 16.73
CA PRO A 265 13.60 39.47 18.16
C PRO A 265 12.67 40.68 18.35
N ALA A 266 11.45 40.42 18.79
CA ALA A 266 10.39 41.42 18.68
C ALA A 266 10.42 42.38 19.87
N ILE A 267 11.57 43.04 20.05
CA ILE A 267 11.77 43.76 21.30
C ILE A 267 12.05 45.24 21.09
N TYR A 268 11.87 45.74 19.87
CA TYR A 268 12.27 47.10 19.55
C TYR A 268 11.22 48.15 19.92
N THR A 269 10.01 47.73 20.25
CA THR A 269 8.91 48.62 20.59
C THR A 269 8.23 48.13 21.85
N GLY A 270 7.40 48.99 22.43
CA GLY A 270 6.59 48.63 23.59
C GLY A 270 7.14 49.11 24.91
N ASP A 271 6.32 49.83 25.69
CA ASP A 271 6.81 50.37 26.95
C ASP A 271 7.25 49.27 27.91
N LYS A 272 6.61 48.10 27.85
CA LYS A 272 6.92 47.01 28.76
C LYS A 272 8.26 46.35 28.42
N LEU A 273 8.83 46.69 27.27
CA LEU A 273 10.12 46.14 26.85
C LEU A 273 11.26 47.15 26.96
N LYS A 274 10.97 48.37 27.45
CA LYS A 274 12.00 49.40 27.53
C LYS A 274 13.11 49.02 28.52
N ALA A 275 12.74 48.47 29.67
CA ALA A 275 13.77 48.04 30.63
C ALA A 275 14.70 47.01 30.01
N TYR A 276 14.16 46.15 29.14
CA TYR A 276 15.01 45.17 28.44
C TYR A 276 15.90 45.87 27.40
N ARG A 277 15.36 46.84 26.67
CA ARG A 277 16.19 47.59 25.73
C ARG A 277 17.32 48.34 26.43
N GLU A 278 17.07 48.82 27.65
CA GLU A 278 18.12 49.51 28.40
C GLU A 278 19.18 48.54 28.92
N TRP A 279 18.84 47.27 29.04
CA TRP A 279 19.79 46.27 29.52
C TRP A 279 20.61 45.66 28.39
N LEU A 280 20.03 45.51 27.22
CA LEU A 280 20.74 44.91 26.08
C LEU A 280 21.91 45.78 25.66
N PRO A 281 23.11 45.22 25.54
CA PRO A 281 24.29 46.02 25.15
C PRO A 281 24.12 46.65 23.78
N ALA A 282 24.89 47.72 23.55
CA ALA A 282 24.90 48.35 22.24
C ALA A 282 25.50 47.47 21.17
N ASN A 283 26.34 46.50 21.53
CA ASN A 283 26.88 45.59 20.52
C ASN A 283 26.16 44.24 20.52
N SER A 284 24.95 44.19 21.08
CA SER A 284 24.22 42.93 21.08
C SER A 284 23.79 42.53 19.66
N TYR A 285 23.44 41.24 19.50
CA TYR A 285 22.74 40.78 18.31
C TYR A 285 21.61 41.73 17.91
N GLU A 286 20.81 42.13 18.90
CA GLU A 286 19.64 42.95 18.63
C GLU A 286 20.02 44.34 18.14
N ALA A 287 21.09 44.92 18.68
CA ALA A 287 21.45 46.29 18.32
C ALA A 287 22.29 46.38 17.06
N SER A 288 23.14 45.38 16.82
CA SER A 288 24.13 45.45 15.77
C SER A 288 23.75 44.65 14.53
N GLY A 289 22.76 43.77 14.62
CA GLY A 289 22.45 42.84 13.57
C GLY A 289 21.75 43.53 12.41
N ALA A 290 21.28 42.70 11.47
CA ALA A 290 20.82 43.16 10.17
C ALA A 290 19.52 42.48 9.74
N ILE A 291 18.73 43.21 8.95
CA ILE A 291 17.55 42.69 8.26
C ILE A 291 17.79 42.80 6.76
N GLY A 292 17.53 41.74 6.02
CA GLY A 292 17.71 41.76 4.58
C GLY A 292 16.48 41.25 3.87
N GLY A 293 16.31 41.72 2.64
CA GLY A 293 15.25 41.23 1.77
C GLY A 293 14.29 42.32 1.33
N SER A 294 13.31 41.89 0.53
CA SER A 294 12.43 42.78 -0.22
C SER A 294 11.29 43.38 0.60
N PHE A 295 10.99 42.83 1.78
CA PHE A 295 9.86 43.35 2.55
C PHE A 295 10.22 44.67 3.19
N VAL A 296 9.43 45.70 2.89
CA VAL A 296 9.68 47.07 3.35
C VAL A 296 8.47 47.56 4.13
N SER A 297 8.71 47.95 5.38
CA SER A 297 7.77 48.74 6.16
C SER A 297 8.57 49.77 6.94
N SER A 298 7.96 50.91 7.24
CA SER A 298 8.64 51.83 8.17
C SER A 298 8.40 51.45 9.62
N ASN A 299 7.53 50.49 9.90
CA ASN A 299 7.21 50.08 11.27
C ASN A 299 7.87 48.74 11.55
N ILE A 300 8.81 48.73 12.50
CA ILE A 300 9.53 47.50 12.81
C ILE A 300 8.59 46.40 13.30
N GLU A 301 7.43 46.77 13.87
CA GLU A 301 6.49 45.74 14.33
C GLU A 301 5.99 44.86 13.19
N ASP A 302 5.98 45.37 11.95
CA ASP A 302 5.52 44.55 10.85
C ASP A 302 6.48 43.41 10.52
N TYR A 303 7.67 43.40 11.12
CA TYR A 303 8.60 42.29 10.98
C TYR A 303 8.44 41.24 12.07
N TYR A 304 7.60 41.48 13.06
CA TYR A 304 7.44 40.56 14.17
C TYR A 304 6.59 39.36 13.76
N VAL A 305 6.84 38.21 14.40
CA VAL A 305 5.96 37.05 14.29
C VAL A 305 5.53 36.62 15.69
N ASN A 306 4.36 35.97 15.75
CA ASN A 306 3.90 35.35 16.96
C ASN A 306 4.04 33.82 16.83
N PRO A 307 4.00 33.07 17.93
CA PRO A 307 4.37 31.64 17.83
C PRO A 307 3.52 30.85 16.86
N TYR A 308 2.24 31.21 16.68
CA TYR A 308 1.36 30.47 15.78
C TYR A 308 1.80 30.61 14.33
N GLU A 309 2.49 31.71 13.99
CA GLU A 309 2.82 31.99 12.60
C GLU A 309 4.03 31.22 12.09
N ILE A 310 4.88 30.71 12.97
CA ILE A 310 6.07 29.99 12.52
C ILE A 310 6.13 28.58 13.10
N GLY A 311 4.99 28.04 13.53
CA GLY A 311 4.86 26.63 13.82
C GLY A 311 4.92 26.23 15.28
N TYR A 312 4.91 27.19 16.20
CA TYR A 312 5.00 26.84 17.62
C TYR A 312 3.66 26.89 18.32
N GLY A 313 2.57 27.06 17.58
CA GLY A 313 1.24 27.01 18.18
C GLY A 313 1.02 25.81 19.06
N PRO A 314 1.34 24.61 18.55
CA PRO A 314 1.18 23.40 19.38
C PRO A 314 1.96 23.43 20.69
N PHE A 315 3.00 24.26 20.82
CA PHE A 315 3.73 24.35 22.10
C PHE A 315 3.02 25.19 23.14
N VAL A 316 2.12 26.08 22.72
CA VAL A 316 1.47 27.01 23.63
C VAL A 316 0.54 26.24 24.55
N LYS A 317 0.77 26.35 25.86
CA LYS A 317 -0.07 25.65 26.85
C LYS A 317 -0.41 26.62 27.98
N PHE A 318 -1.70 26.94 28.09
CA PHE A 318 -2.19 27.87 29.10
C PHE A 318 -2.42 27.13 30.43
N ASP A 319 -1.33 26.60 31.00
CA ASP A 319 -1.39 25.81 32.22
C ASP A 319 -0.35 26.27 33.23
N HIS A 320 0.25 27.44 33.01
CA HIS A 320 1.25 28.03 33.87
C HIS A 320 1.23 29.52 33.60
N ASP A 321 1.76 30.31 34.53
CA ASP A 321 1.90 31.75 34.31
C ASP A 321 3.13 31.99 33.43
N PHE A 322 2.97 32.82 32.40
CA PHE A 322 4.14 33.17 31.60
C PHE A 322 3.95 34.51 30.92
N ILE A 323 5.07 35.17 30.63
CA ILE A 323 5.05 36.48 30.00
C ILE A 323 4.41 36.36 28.62
N GLY A 324 3.43 37.23 28.34
CA GLY A 324 2.72 37.19 27.07
C GLY A 324 1.54 36.24 27.03
N ARG A 325 1.23 35.55 28.13
CA ARG A 325 0.12 34.61 28.13
C ARG A 325 -1.20 35.28 27.75
N ASP A 326 -1.52 36.44 28.35
CA ASP A 326 -2.77 37.11 28.03
C ASP A 326 -2.85 37.48 26.56
N ALA A 327 -1.75 37.94 25.97
CA ALA A 327 -1.77 38.28 24.55
C ALA A 327 -2.01 37.04 23.70
N LEU A 328 -1.38 35.91 24.04
CA LEU A 328 -1.61 34.71 23.27
C LEU A 328 -3.05 34.20 23.42
N GLU A 329 -3.61 34.28 24.63
CA GLU A 329 -5.00 33.85 24.79
C GLU A 329 -5.96 34.71 23.96
N ALA A 330 -5.60 35.96 23.69
CA ALA A 330 -6.44 36.86 22.89
C ALA A 330 -6.41 36.52 21.41
N ILE A 331 -5.41 35.78 20.96
CA ILE A 331 -5.26 35.47 19.54
C ILE A 331 -6.17 34.32 19.17
N ASP A 332 -6.73 34.37 17.96
CA ASP A 332 -7.45 33.24 17.41
C ASP A 332 -6.50 32.40 16.57
N PRO A 333 -6.17 31.17 16.98
CA PRO A 333 -5.16 30.39 16.24
C PRO A 333 -5.54 30.05 14.81
N ALA A 334 -6.85 29.99 14.50
CA ALA A 334 -7.28 29.56 13.18
C ALA A 334 -7.22 30.66 12.12
N THR A 335 -7.03 31.93 12.50
CA THR A 335 -6.84 32.98 11.52
C THR A 335 -5.39 33.42 11.38
N GLN A 336 -4.45 32.78 12.06
CA GLN A 336 -3.06 33.22 12.04
C GLN A 336 -2.37 32.74 10.77
N ARG A 337 -1.38 33.52 10.32
N ARG A 337 -1.38 33.52 10.33
CA ARG A 337 -0.55 33.05 9.21
CA ARG A 337 -0.51 33.05 9.25
C ARG A 337 0.11 31.73 9.58
C ARG A 337 0.06 31.69 9.60
N LYS A 338 0.42 30.93 8.57
CA LYS A 338 0.92 29.56 8.76
C LYS A 338 2.29 29.37 8.10
N LYS A 339 3.15 28.62 8.78
CA LYS A 339 4.44 28.25 8.21
C LYS A 339 4.27 27.27 7.07
N VAL A 340 4.92 27.56 5.93
CA VAL A 340 4.92 26.71 4.75
C VAL A 340 6.34 26.67 4.19
N THR A 341 6.59 25.71 3.29
CA THR A 341 7.76 25.74 2.42
C THR A 341 7.33 26.27 1.06
N LEU A 342 8.15 27.14 0.47
CA LEU A 342 7.92 27.67 -0.87
C LEU A 342 8.93 27.04 -1.80
N ALA A 343 8.45 26.45 -2.91
CA ALA A 343 9.29 25.78 -3.89
C ALA A 343 9.54 26.74 -5.05
N TRP A 344 10.76 27.25 -5.16
CA TRP A 344 11.02 28.30 -6.11
C TRP A 344 11.15 27.72 -7.52
N ASN A 345 10.65 28.48 -8.49
CA ASN A 345 10.58 28.00 -9.87
C ASN A 345 11.98 27.86 -10.48
N GLY A 346 12.25 26.69 -11.10
CA GLY A 346 13.57 26.42 -11.64
C GLY A 346 13.97 27.30 -12.81
N ASP A 347 13.01 27.65 -13.68
CA ASP A 347 13.32 28.58 -14.76
C ASP A 347 13.68 29.96 -14.24
N ASP A 348 12.98 30.42 -13.20
CA ASP A 348 13.31 31.70 -12.58
C ASP A 348 14.68 31.66 -11.93
N MET A 349 15.01 30.55 -11.24
CA MET A 349 16.34 30.38 -10.68
C MET A 349 17.40 30.47 -11.78
N ALA A 350 17.17 29.79 -12.90
CA ALA A 350 18.10 29.85 -14.02
C ALA A 350 18.26 31.29 -14.51
N LYS A 351 17.17 32.04 -14.56
CA LYS A 351 17.22 33.43 -15.00
C LYS A 351 18.02 34.27 -14.01
N ILE A 352 17.84 34.04 -12.70
CA ILE A 352 18.62 34.76 -11.71
C ILE A 352 20.12 34.56 -11.95
N TYR A 353 20.53 33.30 -12.14
CA TYR A 353 21.96 33.01 -12.28
C TYR A 353 22.48 33.44 -13.65
N ALA A 354 21.66 33.33 -14.69
CA ALA A 354 22.10 33.76 -16.02
C ALA A 354 22.57 35.21 -16.01
N SER A 355 21.92 36.05 -15.19
CA SER A 355 22.20 37.47 -15.23
C SER A 355 23.61 37.80 -14.74
N LEU A 356 24.26 36.88 -14.01
CA LEU A 356 25.65 37.10 -13.60
C LEU A 356 26.61 37.08 -14.78
N PHE A 357 26.22 36.46 -15.90
CA PHE A 357 27.12 36.28 -17.04
C PHE A 357 26.75 37.17 -18.22
N ASP A 358 25.90 38.17 -18.00
CA ASP A 358 25.48 39.09 -19.05
C ASP A 358 26.40 40.30 -19.01
N THR A 359 27.22 40.47 -20.05
CA THR A 359 28.19 41.55 -20.05
C THR A 359 27.61 42.90 -20.46
N GLU A 360 26.36 42.95 -20.94
CA GLU A 360 25.80 44.18 -21.45
C GLU A 360 24.65 44.76 -20.62
N ALA A 361 24.01 43.96 -19.78
CA ALA A 361 22.88 44.45 -19.00
C ALA A 361 23.34 45.46 -17.94
N ASP A 362 22.54 46.48 -17.70
CA ASP A 362 22.86 47.48 -16.70
C ASP A 362 22.93 46.91 -15.29
N ALA A 363 22.23 45.81 -15.03
CA ALA A 363 22.16 45.23 -13.70
C ALA A 363 21.84 43.75 -13.81
N HIS A 364 22.10 43.04 -12.73
CA HIS A 364 21.78 41.62 -12.61
C HIS A 364 20.88 41.41 -11.40
N TYR A 365 20.32 40.20 -11.28
CA TYR A 365 19.50 39.88 -10.13
C TYR A 365 20.38 39.56 -8.91
N LYS A 366 19.80 39.72 -7.72
CA LYS A 366 20.54 39.53 -6.48
C LYS A 366 21.24 38.18 -6.46
N PHE A 367 22.52 38.18 -6.10
CA PHE A 367 23.26 36.93 -6.04
C PHE A 367 22.61 36.00 -5.04
N PHE A 368 22.38 34.77 -5.47
CA PHE A 368 21.70 33.71 -4.73
C PHE A 368 22.77 32.65 -4.42
N ASP A 369 23.44 32.79 -3.27
CA ASP A 369 24.51 31.87 -2.89
C ASP A 369 23.96 30.47 -2.66
N LEU A 370 24.84 29.47 -2.82
CA LEU A 370 24.45 28.07 -2.65
C LEU A 370 25.34 27.39 -1.62
N PRO A 371 24.76 26.55 -0.74
CA PRO A 371 23.33 26.22 -0.71
C PRO A 371 22.49 27.11 0.20
N LEU A 372 23.08 28.14 0.80
CA LEU A 372 22.36 29.05 1.68
C LEU A 372 22.48 30.44 1.11
N ALA A 373 21.32 31.09 0.85
CA ALA A 373 21.32 32.36 0.15
C ALA A 373 21.03 33.56 1.04
N ASN A 374 20.88 33.36 2.37
CA ASN A 374 20.60 34.46 3.29
C ASN A 374 21.76 35.45 3.29
N TYR A 375 21.42 36.73 3.49
CA TYR A 375 22.46 37.75 3.56
C TYR A 375 22.25 38.70 4.75
N ALA A 376 21.60 38.23 5.82
CA ALA A 376 21.48 39.00 7.06
C ALA A 376 21.13 38.03 8.20
N ASN A 377 21.21 38.54 9.44
CA ASN A 377 20.73 37.76 10.59
C ASN A 377 19.28 37.38 10.41
N THR A 378 18.47 38.35 10.02
CA THR A 378 17.02 38.22 9.91
C THR A 378 16.64 38.45 8.46
N ASN A 379 15.85 37.52 7.92
CA ASN A 379 15.51 37.50 6.51
C ASN A 379 14.04 37.87 6.35
N ALA A 380 13.73 38.76 5.39
CA ALA A 380 12.35 39.24 5.25
C ALA A 380 12.11 39.60 3.79
N ASP A 381 11.67 38.63 3.01
CA ASP A 381 11.27 38.84 1.64
C ASP A 381 9.75 38.84 1.55
N ALA A 382 9.20 39.78 0.80
CA ALA A 382 7.75 39.85 0.64
C ALA A 382 7.27 38.67 -0.21
N VAL A 383 6.13 38.09 0.19
CA VAL A 383 5.44 37.10 -0.62
C VAL A 383 4.15 37.72 -1.15
N LEU A 384 3.96 37.67 -2.47
CA LEU A 384 2.85 38.34 -3.15
C LEU A 384 1.90 37.31 -3.76
N ASP A 385 0.62 37.69 -3.90
CA ASP A 385 -0.30 36.86 -4.66
C ASP A 385 -0.43 37.40 -6.08
N ALA A 386 -1.36 36.84 -6.84
CA ALA A 386 -1.47 37.22 -8.25
C ALA A 386 -1.87 38.68 -8.41
N ALA A 387 -2.54 39.26 -7.42
CA ALA A 387 -2.99 40.64 -7.53
C ALA A 387 -1.98 41.65 -7.01
N GLY A 388 -0.84 41.19 -6.49
CA GLY A 388 0.15 42.09 -5.94
C GLY A 388 0.05 42.36 -4.46
N ASN A 389 -0.90 41.74 -3.75
CA ASN A 389 -0.99 41.93 -2.31
C ASN A 389 0.13 41.18 -1.61
N VAL A 390 0.63 41.77 -0.52
CA VAL A 390 1.56 41.06 0.37
C VAL A 390 0.76 40.10 1.22
N VAL A 391 1.03 38.80 1.05
CA VAL A 391 0.30 37.74 1.74
C VAL A 391 1.19 36.90 2.62
N GLY A 392 2.47 37.23 2.77
CA GLY A 392 3.32 36.50 3.68
C GLY A 392 4.73 37.05 3.69
N MET A 393 5.57 36.39 4.49
CA MET A 393 6.96 36.81 4.67
C MET A 393 7.84 35.57 4.55
N SER A 394 8.83 35.60 3.65
CA SER A 394 9.75 34.49 3.45
C SER A 394 11.01 34.76 4.27
N MET A 395 11.43 33.78 5.06
CA MET A 395 12.33 34.04 6.18
C MET A 395 13.62 33.24 6.16
N PHE A 396 13.82 32.35 5.21
CA PHE A 396 15.04 31.55 5.19
C PHE A 396 15.13 30.91 3.83
N THR A 397 16.25 31.10 3.13
CA THR A 397 16.29 30.85 1.69
C THR A 397 17.54 30.09 1.28
N GLY A 398 17.37 29.11 0.39
CA GLY A 398 18.52 28.38 -0.12
C GLY A 398 18.20 27.31 -1.13
N TYR A 399 18.98 26.24 -1.17
CA TYR A 399 18.84 25.26 -2.24
C TYR A 399 19.15 23.88 -1.68
N SER A 400 18.38 22.88 -2.12
CA SER A 400 18.59 21.48 -1.74
C SER A 400 19.06 20.71 -2.97
N TYR A 401 20.28 20.16 -2.89
CA TYR A 401 20.74 19.23 -3.91
C TYR A 401 19.89 17.96 -3.94
N ASN A 402 19.27 17.62 -2.80
CA ASN A 402 18.42 16.43 -2.74
C ASN A 402 17.17 16.60 -3.59
N GLU A 403 16.60 17.81 -3.62
CA GLU A 403 15.41 18.11 -4.41
C GLU A 403 15.71 18.73 -5.76
N LYS A 404 16.95 19.15 -6.01
CA LYS A 404 17.26 20.00 -7.16
C LYS A 404 16.31 21.19 -7.23
N ARG A 405 16.01 21.78 -6.07
CA ARG A 405 15.14 22.94 -6.01
C ARG A 405 15.71 23.97 -5.05
N ALA A 406 15.57 25.25 -5.42
CA ALA A 406 15.62 26.33 -4.46
C ALA A 406 14.34 26.36 -3.64
N LEU A 407 14.49 26.60 -2.33
CA LEU A 407 13.41 26.51 -1.36
C LEU A 407 13.52 27.66 -0.38
N SER A 408 12.38 28.08 0.17
CA SER A 408 12.42 28.99 1.30
C SER A 408 11.33 28.61 2.28
N LEU A 409 11.55 28.97 3.55
CA LEU A 409 10.56 28.79 4.60
C LEU A 409 9.85 30.13 4.79
N ALA A 410 8.51 30.11 4.83
CA ALA A 410 7.76 31.37 4.88
C ALA A 410 6.56 31.22 5.80
N THR A 411 5.96 32.36 6.14
CA THR A 411 4.67 32.39 6.85
C THR A 411 3.70 33.19 6.00
N ILE A 412 2.54 32.59 5.67
CA ILE A 412 1.61 33.17 4.72
C ILE A 412 0.18 33.12 5.29
N ASP A 413 -0.72 33.90 4.68
CA ASP A 413 -2.11 33.93 5.10
C ASP A 413 -2.70 32.52 5.11
N HIS A 414 -3.47 32.22 6.16
CA HIS A 414 -3.83 30.84 6.45
C HIS A 414 -4.68 30.22 5.35
N GLU A 415 -5.43 31.03 4.60
CA GLU A 415 -6.40 30.49 3.65
C GLU A 415 -5.77 30.09 2.33
N ILE A 416 -4.48 30.31 2.14
CA ILE A 416 -3.82 29.96 0.88
C ILE A 416 -3.57 28.45 0.81
N PRO A 417 -4.18 27.74 -0.13
CA PRO A 417 -4.02 26.29 -0.17
C PRO A 417 -2.65 25.89 -0.71
N VAL A 418 -2.18 24.73 -0.26
CA VAL A 418 -1.00 24.13 -0.83
C VAL A 418 -1.22 23.93 -2.33
N GLY A 419 -0.14 24.04 -3.11
CA GLY A 419 -0.21 24.04 -4.56
C GLY A 419 -0.36 25.40 -5.20
N THR A 420 -0.74 26.42 -4.43
CA THR A 420 -0.88 27.76 -4.96
C THR A 420 0.47 28.31 -5.38
N GLU A 421 0.50 28.94 -6.55
CA GLU A 421 1.71 29.62 -7.02
C GLU A 421 1.66 31.07 -6.59
N LEU A 422 2.54 31.45 -5.67
CA LEU A 422 2.73 32.83 -5.25
C LEU A 422 4.00 33.36 -5.92
N THR A 423 4.41 34.57 -5.55
CA THR A 423 5.73 35.05 -5.93
C THR A 423 6.46 35.56 -4.69
N VAL A 424 7.77 35.32 -4.65
CA VAL A 424 8.64 35.93 -3.66
C VAL A 424 9.43 37.01 -4.38
N LEU A 425 9.38 38.23 -3.86
CA LEU A 425 10.20 39.30 -4.41
C LEU A 425 11.63 39.11 -3.91
N TRP A 426 12.54 38.84 -4.82
CA TRP A 426 13.93 38.51 -4.49
C TRP A 426 14.80 39.70 -4.86
N GLY A 427 15.62 40.15 -3.90
CA GLY A 427 16.40 41.36 -4.03
C GLY A 427 15.80 42.51 -3.24
N GLU A 428 16.56 43.59 -3.14
CA GLU A 428 16.13 44.77 -2.41
C GLU A 428 15.91 45.91 -3.41
N GLU A 429 15.25 46.95 -2.91
CA GLU A 429 14.80 48.05 -3.75
C GLU A 429 15.94 49.04 -4.00
N ASN A 430 15.80 49.82 -5.07
CA ASN A 430 16.66 50.96 -5.34
C ASN A 430 18.14 50.58 -5.46
N GLY A 431 18.42 49.40 -6.02
CA GLY A 431 19.79 48.96 -6.16
C GLY A 431 20.35 48.21 -4.97
N GLY A 432 19.65 48.19 -3.87
CA GLY A 432 20.03 47.43 -2.69
C GLY A 432 20.35 48.34 -1.51
N THR A 433 20.15 47.82 -0.31
CA THR A 433 20.56 48.54 0.90
C THR A 433 22.09 48.64 0.97
N ARG A 434 22.57 49.26 2.04
CA ARG A 434 23.99 49.48 2.27
C ARG A 434 24.65 48.34 3.05
N LYS A 435 23.94 47.24 3.32
CA LYS A 435 24.58 46.10 3.96
C LYS A 435 25.78 45.64 3.14
N THR A 436 26.85 45.23 3.83
CA THR A 436 28.07 44.81 3.16
C THR A 436 27.95 43.45 2.49
N THR A 437 26.86 42.74 2.75
CA THR A 437 26.58 41.51 2.03
C THR A 437 25.90 41.77 0.70
N VAL A 438 25.56 43.02 0.38
CA VAL A 438 24.67 43.31 -0.75
C VAL A 438 25.45 43.99 -1.85
N GLU A 439 25.55 43.34 -3.00
CA GLU A 439 26.07 43.95 -4.20
C GLU A 439 24.94 44.66 -4.93
N PRO A 440 25.26 45.62 -5.81
CA PRO A 440 24.19 46.30 -6.55
C PRO A 440 23.44 45.30 -7.44
N HIS A 441 22.12 45.44 -7.48
CA HIS A 441 21.28 44.47 -8.18
C HIS A 441 19.90 45.05 -8.41
N LYS A 442 19.14 44.38 -9.28
CA LYS A 442 17.72 44.66 -9.48
C LYS A 442 16.89 43.48 -8.97
N GLN A 443 15.61 43.75 -8.74
CA GLN A 443 14.74 42.77 -8.12
C GLN A 443 14.12 41.83 -9.16
N MET A 444 13.64 40.69 -8.68
CA MET A 444 12.88 39.76 -9.51
C MET A 444 11.77 39.16 -8.67
N ALA A 445 10.57 39.08 -9.25
CA ALA A 445 9.48 38.30 -8.65
C ALA A 445 9.69 36.85 -9.05
N VAL A 446 9.98 35.98 -8.08
CA VAL A 446 10.26 34.57 -8.36
C VAL A 446 9.00 33.76 -8.10
N ARG A 447 8.59 32.95 -9.07
CA ARG A 447 7.42 32.12 -8.87
C ARG A 447 7.71 31.05 -7.82
N ALA A 448 6.75 30.82 -6.92
CA ALA A 448 6.95 29.89 -5.82
C ALA A 448 5.67 29.16 -5.49
N VAL A 449 5.74 27.83 -5.38
CA VAL A 449 4.58 26.99 -5.09
C VAL A 449 4.54 26.69 -3.59
N VAL A 450 3.40 26.97 -2.97
CA VAL A 450 3.19 26.64 -1.56
C VAL A 450 3.19 25.12 -1.39
N SER A 451 3.99 24.64 -0.45
CA SER A 451 4.25 23.23 -0.23
C SER A 451 4.24 23.02 1.27
N PRO A 452 4.11 21.78 1.72
CA PRO A 452 4.06 21.52 3.17
C PRO A 452 5.41 21.72 3.82
N VAL A 453 5.38 21.77 5.16
CA VAL A 453 6.57 21.83 6.00
C VAL A 453 6.47 20.68 6.99
N PRO A 454 7.49 19.80 7.09
CA PRO A 454 8.73 19.71 6.29
C PRO A 454 8.45 19.54 4.81
N TYR A 455 9.37 20.00 3.95
CA TYR A 455 9.09 20.04 2.52
C TYR A 455 8.73 18.66 1.97
N SER A 456 7.74 18.64 1.08
CA SER A 456 7.37 17.49 0.28
C SER A 456 6.91 18.02 -1.07
N VAL A 457 7.26 17.31 -2.14
CA VAL A 457 7.02 17.81 -3.49
C VAL A 457 5.52 17.99 -3.70
N THR A 458 5.13 19.15 -4.25
CA THR A 458 3.74 19.52 -4.47
C THR A 458 3.52 19.91 -5.92
N ALA A 459 2.64 19.20 -6.61
CA ALA A 459 2.22 19.64 -7.94
C ALA A 459 1.52 21.00 -7.85
N ARG A 460 1.72 21.82 -8.87
CA ARG A 460 1.12 23.16 -8.91
C ARG A 460 -0.27 23.14 -9.55
N ALA B 6 1.36 -34.25 19.49
CA ALA B 6 0.97 -33.00 18.83
C ALA B 6 0.26 -32.04 19.81
N PRO B 7 0.66 -30.77 19.81
CA PRO B 7 0.07 -29.80 20.72
C PRO B 7 -1.44 -29.73 20.55
N THR B 8 -2.16 -29.67 21.67
CA THR B 8 -3.61 -29.64 21.62
C THR B 8 -4.23 -28.27 21.91
N ASN B 9 -3.51 -27.36 22.57
CA ASN B 9 -4.06 -26.06 22.85
C ASN B 9 -3.04 -24.97 22.53
N LEU B 10 -3.50 -23.71 22.60
CA LEU B 10 -2.64 -22.60 22.21
C LEU B 10 -1.43 -22.49 23.14
N GLU B 11 -1.62 -22.77 24.44
CA GLU B 11 -0.52 -22.63 25.39
C GLU B 11 0.62 -23.60 25.08
N GLN B 12 0.28 -24.85 24.74
CA GLN B 12 1.28 -25.81 24.29
C GLN B 12 1.99 -25.33 23.03
N VAL B 13 1.23 -24.77 22.08
CA VAL B 13 1.83 -24.26 20.85
C VAL B 13 2.83 -23.15 21.16
N LEU B 14 2.44 -22.20 22.02
CA LEU B 14 3.36 -21.12 22.35
C LEU B 14 4.63 -21.63 23.02
N ALA B 15 4.49 -22.58 23.95
CA ALA B 15 5.64 -23.12 24.66
C ALA B 15 6.67 -23.69 23.68
N ALA B 16 6.22 -24.59 22.80
CA ALA B 16 7.10 -25.21 21.81
C ALA B 16 7.50 -24.27 20.67
N GLY B 17 6.92 -23.07 20.59
CA GLY B 17 7.12 -22.19 19.45
C GLY B 17 8.13 -21.09 19.62
N GLY B 18 8.89 -21.08 20.72
CA GLY B 18 9.86 -20.02 20.90
C GLY B 18 9.15 -18.70 21.17
N ASN B 19 9.79 -17.61 20.76
CA ASN B 19 9.23 -16.28 20.95
C ASN B 19 7.91 -16.15 20.19
N THR B 20 6.93 -15.47 20.82
CA THR B 20 5.59 -15.46 20.26
C THR B 20 5.50 -14.60 18.99
N VAL B 21 6.17 -13.45 18.96
CA VAL B 21 6.14 -12.63 17.75
C VAL B 21 6.78 -13.39 16.59
N GLU B 22 7.94 -14.00 16.83
CA GLU B 22 8.63 -14.76 15.79
C GLU B 22 7.75 -15.85 15.24
N MET B 23 7.02 -16.54 16.11
CA MET B 23 6.13 -17.60 15.66
C MET B 23 5.03 -17.05 14.76
N LEU B 24 4.31 -16.04 15.22
CA LEU B 24 3.20 -15.47 14.45
C LEU B 24 3.68 -14.82 13.17
N ARG B 25 4.83 -14.14 13.22
CA ARG B 25 5.31 -13.43 12.04
C ARG B 25 5.93 -14.37 11.00
N ASN B 26 6.16 -15.65 11.36
CA ASN B 26 6.69 -16.63 10.43
C ASN B 26 5.72 -17.79 10.20
N SER B 27 4.43 -17.57 10.50
CA SER B 27 3.43 -18.63 10.38
C SER B 27 3.27 -19.11 8.93
N GLN B 28 2.94 -20.40 8.81
CA GLN B 28 2.77 -21.04 7.50
C GLN B 28 1.32 -21.10 7.05
N ILE B 29 0.44 -20.34 7.70
CA ILE B 29 -1.00 -20.43 7.43
C ILE B 29 -1.36 -20.02 6.00
N GLY B 30 -0.65 -19.07 5.39
CA GLY B 30 -1.10 -18.51 4.11
C GLY B 30 -1.99 -17.28 4.28
N ALA B 31 -2.75 -16.97 3.23
CA ALA B 31 -3.48 -15.72 3.18
C ALA B 31 -4.78 -15.77 3.99
N TYR B 32 -5.15 -14.62 4.55
CA TYR B 32 -6.48 -14.49 5.14
C TYR B 32 -7.48 -14.42 3.99
N VAL B 33 -8.35 -15.43 3.89
CA VAL B 33 -9.18 -15.65 2.70
C VAL B 33 -10.60 -15.20 3.01
N TYR B 34 -11.24 -14.56 2.01
CA TYR B 34 -12.67 -14.27 2.05
C TYR B 34 -13.35 -15.30 1.16
N PRO B 35 -13.88 -16.40 1.70
CA PRO B 35 -14.10 -17.62 0.93
C PRO B 35 -15.43 -17.70 0.21
N VAL B 36 -15.55 -18.74 -0.63
CA VAL B 36 -16.74 -19.21 -1.33
C VAL B 36 -17.28 -18.22 -2.37
N VAL B 37 -17.54 -16.98 -1.96
CA VAL B 37 -18.03 -15.97 -2.90
C VAL B 37 -17.04 -15.81 -4.05
N ALA B 38 -17.56 -15.75 -5.27
CA ALA B 38 -16.71 -15.61 -6.45
C ALA B 38 -15.80 -14.39 -6.29
N PRO B 39 -14.52 -14.50 -6.64
CA PRO B 39 -13.63 -13.32 -6.54
C PRO B 39 -14.18 -12.09 -7.27
N GLU B 40 -14.65 -12.26 -8.50
CA GLU B 40 -15.28 -11.15 -9.20
C GLU B 40 -16.50 -11.64 -9.96
N PHE B 41 -17.50 -10.76 -10.06
CA PHE B 41 -18.62 -10.96 -10.97
C PHE B 41 -18.47 -10.18 -12.27
N SER B 42 -18.07 -8.91 -12.21
CA SER B 42 -17.70 -8.20 -13.43
C SER B 42 -16.20 -7.98 -13.40
N ASN B 43 -15.77 -6.94 -12.69
CA ASN B 43 -14.37 -6.76 -12.31
C ASN B 43 -14.38 -5.91 -11.05
N TRP B 44 -13.29 -6.02 -10.28
CA TRP B 44 -13.34 -5.37 -8.97
C TRP B 44 -13.38 -3.85 -9.05
N ARG B 45 -12.89 -3.25 -10.13
CA ARG B 45 -12.90 -1.79 -10.25
C ARG B 45 -14.33 -1.27 -10.45
N THR B 46 -15.06 -1.87 -11.38
CA THR B 46 -16.48 -1.52 -11.55
C THR B 46 -17.27 -1.82 -10.29
N GLU B 47 -16.94 -2.91 -9.59
CA GLU B 47 -17.68 -3.25 -8.39
C GLU B 47 -17.44 -2.22 -7.28
N GLN B 48 -16.20 -1.79 -7.10
CA GLN B 48 -15.93 -0.71 -6.15
C GLN B 48 -16.66 0.56 -6.56
N TRP B 49 -16.55 0.93 -7.84
CA TRP B 49 -17.24 2.09 -8.38
C TRP B 49 -18.72 2.06 -8.04
N ALA B 50 -19.34 0.88 -8.14
CA ALA B 50 -20.79 0.79 -8.01
C ALA B 50 -21.28 1.09 -6.59
N TRP B 51 -20.53 0.74 -5.55
CA TRP B 51 -21.05 1.03 -4.22
C TRP B 51 -21.03 2.53 -3.93
N ARG B 52 -20.21 3.30 -4.65
CA ARG B 52 -20.19 4.75 -4.56
C ARG B 52 -21.20 5.42 -5.49
N ASN B 53 -21.54 4.80 -6.62
CA ASN B 53 -22.23 5.48 -7.71
C ASN B 53 -23.59 4.92 -8.06
N SER B 54 -23.85 3.63 -7.84
CA SER B 54 -25.18 3.11 -8.12
C SER B 54 -25.70 2.30 -6.93
N ALA B 55 -25.47 0.99 -6.93
CA ALA B 55 -25.87 0.16 -5.80
C ALA B 55 -25.19 -1.20 -5.95
N VAL B 56 -25.07 -1.91 -4.82
CA VAL B 56 -24.38 -3.19 -4.81
C VAL B 56 -25.07 -4.16 -3.89
N LEU B 57 -24.88 -5.44 -4.18
CA LEU B 57 -25.20 -6.54 -3.26
C LEU B 57 -23.88 -7.04 -2.68
N PHE B 58 -23.69 -6.83 -1.37
CA PHE B 58 -22.58 -7.46 -0.67
C PHE B 58 -23.04 -8.83 -0.17
N ASP B 59 -22.26 -9.87 -0.48
CA ASP B 59 -22.54 -11.22 0.01
C ASP B 59 -21.65 -11.48 1.21
N GLN B 60 -22.22 -11.37 2.40
CA GLN B 60 -21.48 -11.54 3.64
C GLN B 60 -21.74 -12.90 4.28
N THR B 61 -22.18 -13.88 3.50
CA THR B 61 -22.67 -15.13 4.06
C THR B 61 -21.55 -16.05 4.56
N HIS B 62 -20.31 -15.89 4.08
CA HIS B 62 -19.33 -16.95 4.24
C HIS B 62 -18.08 -16.60 5.03
N HIS B 63 -17.78 -15.32 5.27
CA HIS B 63 -16.47 -14.98 5.80
C HIS B 63 -16.45 -14.72 7.30
N MET B 64 -17.59 -14.78 7.98
N MET B 64 -17.60 -14.74 7.98
CA MET B 64 -17.64 -14.50 9.41
CA MET B 64 -17.67 -14.47 9.41
C MET B 64 -18.21 -15.68 10.19
C MET B 64 -18.19 -15.68 10.18
N VAL B 65 -17.84 -15.73 11.46
CA VAL B 65 -18.33 -16.73 12.41
C VAL B 65 -19.63 -16.23 13.02
N ASP B 66 -20.63 -17.09 13.15
CA ASP B 66 -21.87 -16.73 13.83
C ASP B 66 -21.99 -17.53 15.12
N LEU B 67 -22.33 -16.85 16.21
CA LEU B 67 -22.65 -17.48 17.48
C LEU B 67 -24.10 -17.20 17.79
N TYR B 68 -24.92 -18.24 17.87
CA TYR B 68 -26.31 -18.09 18.28
C TYR B 68 -26.42 -18.37 19.77
N ILE B 69 -26.79 -17.33 20.54
CA ILE B 69 -26.71 -17.35 21.99
C ILE B 69 -28.12 -17.17 22.54
N ARG B 70 -28.60 -18.17 23.29
CA ARG B 70 -29.94 -18.12 23.87
C ARG B 70 -29.88 -18.49 25.35
N GLY B 71 -30.84 -17.98 26.11
CA GLY B 71 -31.05 -18.44 27.47
C GLY B 71 -31.17 -17.30 28.46
N LYS B 72 -31.51 -17.69 29.70
CA LYS B 72 -31.74 -16.72 30.76
C LYS B 72 -30.54 -15.78 30.94
N ASP B 73 -29.33 -16.31 30.86
CA ASP B 73 -28.14 -15.52 31.16
C ASP B 73 -27.45 -14.97 29.91
N ALA B 74 -28.14 -14.92 28.77
CA ALA B 74 -27.46 -14.50 27.53
C ALA B 74 -27.07 -13.02 27.61
N LEU B 75 -27.98 -12.17 28.08
CA LEU B 75 -27.67 -10.76 28.23
C LEU B 75 -26.57 -10.54 29.26
N LYS B 76 -26.64 -11.27 30.38
CA LYS B 76 -25.62 -11.16 31.42
C LYS B 76 -24.24 -11.54 30.90
N LEU B 77 -24.16 -12.59 30.09
CA LEU B 77 -22.89 -12.98 29.49
C LEU B 77 -22.30 -11.83 28.69
N LEU B 78 -23.13 -11.16 27.88
CA LEU B 78 -22.65 -10.06 27.07
C LEU B 78 -22.26 -8.86 27.94
N SER B 79 -23.10 -8.53 28.93
N SER B 79 -23.09 -8.54 28.94
CA SER B 79 -22.82 -7.40 29.81
CA SER B 79 -22.80 -7.39 29.80
C SER B 79 -21.49 -7.61 30.54
C SER B 79 -21.52 -7.60 30.58
N ASP B 80 -21.28 -8.82 31.06
CA ASP B 80 -20.08 -9.14 31.82
C ASP B 80 -18.82 -9.06 30.97
N THR B 81 -18.92 -9.16 29.64
CA THR B 81 -17.74 -9.24 28.81
C THR B 81 -17.56 -8.08 27.85
N MET B 82 -18.48 -7.11 27.81
CA MET B 82 -18.38 -6.03 26.84
C MET B 82 -18.10 -4.69 27.51
N ILE B 83 -17.38 -3.84 26.77
CA ILE B 83 -17.20 -2.47 27.24
C ILE B 83 -18.49 -1.66 27.10
N ASN B 84 -19.40 -2.11 26.22
CA ASN B 84 -20.61 -1.37 25.87
C ASN B 84 -21.59 -1.36 27.03
N SER B 85 -22.30 -0.24 27.20
CA SER B 85 -23.35 -0.19 28.21
C SER B 85 -24.49 -1.11 27.79
N PRO B 86 -25.04 -1.92 28.70
CA PRO B 86 -26.24 -2.68 28.37
C PRO B 86 -27.54 -1.90 28.62
N LYS B 87 -27.47 -0.72 29.23
CA LYS B 87 -28.68 0.01 29.59
C LYS B 87 -29.52 0.34 28.36
N GLY B 88 -30.83 0.10 28.47
CA GLY B 88 -31.73 0.37 27.37
C GLY B 88 -31.61 -0.55 26.18
N TRP B 89 -30.81 -1.62 26.26
CA TRP B 89 -30.70 -2.56 25.15
C TRP B 89 -31.90 -3.50 25.17
N GLU B 90 -32.55 -3.64 24.02
CA GLU B 90 -33.82 -4.34 23.91
C GLU B 90 -33.86 -4.99 22.55
N PRO B 91 -34.71 -5.99 22.35
CA PRO B 91 -34.76 -6.66 21.06
C PRO B 91 -34.99 -5.68 19.91
N ASN B 92 -34.40 -6.03 18.76
CA ASN B 92 -34.44 -5.27 17.51
C ASN B 92 -33.53 -4.04 17.53
N LYS B 93 -32.51 -4.06 18.39
CA LYS B 93 -31.38 -3.15 18.33
C LYS B 93 -30.11 -3.98 18.37
N ALA B 94 -29.17 -3.68 17.48
CA ALA B 94 -27.87 -4.37 17.50
C ALA B 94 -26.84 -3.46 18.14
N LYS B 95 -25.70 -4.05 18.48
CA LYS B 95 -24.59 -3.31 19.09
C LYS B 95 -23.28 -3.84 18.53
N GLN B 96 -22.30 -2.96 18.37
CA GLN B 96 -20.95 -3.44 18.05
C GLN B 96 -20.30 -3.90 19.34
N TYR B 97 -20.38 -5.20 19.60
CA TYR B 97 -19.82 -5.81 20.82
C TYR B 97 -18.30 -5.75 20.81
N VAL B 98 -17.70 -5.13 21.84
CA VAL B 98 -16.25 -5.08 21.96
C VAL B 98 -15.80 -5.60 23.33
N PRO B 99 -15.24 -6.81 23.38
CA PRO B 99 -14.65 -7.32 24.63
C PRO B 99 -13.17 -7.02 24.75
N VAL B 100 -12.76 -6.63 25.95
CA VAL B 100 -11.34 -6.49 26.28
C VAL B 100 -10.95 -7.56 27.30
N THR B 101 -9.65 -7.81 27.39
CA THR B 101 -9.10 -8.75 28.37
C THR B 101 -9.09 -8.09 29.75
N PRO B 102 -8.80 -8.87 30.81
CA PRO B 102 -8.59 -8.25 32.12
C PRO B 102 -7.52 -7.17 32.15
N TYR B 103 -6.65 -7.14 31.14
CA TYR B 103 -5.62 -6.12 31.04
C TYR B 103 -6.03 -4.92 30.19
N GLY B 104 -7.26 -4.88 29.71
CA GLY B 104 -7.76 -3.71 28.99
C GLY B 104 -7.55 -3.71 27.49
N HIS B 105 -7.02 -4.77 26.91
CA HIS B 105 -6.72 -4.79 25.49
C HIS B 105 -7.84 -5.46 24.70
N VAL B 106 -8.08 -4.95 23.48
CA VAL B 106 -9.14 -5.49 22.62
C VAL B 106 -8.87 -6.94 22.25
N ILE B 107 -9.90 -7.77 22.36
CA ILE B 107 -9.82 -9.15 21.88
C ILE B 107 -10.27 -9.27 20.43
N GLY B 108 -11.35 -8.58 20.12
CA GLY B 108 -11.89 -8.54 18.79
C GLY B 108 -13.15 -7.71 18.86
N ASP B 109 -14.09 -7.97 17.95
CA ASP B 109 -15.37 -7.25 17.93
C ASP B 109 -16.27 -7.93 16.93
N GLY B 110 -17.55 -7.66 17.05
CA GLY B 110 -18.50 -8.14 16.05
C GLY B 110 -19.81 -7.43 16.30
N ILE B 111 -20.80 -7.75 15.50
CA ILE B 111 -22.13 -7.20 15.70
C ILE B 111 -22.95 -8.25 16.43
N ILE B 112 -23.63 -7.83 17.49
CA ILE B 112 -24.57 -8.69 18.20
C ILE B 112 -25.98 -8.16 18.00
N PHE B 113 -26.81 -9.00 17.39
CA PHE B 113 -28.22 -8.74 17.16
C PHE B 113 -29.02 -9.19 18.38
N TYR B 114 -29.83 -8.29 18.93
CA TYR B 114 -30.79 -8.66 19.97
C TYR B 114 -32.06 -9.08 19.26
N LEU B 115 -32.22 -10.39 19.02
CA LEU B 115 -33.32 -10.84 18.15
C LEU B 115 -34.64 -10.92 18.89
N ALA B 116 -34.62 -11.33 20.14
CA ALA B 116 -35.82 -11.38 20.97
C ALA B 116 -35.37 -11.53 22.41
N GLU B 117 -36.34 -11.64 23.31
CA GLU B 117 -36.01 -11.94 24.70
C GLU B 117 -35.15 -13.19 24.76
N GLU B 118 -33.99 -13.06 25.41
CA GLU B 118 -33.09 -14.19 25.66
C GLU B 118 -32.57 -14.83 24.37
N GLU B 119 -32.50 -14.10 23.27
CA GLU B 119 -32.03 -14.65 21.99
C GLU B 119 -31.14 -13.63 21.28
N PHE B 120 -29.85 -13.97 21.13
CA PHE B 120 -28.88 -13.10 20.46
C PHE B 120 -28.12 -13.87 19.40
N VAL B 121 -27.54 -13.14 18.45
CA VAL B 121 -26.57 -13.69 17.50
C VAL B 121 -25.37 -12.76 17.41
N TYR B 122 -24.17 -13.33 17.52
CA TYR B 122 -22.92 -12.63 17.24
C TYR B 122 -22.48 -12.95 15.82
N VAL B 123 -22.04 -11.92 15.10
CA VAL B 123 -21.45 -12.07 13.77
C VAL B 123 -20.14 -11.30 13.75
N GLY B 124 -19.06 -11.98 13.39
CA GLY B 124 -17.76 -11.32 13.36
C GLY B 124 -16.65 -12.34 13.20
N ARG B 125 -15.42 -11.85 13.29
CA ARG B 125 -14.29 -12.75 13.18
C ARG B 125 -14.24 -13.72 14.37
N ALA B 126 -13.38 -14.72 14.25
CA ALA B 126 -13.32 -15.78 15.27
C ALA B 126 -12.95 -15.30 16.68
N PRO B 127 -12.03 -14.36 16.90
CA PRO B 127 -11.53 -14.14 18.27
C PRO B 127 -12.60 -13.78 19.30
N ALA B 128 -13.53 -12.90 18.97
CA ALA B 128 -14.56 -12.57 19.96
C ALA B 128 -15.57 -13.70 20.11
N ALA B 129 -15.77 -14.50 19.06
CA ALA B 129 -16.61 -15.68 19.17
C ALA B 129 -16.01 -16.69 20.15
N ASN B 130 -14.69 -16.92 20.05
CA ASN B 130 -14.02 -17.86 20.94
C ASN B 130 -14.10 -17.40 22.39
N TRP B 131 -13.96 -16.09 22.63
CA TRP B 131 -14.03 -15.53 23.98
C TRP B 131 -15.42 -15.75 24.57
N LEU B 132 -16.47 -15.49 23.78
CA LEU B 132 -17.83 -15.67 24.29
C LEU B 132 -18.11 -17.13 24.62
N MET B 133 -17.65 -18.05 23.76
CA MET B 133 -17.83 -19.48 24.03
C MET B 133 -17.09 -19.89 25.29
N TYR B 134 -15.84 -19.46 25.43
CA TYR B 134 -15.05 -19.78 26.62
C TYR B 134 -15.77 -19.33 27.90
N HIS B 135 -16.25 -18.09 27.93
CA HIS B 135 -16.91 -17.63 29.15
C HIS B 135 -18.26 -18.27 29.35
N ALA B 136 -18.98 -18.58 28.27
CA ALA B 136 -20.26 -19.27 28.44
C ALA B 136 -20.05 -20.65 29.03
N GLN B 137 -18.95 -21.31 28.64
N GLN B 137 -19.01 -21.35 28.57
CA GLN B 137 -18.71 -22.70 29.05
CA GLN B 137 -18.74 -22.69 29.09
C GLN B 137 -18.05 -22.80 30.42
C GLN B 137 -18.21 -22.61 30.52
N THR B 138 -17.09 -21.93 30.72
CA THR B 138 -16.43 -21.94 32.01
C THR B 138 -17.06 -20.98 33.03
N GLY B 139 -17.91 -20.06 32.61
CA GLY B 139 -18.52 -19.18 33.59
C GLY B 139 -19.78 -19.72 34.21
N GLY B 140 -20.23 -20.88 33.74
CA GLY B 140 -21.44 -21.48 34.27
C GLY B 140 -22.69 -20.67 34.01
N TYR B 141 -22.72 -19.93 32.90
CA TYR B 141 -23.93 -19.17 32.55
C TYR B 141 -25.01 -20.12 32.07
N ASN B 142 -26.25 -19.83 32.45
CA ASN B 142 -27.39 -20.59 31.94
C ASN B 142 -27.67 -20.07 30.52
N VAL B 143 -26.93 -20.62 29.56
CA VAL B 143 -27.05 -20.27 28.15
C VAL B 143 -26.72 -21.49 27.32
N ASP B 144 -27.32 -21.56 26.13
CA ASP B 144 -26.95 -22.51 25.09
C ASP B 144 -26.40 -21.70 23.93
N ILE B 145 -25.29 -22.15 23.37
CA ILE B 145 -24.61 -21.44 22.31
C ILE B 145 -24.39 -22.40 21.17
N VAL B 146 -24.72 -21.97 19.96
CA VAL B 146 -24.46 -22.73 18.75
C VAL B 146 -23.47 -21.95 17.92
N HIS B 147 -22.34 -22.58 17.62
CA HIS B 147 -21.24 -22.00 16.86
C HIS B 147 -21.40 -22.42 15.41
N ASP B 148 -21.56 -21.44 14.52
CA ASP B 148 -21.67 -21.71 13.08
C ASP B 148 -20.46 -21.06 12.41
N ASP B 149 -19.45 -21.87 12.10
CA ASP B 149 -18.15 -21.36 11.72
C ASP B 149 -18.20 -20.67 10.35
N ARG B 150 -17.23 -19.79 10.10
CA ARG B 150 -17.06 -19.25 8.76
C ARG B 150 -16.78 -20.42 7.80
N SER B 151 -17.09 -20.20 6.53
CA SER B 151 -16.97 -21.28 5.55
C SER B 151 -15.50 -21.57 5.28
N PRO B 152 -15.17 -22.79 4.84
CA PRO B 152 -13.77 -23.14 4.63
C PRO B 152 -13.10 -22.29 3.55
N SER B 153 -11.82 -21.96 3.79
CA SER B 153 -11.14 -20.97 2.95
C SER B 153 -10.85 -21.49 1.56
N ARG B 154 -10.70 -22.81 1.40
CA ARG B 154 -10.40 -23.44 0.12
C ARG B 154 -11.33 -24.65 0.01
N PRO B 155 -12.62 -24.42 -0.27
CA PRO B 155 -13.56 -25.55 -0.29
C PRO B 155 -13.20 -26.62 -1.29
N MET B 156 -12.67 -26.23 -2.45
CA MET B 156 -12.13 -27.18 -3.45
C MET B 156 -13.19 -28.11 -4.01
N GLY B 157 -14.38 -27.55 -4.29
CA GLY B 157 -15.47 -28.31 -4.86
C GLY B 157 -16.41 -28.94 -3.86
N LYS B 158 -16.07 -28.91 -2.57
CA LYS B 158 -16.93 -29.43 -1.52
C LYS B 158 -18.19 -28.58 -1.37
N PRO B 159 -19.26 -29.15 -0.82
CA PRO B 159 -20.44 -28.35 -0.47
C PRO B 159 -20.24 -27.54 0.80
N VAL B 160 -20.95 -26.42 0.88
CA VAL B 160 -20.82 -25.46 1.97
C VAL B 160 -22.20 -25.15 2.54
N GLN B 161 -22.30 -25.05 3.87
CA GLN B 161 -23.55 -24.73 4.55
C GLN B 161 -23.32 -23.66 5.63
N ARG B 162 -24.32 -22.78 5.79
CA ARG B 162 -24.43 -21.88 6.94
C ARG B 162 -25.84 -21.98 7.49
N ILE B 163 -26.03 -21.49 8.71
CA ILE B 163 -27.40 -21.43 9.23
C ILE B 163 -28.16 -20.28 8.58
N SER B 164 -27.49 -19.15 8.32
CA SER B 164 -28.15 -18.01 7.70
C SER B 164 -27.32 -17.50 6.53
N TRP B 165 -28.02 -16.93 5.55
CA TRP B 165 -27.38 -16.06 4.57
C TRP B 165 -27.46 -14.63 5.08
N ARG B 166 -26.49 -13.81 4.71
CA ARG B 166 -26.41 -12.42 5.15
C ARG B 166 -25.94 -11.58 3.98
N PHE B 167 -26.77 -10.62 3.58
CA PHE B 167 -26.48 -9.71 2.49
C PHE B 167 -26.52 -8.28 3.00
N GLN B 168 -25.88 -7.39 2.25
CA GLN B 168 -26.14 -5.96 2.39
C GLN B 168 -26.48 -5.40 1.02
N ILE B 169 -27.39 -4.43 1.00
CA ILE B 169 -27.68 -3.64 -0.19
C ILE B 169 -27.27 -2.21 0.15
N GLN B 170 -26.31 -1.67 -0.60
CA GLN B 170 -25.64 -0.41 -0.28
C GLN B 170 -25.43 0.39 -1.55
N GLY B 171 -25.24 1.69 -1.38
CA GLY B 171 -25.02 2.59 -2.49
C GLY B 171 -26.04 3.70 -2.50
N PRO B 172 -25.83 4.72 -3.34
CA PRO B 172 -26.80 5.85 -3.37
C PRO B 172 -28.18 5.44 -3.82
N LYS B 173 -28.30 4.44 -4.69
CA LYS B 173 -29.61 3.95 -5.13
C LYS B 173 -30.08 2.76 -4.31
N ALA B 174 -29.45 2.49 -3.17
CA ALA B 174 -29.78 1.29 -2.40
C ALA B 174 -31.21 1.33 -1.89
N TRP B 175 -31.67 2.48 -1.40
CA TRP B 175 -33.04 2.52 -0.87
C TRP B 175 -34.08 2.37 -1.97
N ASP B 176 -33.77 2.82 -3.20
CA ASP B 176 -34.68 2.57 -4.31
C ASP B 176 -34.83 1.06 -4.56
N VAL B 177 -33.72 0.32 -4.58
CA VAL B 177 -33.81 -1.13 -4.74
C VAL B 177 -34.59 -1.74 -3.59
N ILE B 178 -34.38 -1.25 -2.37
CA ILE B 178 -35.02 -1.85 -1.20
C ILE B 178 -36.53 -1.65 -1.24
N GLU B 179 -37.00 -0.47 -1.64
CA GLU B 179 -38.44 -0.22 -1.67
C GLU B 179 -39.10 -0.93 -2.84
N LYS B 180 -38.42 -0.99 -4.00
CA LYS B 180 -38.92 -1.79 -5.11
C LYS B 180 -39.09 -3.24 -4.71
N LEU B 181 -38.04 -3.85 -4.13
CA LEU B 181 -38.16 -5.19 -3.58
C LEU B 181 -39.30 -5.31 -2.58
N HIS B 182 -39.50 -4.26 -1.77
CA HIS B 182 -40.44 -4.31 -0.66
C HIS B 182 -41.89 -4.27 -1.13
N GLY B 183 -42.16 -3.64 -2.27
CA GLY B 183 -43.52 -3.43 -2.71
C GLY B 183 -44.14 -2.15 -2.23
N GLY B 184 -43.35 -1.10 -2.02
CA GLY B 184 -43.86 0.15 -1.54
C GLY B 184 -42.81 0.86 -0.69
N THR B 185 -43.25 1.92 -0.03
CA THR B 185 -42.38 2.73 0.81
C THR B 185 -41.93 1.95 2.03
N LEU B 186 -40.75 2.30 2.56
CA LEU B 186 -40.21 1.68 3.75
C LEU B 186 -39.56 2.74 4.64
N GLU B 187 -39.96 2.77 5.90
CA GLU B 187 -39.42 3.74 6.85
C GLU B 187 -37.93 3.51 7.05
N LYS B 188 -37.17 4.61 6.99
CA LYS B 188 -35.73 4.58 7.21
C LYS B 188 -35.49 4.57 8.71
N LEU B 189 -35.05 3.45 9.26
CA LEU B 189 -34.93 3.35 10.71
C LEU B 189 -33.60 3.93 11.20
N LYS B 190 -33.53 4.13 12.50
CA LYS B 190 -32.33 4.67 13.12
C LYS B 190 -31.18 3.68 12.99
N PHE B 191 -29.96 4.21 12.97
CA PHE B 191 -28.76 3.40 12.76
C PHE B 191 -28.73 2.25 13.76
N PHE B 192 -28.46 1.06 13.25
CA PHE B 192 -28.34 -0.18 14.03
C PHE B 192 -29.65 -0.60 14.71
N ASN B 193 -30.79 -0.07 14.29
CA ASN B 193 -32.07 -0.67 14.68
C ASN B 193 -32.52 -1.66 13.61
N MET B 194 -33.33 -2.62 14.04
CA MET B 194 -33.70 -3.76 13.20
C MET B 194 -35.19 -3.76 12.93
N ALA B 195 -35.57 -4.08 11.69
CA ALA B 195 -36.98 -4.21 11.39
C ALA B 195 -37.22 -5.36 10.42
N GLU B 196 -37.96 -5.11 9.35
CA GLU B 196 -38.45 -6.16 8.47
C GLU B 196 -38.73 -5.57 7.10
N MET B 197 -38.68 -6.42 6.08
CA MET B 197 -39.03 -6.01 4.72
C MET B 197 -39.47 -7.25 3.94
N ASN B 198 -40.03 -7.03 2.76
CA ASN B 198 -40.49 -8.10 1.89
C ASN B 198 -39.50 -8.29 0.75
N ILE B 199 -39.20 -9.56 0.44
CA ILE B 199 -38.37 -9.90 -0.69
C ILE B 199 -38.92 -11.20 -1.27
N ALA B 200 -39.42 -11.15 -2.51
CA ALA B 200 -40.05 -12.31 -3.16
C ALA B 200 -41.06 -12.96 -2.23
N GLY B 201 -41.88 -12.14 -1.57
CA GLY B 201 -42.90 -12.62 -0.68
C GLY B 201 -42.42 -13.09 0.68
N MET B 202 -41.11 -13.25 0.89
CA MET B 202 -40.61 -13.64 2.21
C MET B 202 -40.54 -12.42 3.13
N LYS B 203 -40.70 -12.67 4.43
CA LYS B 203 -40.52 -11.67 5.48
C LYS B 203 -39.06 -11.69 5.93
N ILE B 204 -38.30 -10.68 5.54
CA ILE B 204 -36.84 -10.65 5.71
C ILE B 204 -36.48 -9.60 6.75
N ARG B 205 -35.77 -10.03 7.79
CA ARG B 205 -35.33 -9.12 8.85
C ARG B 205 -34.18 -8.23 8.35
N THR B 206 -34.16 -6.99 8.85
CA THR B 206 -33.29 -5.93 8.36
C THR B 206 -32.55 -5.26 9.51
N LEU B 207 -31.40 -4.68 9.19
CA LEU B 207 -30.61 -3.90 10.14
C LEU B 207 -30.04 -2.71 9.39
N ARG B 208 -30.24 -1.52 9.96
CA ARG B 208 -29.91 -0.28 9.28
C ARG B 208 -28.40 -0.04 9.30
N HIS B 209 -27.83 0.11 8.11
N HIS B 209 -27.81 0.08 8.11
CA HIS B 209 -26.39 0.40 7.94
CA HIS B 209 -26.39 0.42 7.96
C HIS B 209 -26.16 1.62 7.03
C HIS B 209 -26.17 1.55 6.95
N ALA B 214 -26.15 8.06 2.66
CA ALA B 214 -27.06 7.23 1.86
C ALA B 214 -27.39 5.90 2.55
N PRO B 215 -28.65 5.74 2.96
CA PRO B 215 -29.01 4.59 3.79
C PRO B 215 -28.99 3.28 3.00
N GLY B 216 -28.45 2.25 3.62
CA GLY B 216 -28.57 0.89 3.12
C GLY B 216 -29.10 -0.03 4.21
N LEU B 217 -29.14 -1.33 3.89
CA LEU B 217 -29.59 -2.29 4.88
C LEU B 217 -28.73 -3.55 4.81
N GLU B 218 -28.54 -4.18 5.97
CA GLU B 218 -28.12 -5.57 6.04
C GLU B 218 -29.37 -6.42 6.25
N ILE B 219 -29.42 -7.54 5.55
CA ILE B 219 -30.57 -8.44 5.56
C ILE B 219 -30.06 -9.86 5.75
N TRP B 220 -30.87 -10.70 6.38
CA TRP B 220 -30.48 -12.08 6.59
C TRP B 220 -31.71 -12.98 6.62
N GLY B 221 -31.50 -14.27 6.43
CA GLY B 221 -32.57 -15.23 6.55
C GLY B 221 -32.06 -16.66 6.54
N PRO B 222 -32.97 -17.62 6.65
CA PRO B 222 -32.54 -19.02 6.63
C PRO B 222 -31.82 -19.36 5.34
N TYR B 223 -30.72 -20.11 5.47
CA TYR B 223 -29.79 -20.30 4.35
C TYR B 223 -30.49 -20.86 3.11
N GLU B 224 -31.53 -21.69 3.29
CA GLU B 224 -32.13 -22.37 2.15
C GLU B 224 -32.78 -21.41 1.16
N THR B 225 -33.16 -20.22 1.59
CA THR B 225 -33.78 -19.26 0.69
C THR B 225 -32.78 -18.28 0.07
N GLN B 226 -31.48 -18.58 0.15
CA GLN B 226 -30.47 -17.61 -0.25
C GLN B 226 -30.59 -17.23 -1.73
N GLU B 227 -30.64 -18.22 -2.62
CA GLU B 227 -30.66 -17.90 -4.04
C GLU B 227 -31.98 -17.25 -4.43
N LYS B 228 -33.07 -17.66 -3.80
CA LYS B 228 -34.35 -16.97 -3.97
C LYS B 228 -34.22 -15.48 -3.69
N ALA B 229 -33.62 -15.13 -2.54
CA ALA B 229 -33.45 -13.72 -2.20
C ALA B 229 -32.46 -13.05 -3.13
N ARG B 230 -31.35 -13.72 -3.43
CA ARG B 230 -30.31 -13.12 -4.26
C ARG B 230 -30.81 -12.81 -5.66
N ASN B 231 -31.59 -13.73 -6.25
CA ASN B 231 -32.07 -13.51 -7.62
C ASN B 231 -33.06 -12.34 -7.67
N ALA B 232 -33.93 -12.23 -6.66
CA ALA B 232 -34.88 -11.12 -6.63
C ALA B 232 -34.15 -9.78 -6.45
N ILE B 233 -33.06 -9.76 -5.69
CA ILE B 233 -32.31 -8.52 -5.51
C ILE B 233 -31.58 -8.14 -6.79
N LEU B 234 -30.92 -9.11 -7.41
CA LEU B 234 -30.17 -8.83 -8.63
C LEU B 234 -31.10 -8.38 -9.76
N GLU B 235 -32.27 -9.02 -9.86
CA GLU B 235 -33.19 -8.70 -10.95
C GLU B 235 -33.82 -7.32 -10.74
N ALA B 236 -34.45 -7.11 -9.59
CA ALA B 236 -35.03 -5.80 -9.32
C ALA B 236 -33.97 -4.70 -9.32
N GLY B 237 -32.71 -5.06 -9.06
CA GLY B 237 -31.66 -4.06 -8.99
C GLY B 237 -31.19 -3.53 -10.32
N LYS B 238 -31.43 -4.28 -11.41
CA LYS B 238 -30.98 -3.86 -12.73
C LYS B 238 -31.51 -2.47 -13.08
N GLU B 239 -32.75 -2.15 -12.68
CA GLU B 239 -33.32 -0.84 -13.00
C GLU B 239 -32.46 0.31 -12.47
N PHE B 240 -31.79 0.10 -11.34
CA PHE B 240 -30.96 1.14 -10.75
C PHE B 240 -29.47 0.86 -10.89
N GLY B 241 -29.08 -0.11 -11.71
CA GLY B 241 -27.68 -0.39 -11.95
C GLY B 241 -26.99 -1.16 -10.84
N LEU B 242 -27.74 -1.88 -10.01
CA LEU B 242 -27.13 -2.68 -8.95
C LEU B 242 -26.32 -3.81 -9.55
N ILE B 243 -25.10 -4.00 -9.06
CA ILE B 243 -24.29 -5.13 -9.49
C ILE B 243 -23.82 -5.89 -8.24
N PRO B 244 -23.60 -7.20 -8.34
CA PRO B 244 -23.04 -7.94 -7.19
C PRO B 244 -21.56 -7.69 -7.05
N VAL B 245 -21.09 -7.71 -5.81
CA VAL B 245 -19.68 -7.50 -5.49
C VAL B 245 -19.06 -8.84 -5.11
N GLY B 246 -17.93 -9.16 -5.71
CA GLY B 246 -17.20 -10.38 -5.41
C GLY B 246 -16.30 -10.24 -4.19
N SER B 247 -15.64 -11.36 -3.87
CA SER B 247 -14.80 -11.42 -2.67
C SER B 247 -13.48 -10.67 -2.86
N ARG B 248 -13.06 -10.41 -4.09
CA ARG B 248 -11.84 -9.64 -4.28
C ARG B 248 -12.05 -8.19 -3.87
N ALA B 249 -13.18 -7.60 -4.25
CA ALA B 249 -13.40 -6.20 -3.93
C ALA B 249 -14.03 -6.02 -2.55
N TYR B 250 -14.87 -6.97 -2.13
CA TYR B 250 -15.63 -6.82 -0.88
C TYR B 250 -14.81 -6.30 0.30
N PRO B 251 -13.69 -6.91 0.68
CA PRO B 251 -13.03 -6.46 1.92
C PRO B 251 -12.37 -5.08 1.80
N SER B 252 -12.10 -4.61 0.58
CA SER B 252 -11.55 -3.27 0.41
C SER B 252 -12.55 -2.16 0.75
N ASN B 253 -13.84 -2.47 0.88
CA ASN B 253 -14.79 -1.41 1.21
C ASN B 253 -14.44 -0.75 2.54
N THR B 254 -13.89 -1.51 3.49
CA THR B 254 -13.64 -0.96 4.82
C THR B 254 -12.53 0.09 4.80
N LEU B 255 -11.69 0.10 3.77
CA LEU B 255 -10.72 1.19 3.64
C LEU B 255 -11.43 2.52 3.47
N GLU B 256 -12.58 2.53 2.79
CA GLU B 256 -13.34 3.76 2.64
C GLU B 256 -14.26 4.01 3.83
N SER B 257 -14.79 2.95 4.45
CA SER B 257 -15.77 3.13 5.51
C SER B 257 -15.14 3.27 6.89
N GLY B 258 -13.95 2.70 7.14
CA GLY B 258 -13.18 3.03 8.32
C GLY B 258 -13.13 1.99 9.44
N TRP B 259 -13.59 0.76 9.21
CA TRP B 259 -13.57 -0.26 10.25
C TRP B 259 -12.27 -1.05 10.13
N ILE B 260 -11.51 -1.12 11.23
CA ILE B 260 -10.31 -1.96 11.27
C ILE B 260 -10.72 -3.39 11.63
N PRO B 261 -10.65 -4.32 10.68
CA PRO B 261 -11.12 -5.68 10.95
C PRO B 261 -10.21 -6.48 11.85
N SER B 262 -8.95 -6.10 11.99
CA SER B 262 -7.94 -7.10 12.32
C SER B 262 -7.06 -6.78 13.52
N PRO B 263 -7.57 -6.25 14.63
CA PRO B 263 -6.71 -6.10 15.81
C PRO B 263 -6.22 -7.47 16.27
N LEU B 264 -4.98 -7.54 16.72
CA LEU B 264 -4.46 -8.81 17.22
C LEU B 264 -5.22 -9.20 18.49
N PRO B 265 -5.81 -10.40 18.56
CA PRO B 265 -6.44 -10.80 19.82
C PRO B 265 -5.40 -10.80 20.93
N ALA B 266 -5.59 -9.91 21.91
CA ALA B 266 -4.53 -9.58 22.86
C ALA B 266 -4.47 -10.60 24.01
N ILE B 267 -4.32 -11.88 23.67
CA ILE B 267 -4.49 -12.93 24.67
C ILE B 267 -3.24 -13.77 24.89
N TYR B 268 -2.10 -13.37 24.31
CA TYR B 268 -0.91 -14.23 24.26
C TYR B 268 -0.09 -14.20 25.54
N THR B 269 -0.31 -13.22 26.41
CA THR B 269 0.47 -13.04 27.63
C THR B 269 -0.49 -12.77 28.78
N GLY B 270 0.00 -13.01 30.00
CA GLY B 270 -0.76 -12.65 31.19
C GLY B 270 -1.31 -13.85 31.93
N ASP B 271 -1.03 -13.92 33.23
CA ASP B 271 -1.45 -15.08 34.03
C ASP B 271 -2.96 -15.23 34.03
N LYS B 272 -3.70 -14.13 34.08
CA LYS B 272 -5.16 -14.21 34.07
C LYS B 272 -5.71 -14.75 32.76
N LEU B 273 -4.90 -14.81 31.71
CA LEU B 273 -5.33 -15.35 30.42
C LEU B 273 -4.75 -16.73 30.14
N LYS B 274 -3.95 -17.29 31.05
CA LYS B 274 -3.34 -18.60 30.85
C LYS B 274 -4.40 -19.69 30.69
N ALA B 275 -5.44 -19.65 31.53
CA ALA B 275 -6.50 -20.65 31.40
C ALA B 275 -7.16 -20.57 30.04
N TYR B 276 -7.37 -19.36 29.53
CA TYR B 276 -7.98 -19.23 28.20
C TYR B 276 -7.05 -19.79 27.12
N ARG B 277 -5.75 -19.52 27.25
CA ARG B 277 -4.78 -20.08 26.30
C ARG B 277 -4.77 -21.61 26.33
N GLU B 278 -4.99 -22.22 27.48
CA GLU B 278 -5.04 -23.67 27.56
C GLU B 278 -6.34 -24.22 27.02
N TRP B 279 -7.34 -23.36 26.85
CA TRP B 279 -8.65 -23.75 26.33
C TRP B 279 -8.70 -23.63 24.82
N LEU B 280 -7.98 -22.66 24.26
CA LEU B 280 -8.01 -22.42 22.81
C LEU B 280 -7.39 -23.59 22.06
N PRO B 281 -8.06 -24.11 21.03
CA PRO B 281 -7.46 -25.21 20.26
C PRO B 281 -6.14 -24.82 19.61
N ALA B 282 -5.31 -25.83 19.32
CA ALA B 282 -4.05 -25.60 18.63
C ALA B 282 -4.27 -25.12 17.20
N ASN B 283 -5.41 -25.42 16.61
CA ASN B 283 -5.72 -24.95 15.26
C ASN B 283 -6.65 -23.75 15.27
N SER B 284 -6.75 -23.06 16.39
CA SER B 284 -7.55 -21.85 16.45
C SER B 284 -6.92 -20.74 15.62
N TYR B 285 -7.76 -19.77 15.25
CA TYR B 285 -7.29 -18.52 14.69
C TYR B 285 -6.10 -17.97 15.45
N GLU B 286 -6.19 -18.00 16.79
CA GLU B 286 -5.16 -17.38 17.60
C GLU B 286 -3.84 -18.13 17.55
N ALA B 287 -3.88 -19.45 17.46
CA ALA B 287 -2.65 -20.23 17.45
C ALA B 287 -2.00 -20.36 16.08
N SER B 288 -2.79 -20.39 15.02
CA SER B 288 -2.26 -20.67 13.69
C SER B 288 -2.16 -19.45 12.79
N GLY B 289 -2.69 -18.30 13.20
CA GLY B 289 -2.73 -17.14 12.35
C GLY B 289 -1.34 -16.56 12.17
N ALA B 290 -1.31 -15.38 11.53
CA ALA B 290 -0.07 -14.74 11.12
C ALA B 290 -0.13 -13.25 11.36
N ILE B 291 1.04 -12.67 11.64
CA ILE B 291 1.26 -11.23 11.69
C ILE B 291 2.20 -10.90 10.54
N GLY B 292 1.86 -9.87 9.75
CA GLY B 292 2.71 -9.42 8.68
C GLY B 292 2.95 -7.93 8.76
N GLY B 293 4.06 -7.51 8.16
CA GLY B 293 4.36 -6.11 7.99
C GLY B 293 5.63 -5.70 8.71
N SER B 294 5.92 -4.41 8.64
CA SER B 294 7.22 -3.88 9.02
C SER B 294 7.41 -3.66 10.51
N PHE B 295 6.34 -3.59 11.29
CA PHE B 295 6.52 -3.29 12.71
C PHE B 295 7.09 -4.51 13.42
N VAL B 296 8.24 -4.35 14.06
CA VAL B 296 8.97 -5.46 14.68
C VAL B 296 9.14 -5.19 16.18
N SER B 297 8.77 -6.17 17.00
CA SER B 297 9.12 -6.15 18.41
C SER B 297 9.26 -7.58 18.86
N SER B 298 10.09 -7.82 19.88
CA SER B 298 10.12 -9.14 20.48
C SER B 298 9.05 -9.31 21.55
N ASN B 299 8.33 -8.24 21.86
CA ASN B 299 7.24 -8.25 22.85
C ASN B 299 5.90 -8.22 22.11
N ILE B 300 5.19 -9.34 22.10
CA ILE B 300 3.88 -9.41 21.44
C ILE B 300 2.89 -8.39 21.99
N GLU B 301 3.07 -7.92 23.23
CA GLU B 301 2.17 -6.91 23.78
C GLU B 301 2.26 -5.59 23.01
N ASP B 302 3.38 -5.35 22.32
CA ASP B 302 3.47 -4.13 21.53
C ASP B 302 2.52 -4.14 20.33
N TYR B 303 1.95 -5.29 19.99
CA TYR B 303 0.97 -5.40 18.91
C TYR B 303 -0.46 -5.28 19.42
N TYR B 304 -0.66 -5.17 20.73
CA TYR B 304 -2.00 -5.04 21.30
C TYR B 304 -2.54 -3.62 21.10
N VAL B 305 -3.88 -3.52 20.96
CA VAL B 305 -4.53 -2.22 20.97
C VAL B 305 -5.61 -2.21 22.05
N ASN B 306 -5.89 -1.01 22.60
CA ASN B 306 -7.05 -0.86 23.48
C ASN B 306 -8.18 -0.19 22.72
N PRO B 307 -9.42 -0.21 23.24
CA PRO B 307 -10.55 0.28 22.42
C PRO B 307 -10.43 1.74 21.98
N TYR B 308 -9.76 2.59 22.75
CA TYR B 308 -9.63 4.00 22.36
C TYR B 308 -8.82 4.16 21.09
N GLU B 309 -7.87 3.26 20.86
CA GLU B 309 -6.94 3.43 19.75
C GLU B 309 -7.54 3.10 18.40
N ILE B 310 -8.60 2.30 18.34
CA ILE B 310 -9.17 1.90 17.06
C ILE B 310 -10.62 2.38 16.91
N GLY B 311 -11.01 3.42 17.64
CA GLY B 311 -12.28 4.07 17.40
C GLY B 311 -13.44 3.63 18.26
N TYR B 312 -13.22 2.82 19.27
CA TYR B 312 -14.30 2.32 20.13
C TYR B 312 -14.33 3.02 21.48
N GLY B 313 -13.52 4.05 21.66
CA GLY B 313 -13.58 4.89 22.84
C GLY B 313 -14.99 5.32 23.21
N PRO B 314 -15.76 5.83 22.25
CA PRO B 314 -17.14 6.24 22.57
C PRO B 314 -18.05 5.11 23.04
N PHE B 315 -17.69 3.83 22.82
CA PHE B 315 -18.52 2.72 23.29
C PHE B 315 -18.31 2.44 24.77
N VAL B 316 -17.15 2.76 25.32
CA VAL B 316 -16.85 2.45 26.71
C VAL B 316 -17.81 3.20 27.62
N LYS B 317 -18.49 2.45 28.50
CA LYS B 317 -19.33 3.04 29.53
C LYS B 317 -19.04 2.32 30.84
N PHE B 318 -18.81 3.08 31.91
CA PHE B 318 -18.42 2.47 33.17
C PHE B 318 -19.60 2.23 34.10
N ASP B 319 -20.81 2.14 33.55
CA ASP B 319 -22.04 1.96 34.31
C ASP B 319 -22.33 0.51 34.65
N HIS B 320 -21.45 -0.42 34.27
CA HIS B 320 -21.65 -1.84 34.56
C HIS B 320 -20.31 -2.46 34.90
N ASP B 321 -20.35 -3.65 35.52
CA ASP B 321 -19.15 -4.44 35.72
C ASP B 321 -18.82 -5.20 34.43
N PHE B 322 -17.53 -5.27 34.08
CA PHE B 322 -17.15 -6.05 32.91
C PHE B 322 -15.66 -6.37 32.97
N ILE B 323 -15.29 -7.49 32.35
CA ILE B 323 -13.89 -7.89 32.35
C ILE B 323 -13.04 -6.79 31.76
N GLY B 324 -11.98 -6.41 32.46
CA GLY B 324 -11.10 -5.35 32.00
C GLY B 324 -11.50 -3.97 32.42
N ARG B 325 -12.58 -3.82 33.19
CA ARG B 325 -13.02 -2.50 33.63
C ARG B 325 -11.91 -1.72 34.34
N ASP B 326 -11.27 -2.35 35.33
CA ASP B 326 -10.22 -1.67 36.10
C ASP B 326 -9.12 -1.17 35.18
N ALA B 327 -8.63 -2.03 34.29
CA ALA B 327 -7.55 -1.64 33.39
C ALA B 327 -7.99 -0.50 32.47
N LEU B 328 -9.23 -0.55 31.96
CA LEU B 328 -9.71 0.51 31.08
C LEU B 328 -9.86 1.81 31.84
N GLU B 329 -10.29 1.74 33.09
CA GLU B 329 -10.38 2.93 33.93
C GLU B 329 -9.01 3.58 34.13
N ALA B 330 -7.94 2.78 34.18
CA ALA B 330 -6.60 3.31 34.39
C ALA B 330 -6.00 3.94 33.14
N ILE B 331 -6.58 3.73 31.97
CA ILE B 331 -6.10 4.36 30.74
C ILE B 331 -6.65 5.78 30.66
N ASP B 332 -5.81 6.73 30.28
CA ASP B 332 -6.27 8.09 30.05
C ASP B 332 -6.75 8.24 28.61
N PRO B 333 -8.05 8.39 28.37
CA PRO B 333 -8.53 8.50 26.98
C PRO B 333 -7.87 9.62 26.19
N ALA B 334 -7.54 10.72 26.86
CA ALA B 334 -7.09 11.94 26.20
C ALA B 334 -5.70 11.81 25.57
N THR B 335 -4.89 10.84 26.00
CA THR B 335 -3.56 10.65 25.44
C THR B 335 -3.44 9.45 24.52
N GLN B 336 -4.51 8.71 24.29
CA GLN B 336 -4.41 7.49 23.50
C GLN B 336 -4.26 7.78 22.02
N ARG B 337 -3.64 6.85 21.32
CA ARG B 337 -3.60 6.90 19.86
C ARG B 337 -5.02 6.93 19.29
N LYS B 338 -5.14 7.42 18.06
CA LYS B 338 -6.42 7.61 17.40
C LYS B 338 -6.43 6.95 16.02
N LYS B 339 -7.60 6.43 15.64
CA LYS B 339 -7.76 5.81 14.32
C LYS B 339 -7.87 6.89 13.24
N VAL B 340 -7.12 6.69 12.15
CA VAL B 340 -7.09 7.61 11.02
C VAL B 340 -7.06 6.78 9.73
N THR B 341 -7.35 7.44 8.62
CA THR B 341 -7.01 6.91 7.31
C THR B 341 -5.70 7.54 6.85
N LEU B 342 -4.80 6.73 6.32
CA LEU B 342 -3.59 7.23 5.68
C LEU B 342 -3.77 7.13 4.17
N ALA B 343 -3.48 8.23 3.47
CA ALA B 343 -3.57 8.28 2.01
C ALA B 343 -2.15 8.16 1.45
N TRP B 344 -1.91 7.09 0.70
CA TRP B 344 -0.55 6.76 0.30
C TRP B 344 -0.18 7.54 -0.98
N ASN B 345 1.08 7.96 -1.03
CA ASN B 345 1.55 8.77 -2.14
C ASN B 345 1.55 7.97 -3.43
N GLY B 346 0.93 8.54 -4.48
CA GLY B 346 0.81 7.83 -5.75
C GLY B 346 2.13 7.57 -6.44
N ASP B 347 3.06 8.53 -6.37
CA ASP B 347 4.38 8.30 -6.97
C ASP B 347 5.08 7.13 -6.29
N ASP B 348 4.95 7.05 -4.96
CA ASP B 348 5.55 5.93 -4.24
C ASP B 348 4.92 4.61 -4.65
N MET B 349 3.59 4.59 -4.82
CA MET B 349 2.91 3.42 -5.34
C MET B 349 3.43 3.04 -6.72
N ALA B 350 3.70 4.03 -7.57
CA ALA B 350 4.28 3.74 -8.89
C ALA B 350 5.65 3.12 -8.74
N LYS B 351 6.46 3.67 -7.85
CA LYS B 351 7.77 3.11 -7.56
C LYS B 351 7.67 1.65 -7.10
N ILE B 352 6.70 1.34 -6.23
CA ILE B 352 6.53 -0.02 -5.74
C ILE B 352 6.27 -0.98 -6.90
N TYR B 353 5.30 -0.64 -7.76
CA TYR B 353 4.93 -1.52 -8.87
C TYR B 353 6.02 -1.57 -9.94
N ALA B 354 6.65 -0.43 -10.23
CA ALA B 354 7.71 -0.43 -11.24
C ALA B 354 8.75 -1.50 -10.98
N SER B 355 9.12 -1.69 -9.70
CA SER B 355 10.19 -2.63 -9.38
C SER B 355 9.88 -4.06 -9.81
N LEU B 356 8.60 -4.41 -10.01
CA LEU B 356 8.25 -5.75 -10.46
C LEU B 356 8.77 -6.03 -11.87
N PHE B 357 9.06 -4.98 -12.64
CA PHE B 357 9.45 -5.12 -14.04
C PHE B 357 10.90 -4.70 -14.28
N ASP B 358 11.70 -4.60 -13.22
CA ASP B 358 13.13 -4.33 -13.33
C ASP B 358 13.86 -5.67 -13.37
N THR B 359 14.46 -5.99 -14.51
CA THR B 359 15.16 -7.26 -14.65
C THR B 359 16.58 -7.23 -14.11
N GLU B 360 17.07 -6.06 -13.72
CA GLU B 360 18.44 -5.95 -13.25
C GLU B 360 18.54 -5.78 -11.75
N ALA B 361 17.48 -5.29 -11.10
CA ALA B 361 17.52 -5.03 -9.67
C ALA B 361 17.72 -6.31 -8.87
N ASP B 362 18.56 -6.22 -7.83
CA ASP B 362 18.76 -7.34 -6.92
C ASP B 362 17.45 -7.72 -6.22
N ALA B 363 16.64 -6.72 -5.90
CA ALA B 363 15.39 -6.94 -5.18
C ALA B 363 14.35 -5.96 -5.71
N HIS B 364 13.09 -6.25 -5.42
CA HIS B 364 11.96 -5.40 -5.71
C HIS B 364 11.17 -5.14 -4.43
N TYR B 365 10.23 -4.21 -4.49
CA TYR B 365 9.44 -3.85 -3.31
C TYR B 365 8.28 -4.82 -3.12
N LYS B 366 7.91 -5.01 -1.85
CA LYS B 366 6.89 -6.00 -1.49
C LYS B 366 5.68 -5.85 -2.40
N PHE B 367 5.26 -6.95 -3.03
CA PHE B 367 4.10 -6.90 -3.89
C PHE B 367 2.91 -6.35 -3.13
N PHE B 368 2.20 -5.42 -3.77
CA PHE B 368 1.06 -4.72 -3.20
C PHE B 368 -0.16 -5.13 -4.02
N ASP B 369 -0.84 -6.19 -3.58
CA ASP B 369 -1.97 -6.73 -4.32
C ASP B 369 -3.13 -5.75 -4.34
N LEU B 370 -3.99 -5.88 -5.35
CA LEU B 370 -5.06 -4.94 -5.57
C LEU B 370 -6.40 -5.66 -5.68
N PRO B 371 -7.46 -5.12 -5.06
CA PRO B 371 -7.53 -3.88 -4.27
C PRO B 371 -7.23 -4.04 -2.78
N LEU B 372 -6.75 -5.20 -2.38
CA LEU B 372 -6.40 -5.44 -0.98
C LEU B 372 -4.99 -6.03 -0.92
N ALA B 373 -4.11 -5.38 -0.15
CA ALA B 373 -2.71 -5.75 -0.15
C ALA B 373 -2.28 -6.54 1.09
N ASN B 374 -3.18 -6.78 2.04
CA ASN B 374 -2.82 -7.49 3.25
C ASN B 374 -2.28 -8.87 2.90
N TYR B 375 -1.32 -9.34 3.70
CA TYR B 375 -0.75 -10.66 3.48
C TYR B 375 -0.65 -11.46 4.78
N ALA B 376 -1.49 -11.14 5.76
CA ALA B 376 -1.58 -11.88 7.02
C ALA B 376 -2.96 -11.65 7.64
N ASN B 377 -3.28 -12.46 8.66
CA ASN B 377 -4.50 -12.23 9.45
C ASN B 377 -4.47 -10.87 10.11
N THR B 378 -3.32 -10.55 10.71
CA THR B 378 -3.13 -9.32 11.47
C THR B 378 -2.02 -8.54 10.79
N ASN B 379 -2.31 -7.28 10.48
CA ASN B 379 -1.40 -6.41 9.75
C ASN B 379 -0.80 -5.41 10.71
N ALA B 380 0.52 -5.22 10.63
CA ALA B 380 1.22 -4.27 11.52
C ALA B 380 2.40 -3.68 10.75
N ASP B 381 2.16 -2.57 10.06
CA ASP B 381 3.22 -1.77 9.46
C ASP B 381 3.54 -0.58 10.36
N ALA B 382 4.83 -0.27 10.48
CA ALA B 382 5.27 0.86 11.29
C ALA B 382 4.96 2.18 10.58
N VAL B 383 4.41 3.12 11.34
CA VAL B 383 4.16 4.48 10.87
C VAL B 383 5.21 5.37 11.52
N LEU B 384 5.90 6.19 10.72
CA LEU B 384 6.95 7.08 11.22
C LEU B 384 6.66 8.52 10.83
N ASP B 385 7.10 9.47 11.67
CA ASP B 385 7.00 10.89 11.36
C ASP B 385 8.33 11.41 10.76
N ALA B 386 8.41 12.73 10.56
CA ALA B 386 9.58 13.31 9.91
C ALA B 386 10.86 13.12 10.72
N ALA B 387 10.72 12.95 12.03
CA ALA B 387 11.86 12.79 12.90
C ALA B 387 12.22 11.34 13.14
N GLY B 388 11.65 10.41 12.38
CA GLY B 388 11.94 9.01 12.57
C GLY B 388 11.29 8.38 13.79
N ASN B 389 10.38 9.08 14.44
CA ASN B 389 9.65 8.46 15.55
C ASN B 389 8.68 7.43 15.01
N VAL B 390 8.59 6.28 15.68
CA VAL B 390 7.48 5.39 15.41
C VAL B 390 6.26 5.97 16.12
N VAL B 391 5.30 6.47 15.35
CA VAL B 391 4.14 7.17 15.89
C VAL B 391 2.86 6.40 15.69
N GLY B 392 2.91 5.18 15.15
CA GLY B 392 1.65 4.48 14.96
C GLY B 392 1.85 3.15 14.27
N MET B 393 0.71 2.49 14.03
CA MET B 393 0.63 1.17 13.44
C MET B 393 -0.41 1.20 12.34
N SER B 394 -0.01 0.84 11.14
CA SER B 394 -0.93 0.73 10.02
C SER B 394 -1.46 -0.70 9.99
N MET B 395 -2.78 -0.85 9.87
CA MET B 395 -3.42 -2.12 10.20
C MET B 395 -4.28 -2.76 9.11
N PHE B 396 -4.54 -2.08 8.00
CA PHE B 396 -5.34 -2.66 6.91
C PHE B 396 -5.04 -1.84 5.67
N THR B 397 -4.68 -2.49 4.55
CA THR B 397 -4.05 -1.79 3.44
C THR B 397 -4.62 -2.23 2.10
N GLY B 398 -4.86 -1.27 1.21
CA GLY B 398 -5.30 -1.60 -0.13
C GLY B 398 -5.50 -0.38 -1.00
N TYR B 399 -6.46 -0.45 -1.92
CA TYR B 399 -6.62 0.57 -2.94
C TYR B 399 -8.09 0.77 -3.24
N SER B 400 -8.48 2.03 -3.42
CA SER B 400 -9.83 2.41 -3.83
C SER B 400 -9.79 2.94 -5.25
N TYR B 401 -10.53 2.28 -6.15
CA TYR B 401 -10.72 2.81 -7.50
C TYR B 401 -11.55 4.10 -7.49
N ASN B 402 -12.40 4.29 -6.48
CA ASN B 402 -13.16 5.53 -6.39
C ASN B 402 -12.26 6.70 -6.09
N GLU B 403 -11.27 6.51 -5.23
CA GLU B 403 -10.35 7.57 -4.87
C GLU B 403 -9.11 7.61 -5.75
N LYS B 404 -8.86 6.58 -6.54
CA LYS B 404 -7.60 6.42 -7.28
C LYS B 404 -6.40 6.57 -6.35
N ARG B 405 -6.54 6.13 -5.09
CA ARG B 405 -5.46 6.15 -4.11
C ARG B 405 -5.33 4.80 -3.42
N ALA B 406 -4.09 4.42 -3.12
CA ALA B 406 -3.84 3.43 -2.07
C ALA B 406 -4.13 4.05 -0.72
N LEU B 407 -4.77 3.27 0.17
CA LEU B 407 -5.18 3.75 1.49
C LEU B 407 -4.85 2.71 2.55
N SER B 408 -4.67 3.16 3.79
CA SER B 408 -4.59 2.23 4.89
C SER B 408 -5.31 2.81 6.09
N LEU B 409 -5.74 1.94 6.98
CA LEU B 409 -6.31 2.37 8.26
C LEU B 409 -5.24 2.21 9.32
N ALA B 410 -5.11 3.21 10.18
CA ALA B 410 -4.00 3.18 11.12
C ALA B 410 -4.44 3.78 12.45
N THR B 411 -3.63 3.53 13.48
CA THR B 411 -3.77 4.19 14.76
C THR B 411 -2.45 4.90 15.05
N ILE B 412 -2.52 6.21 15.31
CA ILE B 412 -1.34 7.05 15.44
C ILE B 412 -1.49 7.98 16.63
N ASP B 413 -0.35 8.47 17.12
CA ASP B 413 -0.26 9.47 18.17
C ASP B 413 -1.32 10.56 18.01
N HIS B 414 -2.01 10.84 19.12
CA HIS B 414 -3.25 11.62 19.05
C HIS B 414 -3.01 13.04 18.58
N GLU B 415 -1.85 13.60 18.87
CA GLU B 415 -1.65 15.02 18.61
C GLU B 415 -1.33 15.33 17.14
N ILE B 416 -1.15 14.32 16.29
CA ILE B 416 -0.77 14.57 14.90
C ILE B 416 -1.98 15.03 14.10
N PRO B 417 -1.95 16.21 13.48
CA PRO B 417 -3.16 16.73 12.84
C PRO B 417 -3.36 16.19 11.44
N VAL B 418 -4.62 16.20 11.02
CA VAL B 418 -4.97 15.83 9.65
C VAL B 418 -4.14 16.67 8.67
N GLY B 419 -3.75 16.05 7.55
CA GLY B 419 -2.89 16.69 6.59
C GLY B 419 -1.42 16.41 6.76
N THR B 420 -0.99 16.00 7.95
CA THR B 420 0.41 15.67 8.18
C THR B 420 0.85 14.53 7.28
N GLU B 421 2.00 14.69 6.63
CA GLU B 421 2.61 13.61 5.86
C GLU B 421 3.51 12.81 6.80
N LEU B 422 3.18 11.53 6.98
CA LEU B 422 4.02 10.56 7.67
C LEU B 422 4.57 9.59 6.63
N THR B 423 5.31 8.57 7.09
CA THR B 423 5.66 7.46 6.22
C THR B 423 5.16 6.15 6.83
N VAL B 424 4.75 5.24 5.97
CA VAL B 424 4.49 3.86 6.35
C VAL B 424 5.61 3.00 5.77
N LEU B 425 6.29 2.25 6.63
CA LEU B 425 7.30 1.31 6.18
C LEU B 425 6.59 0.09 5.61
N TRP B 426 6.69 -0.07 4.28
CA TRP B 426 6.02 -1.15 3.56
C TRP B 426 7.03 -2.27 3.27
N GLY B 427 6.65 -3.50 3.59
CA GLY B 427 7.54 -4.65 3.46
C GLY B 427 8.15 -5.02 4.80
N GLU B 428 8.79 -6.18 4.82
CA GLU B 428 9.41 -6.73 6.02
C GLU B 428 10.93 -6.74 5.88
N GLU B 429 11.61 -7.06 6.97
CA GLU B 429 13.06 -6.89 7.05
C GLU B 429 13.81 -8.15 6.57
N ASN B 430 15.07 -7.94 6.19
CA ASN B 430 16.00 -9.03 5.82
C ASN B 430 15.42 -9.94 4.73
N GLY B 431 14.77 -9.33 3.74
CA GLY B 431 14.24 -10.06 2.61
C GLY B 431 12.85 -10.62 2.81
N GLY B 432 12.30 -10.56 4.02
CA GLY B 432 10.98 -11.07 4.26
C GLY B 432 10.99 -12.20 5.27
N THR B 433 9.91 -12.31 6.04
CA THR B 433 9.70 -13.45 6.93
C THR B 433 9.40 -14.71 6.12
N ARG B 434 9.21 -15.82 6.83
CA ARG B 434 8.98 -17.11 6.20
C ARG B 434 7.53 -17.36 5.82
N LYS B 435 6.63 -16.40 6.03
CA LYS B 435 5.23 -16.57 5.68
C LYS B 435 5.09 -16.95 4.21
N THR B 436 4.15 -17.86 3.92
CA THR B 436 4.03 -18.32 2.54
C THR B 436 3.42 -17.28 1.63
N THR B 437 2.85 -16.21 2.17
CA THR B 437 2.37 -15.10 1.36
C THR B 437 3.49 -14.12 0.98
N VAL B 438 4.73 -14.35 1.40
CA VAL B 438 5.79 -13.35 1.29
C VAL B 438 6.82 -13.86 0.29
N GLU B 439 6.88 -13.21 -0.85
CA GLU B 439 7.99 -13.33 -1.77
C GLU B 439 9.17 -12.50 -1.27
N PRO B 440 10.40 -12.84 -1.68
CA PRO B 440 11.56 -12.02 -1.27
C PRO B 440 11.44 -10.59 -1.78
N HIS B 441 11.82 -9.64 -0.93
CA HIS B 441 11.65 -8.23 -1.26
C HIS B 441 12.48 -7.37 -0.32
N LYS B 442 12.56 -6.08 -0.66
CA LYS B 442 13.18 -5.06 0.16
C LYS B 442 12.12 -4.05 0.59
N GLN B 443 12.42 -3.31 1.66
CA GLN B 443 11.46 -2.39 2.25
C GLN B 443 11.50 -1.03 1.57
N MET B 444 10.40 -0.30 1.70
CA MET B 444 10.34 1.09 1.27
C MET B 444 9.53 1.92 2.25
N ALA B 445 9.98 3.14 2.53
CA ALA B 445 9.18 4.09 3.27
C ALA B 445 8.21 4.78 2.30
N VAL B 446 6.92 4.59 2.51
CA VAL B 446 5.90 5.15 1.63
C VAL B 446 5.33 6.39 2.31
N ARG B 447 5.27 7.49 1.57
CA ARG B 447 4.69 8.72 2.11
C ARG B 447 3.17 8.57 2.21
N ALA B 448 2.61 8.97 3.35
CA ALA B 448 1.18 8.83 3.58
C ALA B 448 0.66 10.00 4.39
N VAL B 449 -0.49 10.54 3.97
CA VAL B 449 -1.05 11.75 4.56
C VAL B 449 -2.20 11.37 5.49
N VAL B 450 -2.12 11.84 6.74
CA VAL B 450 -3.20 11.61 7.72
C VAL B 450 -4.50 12.23 7.22
N SER B 451 -5.56 11.44 7.22
CA SER B 451 -6.81 11.83 6.61
C SER B 451 -7.97 11.43 7.52
N PRO B 452 -9.16 11.99 7.31
CA PRO B 452 -10.30 11.62 8.16
C PRO B 452 -10.65 10.14 8.02
N VAL B 453 -11.33 9.62 9.04
CA VAL B 453 -11.96 8.32 8.98
C VAL B 453 -13.45 8.51 9.30
N PRO B 454 -14.39 8.08 8.43
CA PRO B 454 -14.20 7.48 7.10
C PRO B 454 -13.49 8.43 6.13
N TYR B 455 -12.79 7.87 5.13
CA TYR B 455 -11.89 8.68 4.32
C TYR B 455 -12.61 9.75 3.52
N SER B 456 -12.06 10.97 3.53
CA SER B 456 -12.59 12.11 2.75
C SER B 456 -11.50 13.10 2.28
N PRO C 7 -34.32 -17.42 -29.48
CA PRO C 7 -33.09 -17.74 -30.21
C PRO C 7 -32.45 -19.04 -29.71
N THR C 8 -32.39 -20.06 -30.55
CA THR C 8 -32.09 -21.41 -30.10
C THR C 8 -30.71 -21.92 -30.49
N ASN C 9 -30.03 -21.29 -31.46
CA ASN C 9 -28.72 -21.77 -31.87
C ASN C 9 -27.87 -20.58 -32.28
N LEU C 10 -26.61 -20.86 -32.64
CA LEU C 10 -25.67 -19.79 -32.97
C LEU C 10 -26.12 -19.03 -34.21
N GLU C 11 -26.64 -19.75 -35.22
CA GLU C 11 -27.14 -19.09 -36.43
C GLU C 11 -28.14 -17.99 -36.08
N GLN C 12 -29.19 -18.33 -35.34
CA GLN C 12 -30.18 -17.34 -34.94
C GLN C 12 -29.59 -16.25 -34.06
N VAL C 13 -28.61 -16.61 -33.23
CA VAL C 13 -27.94 -15.59 -32.40
C VAL C 13 -27.19 -14.61 -33.29
N LEU C 14 -26.46 -15.12 -34.28
CA LEU C 14 -25.74 -14.24 -35.22
C LEU C 14 -26.72 -13.41 -36.04
N ALA C 15 -27.86 -13.99 -36.40
CA ALA C 15 -28.83 -13.27 -37.23
C ALA C 15 -29.43 -12.08 -36.49
N ALA C 16 -29.96 -12.31 -35.30
CA ALA C 16 -30.62 -11.26 -34.53
C ALA C 16 -29.64 -10.35 -33.80
N GLY C 17 -28.33 -10.60 -33.91
CA GLY C 17 -27.37 -9.90 -33.09
C GLY C 17 -26.56 -8.84 -33.79
N GLY C 18 -26.79 -8.64 -35.08
CA GLY C 18 -26.02 -7.64 -35.80
C GLY C 18 -24.60 -8.11 -36.07
N ASN C 19 -23.71 -7.12 -36.22
CA ASN C 19 -22.32 -7.39 -36.56
C ASN C 19 -21.68 -8.36 -35.59
N THR C 20 -21.10 -9.42 -36.13
CA THR C 20 -20.62 -10.51 -35.28
C THR C 20 -19.42 -10.08 -34.43
N VAL C 21 -18.52 -9.28 -34.99
CA VAL C 21 -17.40 -8.78 -34.20
C VAL C 21 -17.89 -7.83 -33.11
N GLU C 22 -18.86 -6.97 -33.43
CA GLU C 22 -19.36 -6.05 -32.42
C GLU C 22 -20.04 -6.82 -31.28
N MET C 23 -20.72 -7.92 -31.60
CA MET C 23 -21.40 -8.69 -30.57
C MET C 23 -20.40 -9.38 -29.64
N LEU C 24 -19.34 -9.96 -30.22
CA LEU C 24 -18.36 -10.69 -29.40
C LEU C 24 -17.48 -9.74 -28.59
N ARG C 25 -17.15 -8.58 -29.14
CA ARG C 25 -16.29 -7.64 -28.43
C ARG C 25 -17.03 -6.87 -27.34
N ASN C 26 -18.36 -6.99 -27.29
CA ASN C 26 -19.17 -6.35 -26.26
C ASN C 26 -19.99 -7.35 -25.45
N SER C 27 -19.61 -8.62 -25.48
CA SER C 27 -20.33 -9.67 -24.76
C SER C 27 -20.33 -9.41 -23.25
N GLN C 28 -21.39 -9.84 -22.58
CA GLN C 28 -21.56 -9.65 -21.15
C GLN C 28 -21.14 -10.88 -20.34
N ILE C 29 -20.45 -11.83 -20.97
CA ILE C 29 -20.14 -13.09 -20.31
C ILE C 29 -19.19 -12.91 -19.14
N GLY C 30 -18.39 -11.85 -19.11
CA GLY C 30 -17.46 -11.64 -18.02
C GLY C 30 -16.13 -12.33 -18.26
N ALA C 31 -15.37 -12.50 -17.17
CA ALA C 31 -14.01 -13.04 -17.31
C ALA C 31 -14.06 -14.51 -17.70
N TYR C 32 -12.98 -14.97 -18.33
CA TYR C 32 -12.75 -16.40 -18.54
C TYR C 32 -12.09 -16.95 -17.28
N VAL C 33 -12.86 -17.71 -16.51
CA VAL C 33 -12.48 -18.13 -15.16
C VAL C 33 -11.85 -19.51 -15.23
N TYR C 34 -10.77 -19.69 -14.49
CA TYR C 34 -10.22 -21.00 -14.22
C TYR C 34 -10.77 -21.44 -12.87
N PRO C 35 -11.80 -22.28 -12.84
CA PRO C 35 -12.70 -22.33 -11.66
C PRO C 35 -12.24 -23.27 -10.56
N VAL C 36 -12.91 -23.11 -9.42
CA VAL C 36 -12.90 -24.00 -8.26
C VAL C 36 -11.58 -24.03 -7.51
N VAL C 37 -10.48 -24.27 -8.22
CA VAL C 37 -9.17 -24.32 -7.56
C VAL C 37 -8.91 -22.99 -6.85
N ALA C 38 -8.43 -23.06 -5.61
CA ALA C 38 -8.16 -21.85 -4.86
C ALA C 38 -7.27 -20.93 -5.69
N PRO C 39 -7.55 -19.63 -5.73
CA PRO C 39 -6.65 -18.71 -6.47
C PRO C 39 -5.19 -18.87 -6.10
N GLU C 40 -4.89 -18.98 -4.80
CA GLU C 40 -3.52 -19.06 -4.31
C GLU C 40 -3.47 -20.01 -3.12
N PHE C 41 -2.37 -20.74 -2.99
CA PHE C 41 -2.06 -21.54 -1.80
C PHE C 41 -0.99 -20.87 -0.96
N SER C 42 0.06 -20.37 -1.59
CA SER C 42 1.05 -19.56 -0.91
C SER C 42 0.90 -18.16 -1.47
N ASN C 43 1.55 -17.84 -2.59
CA ASN C 43 1.25 -16.65 -3.37
C ASN C 43 1.70 -16.95 -4.80
N TRP C 44 1.09 -16.26 -5.76
CA TRP C 44 1.32 -16.63 -7.16
C TRP C 44 2.79 -16.46 -7.56
N ARG C 45 3.53 -15.59 -6.89
CA ARG C 45 4.93 -15.36 -7.24
C ARG C 45 5.79 -16.56 -6.83
N THR C 46 5.66 -16.99 -5.59
CA THR C 46 6.35 -18.20 -5.15
C THR C 46 5.90 -19.41 -5.95
N GLU C 47 4.64 -19.44 -6.40
CA GLU C 47 4.15 -20.59 -7.14
C GLU C 47 4.76 -20.64 -8.53
N GLN C 48 4.86 -19.49 -9.20
CA GLN C 48 5.58 -19.43 -10.46
C GLN C 48 7.03 -19.83 -10.28
N TRP C 49 7.66 -19.31 -9.23
CA TRP C 49 9.07 -19.61 -8.98
C TRP C 49 9.31 -21.10 -8.71
N ALA C 50 8.29 -21.82 -8.20
CA ALA C 50 8.52 -23.21 -7.84
C ALA C 50 8.50 -24.14 -9.04
N TRP C 51 7.68 -23.85 -10.06
CA TRP C 51 7.73 -24.73 -11.21
C TRP C 51 9.05 -24.60 -11.97
N ARG C 52 9.77 -23.51 -11.79
CA ARG C 52 11.09 -23.41 -12.39
C ARG C 52 12.21 -23.86 -11.46
N ASN C 53 12.02 -23.85 -10.14
CA ASN C 53 13.15 -24.04 -9.23
C ASN C 53 13.05 -25.24 -8.30
N SER C 54 11.87 -25.80 -8.08
CA SER C 54 11.77 -26.98 -7.24
C SER C 54 10.81 -27.97 -7.90
N ALA C 55 9.55 -27.97 -7.47
CA ALA C 55 8.53 -28.76 -8.15
C ALA C 55 7.17 -28.22 -7.76
N VAL C 56 6.17 -28.47 -8.61
CA VAL C 56 4.81 -28.00 -8.35
C VAL C 56 3.79 -29.09 -8.66
N LEU C 57 2.60 -28.92 -8.07
CA LEU C 57 1.42 -29.68 -8.45
C LEU C 57 0.45 -28.73 -9.13
N PHE C 58 0.17 -28.97 -10.42
CA PHE C 58 -0.88 -28.24 -11.12
C PHE C 58 -2.19 -29.00 -10.94
N ASP C 59 -3.24 -28.30 -10.55
CA ASP C 59 -4.56 -28.92 -10.43
C ASP C 59 -5.37 -28.56 -11.67
N GLN C 60 -5.47 -29.51 -12.61
CA GLN C 60 -6.11 -29.30 -13.90
C GLN C 60 -7.54 -29.86 -13.95
N THR C 61 -8.18 -30.05 -12.79
CA THR C 61 -9.40 -30.83 -12.68
C THR C 61 -10.65 -30.10 -13.16
N HIS C 62 -10.63 -28.77 -13.20
CA HIS C 62 -11.88 -28.02 -13.32
C HIS C 62 -12.01 -27.07 -14.50
N HIS C 63 -10.94 -26.78 -15.25
CA HIS C 63 -11.01 -25.72 -16.25
C HIS C 63 -11.14 -26.22 -17.68
N MET C 64 -11.10 -27.52 -17.92
N MET C 64 -11.09 -27.52 -17.93
CA MET C 64 -11.18 -28.07 -19.28
CA MET C 64 -11.19 -28.06 -19.27
C MET C 64 -12.38 -28.99 -19.43
C MET C 64 -12.42 -28.95 -19.41
N VAL C 65 -12.89 -29.07 -20.65
CA VAL C 65 -14.00 -29.96 -20.98
C VAL C 65 -13.43 -31.35 -21.24
N ASP C 66 -14.11 -32.38 -20.74
CA ASP C 66 -13.69 -33.76 -20.95
C ASP C 66 -14.68 -34.45 -21.86
N LEU C 67 -14.17 -35.08 -22.92
CA LEU C 67 -15.03 -35.75 -23.91
C LEU C 67 -14.55 -37.18 -24.06
N TYR C 68 -15.29 -38.12 -23.47
CA TYR C 68 -15.01 -39.55 -23.56
C TYR C 68 -15.67 -40.09 -24.81
N ILE C 69 -14.87 -40.66 -25.71
CA ILE C 69 -15.35 -41.15 -27.00
C ILE C 69 -15.08 -42.65 -27.05
N ARG C 70 -16.13 -43.43 -27.23
CA ARG C 70 -16.02 -44.88 -27.34
C ARG C 70 -16.84 -45.37 -28.52
N GLY C 71 -16.33 -46.38 -29.22
CA GLY C 71 -17.11 -47.01 -30.28
C GLY C 71 -16.23 -47.53 -31.39
N LYS C 72 -16.88 -48.19 -32.36
CA LYS C 72 -16.17 -48.80 -33.47
C LYS C 72 -15.44 -47.76 -34.31
N ASP C 73 -16.07 -46.59 -34.54
CA ASP C 73 -15.52 -45.55 -35.39
C ASP C 73 -14.85 -44.42 -34.59
N ALA C 74 -14.39 -44.70 -33.38
CA ALA C 74 -13.79 -43.63 -32.58
C ALA C 74 -12.48 -43.16 -33.20
N LEU C 75 -11.62 -44.11 -33.62
CA LEU C 75 -10.39 -43.73 -34.30
C LEU C 75 -10.70 -43.00 -35.60
N LYS C 76 -11.75 -43.43 -36.31
CA LYS C 76 -12.12 -42.78 -37.57
C LYS C 76 -12.56 -41.34 -37.36
N LEU C 77 -13.47 -41.11 -36.40
CA LEU C 77 -13.99 -39.76 -36.18
C LEU C 77 -12.86 -38.78 -35.89
N LEU C 78 -11.83 -39.23 -35.16
CA LEU C 78 -10.69 -38.37 -34.88
C LEU C 78 -9.88 -38.13 -36.15
N SER C 79 -9.51 -39.21 -36.85
CA SER C 79 -8.70 -39.07 -38.07
C SER C 79 -9.38 -38.20 -39.12
N ASP C 80 -10.72 -38.27 -39.20
CA ASP C 80 -11.44 -37.46 -40.20
C ASP C 80 -11.37 -35.97 -39.89
N THR C 81 -11.22 -35.58 -38.63
CA THR C 81 -11.31 -34.18 -38.26
C THR C 81 -9.99 -33.53 -37.89
N MET C 82 -8.90 -34.29 -37.76
CA MET C 82 -7.64 -33.77 -37.24
C MET C 82 -6.57 -33.67 -38.33
N ILE C 83 -5.78 -32.59 -38.26
CA ILE C 83 -4.64 -32.45 -39.15
C ILE C 83 -3.50 -33.40 -38.80
N ASN C 84 -3.56 -34.04 -37.64
CA ASN C 84 -2.52 -34.96 -37.19
C ASN C 84 -2.58 -36.28 -37.95
N SER C 85 -1.41 -36.88 -38.15
CA SER C 85 -1.34 -38.18 -38.81
C SER C 85 -1.80 -39.28 -37.86
N PRO C 86 -2.74 -40.14 -38.28
CA PRO C 86 -3.10 -41.30 -37.45
C PRO C 86 -2.19 -42.49 -37.62
N LYS C 87 -1.15 -42.37 -38.46
CA LYS C 87 -0.30 -43.51 -38.78
C LYS C 87 0.50 -43.94 -37.56
N GLY C 88 0.35 -45.20 -37.16
CA GLY C 88 1.07 -45.75 -36.04
C GLY C 88 0.53 -45.36 -34.69
N TRP C 89 -0.66 -44.78 -34.63
CA TRP C 89 -1.28 -44.35 -33.37
C TRP C 89 -1.87 -45.58 -32.68
N GLU C 90 -1.23 -46.02 -31.61
CA GLU C 90 -1.68 -47.14 -30.81
C GLU C 90 -2.14 -46.66 -29.43
N PRO C 91 -2.88 -47.49 -28.69
CA PRO C 91 -3.20 -47.11 -27.30
C PRO C 91 -1.95 -46.80 -26.49
N ASN C 92 -2.13 -45.96 -25.47
CA ASN C 92 -1.06 -45.43 -24.62
C ASN C 92 -0.14 -44.47 -25.36
N LYS C 93 -0.72 -43.74 -26.31
CA LYS C 93 -0.10 -42.57 -26.90
C LYS C 93 -1.16 -41.48 -26.96
N ALA C 94 -0.78 -40.26 -26.62
CA ALA C 94 -1.66 -39.11 -26.71
C ALA C 94 -1.23 -38.20 -27.84
N LYS C 95 -2.15 -37.36 -28.30
CA LYS C 95 -1.90 -36.47 -29.42
C LYS C 95 -2.58 -35.15 -29.17
N GLN C 96 -1.92 -34.06 -29.57
CA GLN C 96 -2.59 -32.76 -29.47
C GLN C 96 -3.51 -32.61 -30.67
N TYR C 97 -4.75 -33.04 -30.48
CA TYR C 97 -5.79 -32.94 -31.50
C TYR C 97 -6.02 -31.49 -31.91
N VAL C 98 -5.79 -31.19 -33.20
CA VAL C 98 -6.06 -29.86 -33.73
C VAL C 98 -6.96 -29.95 -34.96
N PRO C 99 -8.28 -29.70 -34.82
CA PRO C 99 -9.18 -29.74 -35.99
C PRO C 99 -9.32 -28.41 -36.72
N VAL C 100 -9.23 -28.43 -38.05
CA VAL C 100 -9.42 -27.22 -38.86
C VAL C 100 -10.81 -27.25 -39.48
N THR C 101 -11.26 -26.07 -39.95
CA THR C 101 -12.49 -25.97 -40.71
C THR C 101 -12.25 -26.45 -42.14
N PRO C 102 -13.31 -26.63 -42.94
CA PRO C 102 -13.09 -26.85 -44.37
C PRO C 102 -12.26 -25.75 -45.01
N TYR C 103 -12.34 -24.53 -44.49
CA TYR C 103 -11.62 -23.38 -45.03
C TYR C 103 -10.19 -23.28 -44.53
N GLY C 104 -9.73 -24.22 -43.70
CA GLY C 104 -8.33 -24.27 -43.29
C GLY C 104 -7.99 -23.57 -41.99
N HIS C 105 -8.98 -23.09 -41.24
CA HIS C 105 -8.72 -22.31 -40.03
C HIS C 105 -8.91 -23.15 -38.78
N VAL C 106 -8.14 -22.82 -37.74
CA VAL C 106 -8.17 -23.54 -36.47
C VAL C 106 -9.52 -23.34 -35.78
N ILE C 107 -10.09 -24.46 -35.29
CA ILE C 107 -11.31 -24.43 -34.49
C ILE C 107 -10.98 -24.42 -33.00
N GLY C 108 -9.93 -25.12 -32.62
CA GLY C 108 -9.57 -25.32 -31.24
C GLY C 108 -8.44 -26.31 -31.15
N ASP C 109 -8.19 -26.81 -29.95
CA ASP C 109 -7.22 -27.88 -29.78
C ASP C 109 -7.35 -28.45 -28.38
N GLY C 110 -6.84 -29.67 -28.22
CA GLY C 110 -6.81 -30.32 -26.92
C GLY C 110 -5.93 -31.54 -26.99
N ILE C 111 -5.91 -32.29 -25.89
CA ILE C 111 -5.15 -33.53 -25.84
C ILE C 111 -6.12 -34.69 -25.97
N ILE C 112 -5.77 -35.67 -26.80
CA ILE C 112 -6.57 -36.88 -26.94
C ILE C 112 -5.73 -38.06 -26.52
N PHE C 113 -6.24 -38.82 -25.56
CA PHE C 113 -5.57 -39.98 -25.01
C PHE C 113 -6.11 -41.23 -25.69
N TYR C 114 -5.23 -42.03 -26.26
CA TYR C 114 -5.60 -43.35 -26.74
C TYR C 114 -5.59 -44.25 -25.52
N LEU C 115 -6.76 -44.37 -24.88
CA LEU C 115 -6.85 -45.08 -23.60
C LEU C 115 -6.79 -46.59 -23.82
N ALA C 116 -7.61 -47.10 -24.73
CA ALA C 116 -7.65 -48.50 -25.10
C ALA C 116 -8.26 -48.58 -26.49
N GLU C 117 -8.37 -49.81 -27.01
CA GLU C 117 -9.11 -50.04 -28.24
C GLU C 117 -10.50 -49.43 -28.16
N GLU C 118 -10.83 -48.61 -29.14
CA GLU C 118 -12.16 -47.98 -29.23
C GLU C 118 -12.46 -47.10 -28.02
N GLU C 119 -11.43 -46.56 -27.38
CA GLU C 119 -11.62 -45.76 -26.16
C GLU C 119 -10.66 -44.58 -26.19
N PHE C 120 -11.21 -43.38 -26.32
CA PHE C 120 -10.45 -42.13 -26.32
C PHE C 120 -11.09 -41.14 -25.37
N VAL C 121 -10.30 -40.15 -24.95
CA VAL C 121 -10.82 -39.03 -24.19
C VAL C 121 -10.18 -37.75 -24.72
N TYR C 122 -11.00 -36.74 -24.96
CA TYR C 122 -10.53 -35.42 -25.33
C TYR C 122 -10.52 -34.54 -24.08
N VAL C 123 -9.47 -33.75 -23.93
CA VAL C 123 -9.35 -32.78 -22.83
C VAL C 123 -8.93 -31.43 -23.41
N GLY C 124 -9.82 -30.45 -23.32
CA GLY C 124 -9.45 -29.10 -23.72
C GLY C 124 -10.63 -28.17 -23.61
N ARG C 125 -10.47 -26.97 -24.15
CA ARG C 125 -11.54 -25.99 -24.12
C ARG C 125 -12.77 -26.54 -24.84
N ALA C 126 -13.89 -25.84 -24.69
CA ALA C 126 -15.14 -26.28 -25.34
C ALA C 126 -15.08 -26.32 -26.86
N PRO C 127 -14.44 -25.36 -27.60
CA PRO C 127 -14.52 -25.37 -29.07
C PRO C 127 -14.34 -26.73 -29.75
N ALA C 128 -13.15 -27.32 -29.66
CA ALA C 128 -12.90 -28.61 -30.32
C ALA C 128 -13.83 -29.71 -29.82
N ALA C 129 -14.35 -29.60 -28.59
CA ALA C 129 -15.23 -30.62 -28.07
C ALA C 129 -16.62 -30.53 -28.69
N ASN C 130 -17.10 -29.32 -28.97
CA ASN C 130 -18.36 -29.16 -29.68
C ASN C 130 -18.25 -29.68 -31.11
N TRP C 131 -17.11 -29.46 -31.75
CA TRP C 131 -16.86 -29.97 -33.09
C TRP C 131 -16.98 -31.50 -33.11
N LEU C 132 -16.31 -32.16 -32.16
CA LEU C 132 -16.34 -33.62 -32.11
C LEU C 132 -17.75 -34.13 -31.82
N MET C 133 -18.47 -33.48 -30.92
CA MET C 133 -19.83 -33.92 -30.63
C MET C 133 -20.76 -33.74 -31.83
N TYR C 134 -20.54 -32.71 -32.64
CA TYR C 134 -21.42 -32.48 -33.78
C TYR C 134 -21.20 -33.54 -34.85
N HIS C 135 -19.94 -33.83 -35.18
CA HIS C 135 -19.64 -34.86 -36.16
C HIS C 135 -19.96 -36.25 -35.65
N ALA C 136 -20.08 -36.43 -34.34
CA ALA C 136 -20.57 -37.69 -33.81
C ALA C 136 -22.09 -37.78 -33.90
N GLN C 137 -22.80 -36.70 -33.55
CA GLN C 137 -24.25 -36.73 -33.49
C GLN C 137 -24.88 -36.80 -34.87
N THR C 138 -24.24 -36.21 -35.87
CA THR C 138 -24.87 -35.99 -37.17
C THR C 138 -24.15 -36.65 -38.34
N GLY C 139 -22.92 -37.12 -38.15
CA GLY C 139 -22.16 -37.69 -39.25
C GLY C 139 -22.27 -39.19 -39.40
N GLY C 140 -23.29 -39.79 -38.79
CA GLY C 140 -23.48 -41.23 -38.88
C GLY C 140 -22.33 -42.06 -38.34
N TYR C 141 -21.46 -41.49 -37.51
CA TYR C 141 -20.38 -42.26 -36.92
C TYR C 141 -20.90 -43.21 -35.85
N ASN C 142 -20.28 -44.39 -35.77
CA ASN C 142 -20.68 -45.37 -34.76
C ASN C 142 -19.79 -45.18 -33.54
N VAL C 143 -20.19 -44.21 -32.71
CA VAL C 143 -19.46 -43.87 -31.50
C VAL C 143 -20.46 -43.44 -30.42
N ASP C 144 -20.07 -43.62 -29.17
CA ASP C 144 -20.76 -43.07 -28.02
C ASP C 144 -19.89 -41.99 -27.38
N ILE C 145 -20.52 -40.89 -26.99
CA ILE C 145 -19.83 -39.73 -26.42
C ILE C 145 -20.38 -39.46 -25.03
N VAL C 146 -19.48 -39.33 -24.05
CA VAL C 146 -19.83 -38.84 -22.71
C VAL C 146 -19.15 -37.49 -22.51
N HIS C 147 -19.97 -36.45 -22.36
CA HIS C 147 -19.48 -35.07 -22.25
C HIS C 147 -19.48 -34.66 -20.79
N ASP C 148 -18.31 -34.29 -20.26
CA ASP C 148 -18.14 -33.83 -18.89
C ASP C 148 -17.65 -32.38 -18.95
N ASP C 149 -18.57 -31.44 -18.72
CA ASP C 149 -18.29 -30.02 -18.87
C ASP C 149 -17.19 -29.57 -17.91
N ARG C 150 -16.54 -28.46 -18.24
CA ARG C 150 -15.70 -27.80 -17.25
C ARG C 150 -16.58 -27.37 -16.07
N SER C 151 -15.95 -27.12 -14.93
CA SER C 151 -16.70 -26.79 -13.73
C SER C 151 -17.31 -25.40 -13.84
N PRO C 152 -18.40 -25.13 -13.10
CA PRO C 152 -19.01 -23.80 -13.18
C PRO C 152 -18.03 -22.72 -12.74
N SER C 153 -18.09 -21.57 -13.42
CA SER C 153 -17.14 -20.49 -13.14
C SER C 153 -17.28 -19.97 -11.72
N ARG C 154 -18.53 -19.89 -11.23
CA ARG C 154 -18.85 -19.38 -9.89
C ARG C 154 -19.78 -20.36 -9.20
N PRO C 155 -19.25 -21.45 -8.66
CA PRO C 155 -20.12 -22.45 -8.01
C PRO C 155 -20.90 -21.90 -6.83
N MET C 156 -20.35 -20.91 -6.12
CA MET C 156 -21.03 -20.21 -5.02
C MET C 156 -21.57 -21.19 -3.98
N GLY C 157 -20.70 -22.11 -3.56
CA GLY C 157 -21.04 -23.03 -2.49
C GLY C 157 -21.77 -24.29 -2.90
N LYS C 158 -22.15 -24.43 -4.17
CA LYS C 158 -22.78 -25.66 -4.63
C LYS C 158 -21.72 -26.74 -4.87
N PRO C 159 -22.06 -28.00 -4.66
CA PRO C 159 -21.07 -29.07 -4.87
C PRO C 159 -20.68 -29.15 -6.34
N VAL C 160 -19.40 -29.45 -6.57
CA VAL C 160 -18.83 -29.57 -7.91
C VAL C 160 -18.41 -31.02 -8.11
N GLN C 161 -18.71 -31.57 -9.28
CA GLN C 161 -18.37 -32.95 -9.61
C GLN C 161 -17.78 -33.02 -11.02
N ARG C 162 -16.70 -33.77 -11.15
CA ARG C 162 -16.11 -34.16 -12.42
C ARG C 162 -16.08 -35.68 -12.49
N ILE C 163 -15.72 -36.20 -13.65
CA ILE C 163 -15.52 -37.64 -13.74
C ILE C 163 -14.12 -38.00 -13.24
N SER C 164 -13.12 -37.25 -13.67
CA SER C 164 -11.75 -37.48 -13.24
C SER C 164 -11.16 -36.23 -12.62
N TRP C 165 -10.15 -36.43 -11.77
CA TRP C 165 -9.19 -35.39 -11.43
C TRP C 165 -7.99 -35.49 -12.35
N ARG C 166 -7.34 -34.35 -12.59
CA ARG C 166 -6.16 -34.29 -13.44
C ARG C 166 -5.12 -33.37 -12.80
N PHE C 167 -3.95 -33.93 -12.52
CA PHE C 167 -2.85 -33.17 -11.95
C PHE C 167 -1.64 -33.26 -12.88
N GLN C 168 -0.73 -32.31 -12.72
CA GLN C 168 0.61 -32.44 -13.29
C GLN C 168 1.62 -32.22 -12.18
N ILE C 169 2.71 -32.97 -12.24
CA ILE C 169 3.84 -32.79 -11.34
C ILE C 169 5.02 -32.35 -12.20
N GLN C 170 5.40 -31.07 -12.09
CA GLN C 170 6.41 -30.48 -12.98
C GLN C 170 7.51 -29.79 -12.18
N GLY C 171 8.64 -29.57 -12.85
CA GLY C 171 9.75 -28.84 -12.28
C GLY C 171 11.03 -29.64 -12.26
N PRO C 172 12.12 -28.99 -11.85
CA PRO C 172 13.41 -29.70 -11.77
C PRO C 172 13.38 -30.93 -10.89
N LYS C 173 12.60 -30.89 -9.81
CA LYS C 173 12.56 -32.01 -8.88
C LYS C 173 11.29 -32.85 -9.03
N ALA C 174 10.58 -32.69 -10.15
CA ALA C 174 9.35 -33.44 -10.36
C ALA C 174 9.60 -34.94 -10.39
N TRP C 175 10.66 -35.38 -11.08
CA TRP C 175 10.89 -36.81 -11.19
C TRP C 175 11.29 -37.41 -9.85
N ASP C 176 12.04 -36.67 -9.02
CA ASP C 176 12.33 -37.13 -7.67
C ASP C 176 11.05 -37.41 -6.89
N VAL C 177 10.09 -36.48 -6.96
CA VAL C 177 8.81 -36.69 -6.28
C VAL C 177 8.09 -37.89 -6.85
N ILE C 178 8.07 -38.00 -8.19
CA ILE C 178 7.32 -39.07 -8.85
C ILE C 178 7.85 -40.44 -8.42
N GLU C 179 9.18 -40.60 -8.42
CA GLU C 179 9.75 -41.89 -8.05
C GLU C 179 9.53 -42.20 -6.57
N LYS C 180 9.49 -41.16 -5.72
CA LYS C 180 9.18 -41.39 -4.31
C LYS C 180 7.75 -41.88 -4.14
N LEU C 181 6.81 -41.31 -4.90
CA LEU C 181 5.44 -41.82 -4.88
C LEU C 181 5.38 -43.25 -5.42
N HIS C 182 5.99 -43.47 -6.59
CA HIS C 182 5.89 -44.75 -7.27
C HIS C 182 6.46 -45.88 -6.43
N GLY C 183 7.38 -45.58 -5.52
CA GLY C 183 8.04 -46.58 -4.73
C GLY C 183 9.31 -47.12 -5.34
N GLY C 184 9.88 -46.44 -6.32
CA GLY C 184 11.09 -46.91 -6.97
C GLY C 184 11.29 -46.22 -8.30
N THR C 185 12.33 -46.66 -9.00
CA THR C 185 12.65 -46.11 -10.31
C THR C 185 11.47 -46.23 -11.25
N LEU C 186 11.28 -45.21 -12.08
CA LEU C 186 10.21 -45.16 -13.07
C LEU C 186 10.78 -44.73 -14.40
N GLU C 187 10.45 -45.46 -15.46
CA GLU C 187 10.99 -45.19 -16.79
C GLU C 187 10.44 -43.89 -17.35
N LYS C 188 11.33 -42.95 -17.69
CA LYS C 188 10.95 -41.71 -18.35
C LYS C 188 10.56 -41.99 -19.80
N LEU C 189 9.28 -42.19 -20.07
CA LEU C 189 8.84 -42.57 -21.40
C LEU C 189 9.06 -41.42 -22.39
N LYS C 190 8.92 -41.74 -23.67
CA LYS C 190 9.01 -40.73 -24.70
C LYS C 190 7.85 -39.75 -24.56
N PHE C 191 8.03 -38.55 -25.10
CA PHE C 191 7.05 -37.48 -24.96
C PHE C 191 5.67 -37.93 -25.42
N PHE C 192 4.66 -37.60 -24.62
CA PHE C 192 3.25 -37.94 -24.84
C PHE C 192 2.99 -39.45 -24.92
N ASN C 193 3.92 -40.28 -24.46
CA ASN C 193 3.61 -41.69 -24.23
C ASN C 193 3.02 -41.88 -22.85
N MET C 194 2.10 -42.83 -22.74
CA MET C 194 1.35 -43.07 -21.52
C MET C 194 1.78 -44.37 -20.84
N ALA C 195 1.63 -44.40 -19.52
CA ALA C 195 1.96 -45.57 -18.72
C ALA C 195 1.17 -45.53 -17.42
N GLU C 196 1.79 -45.96 -16.32
CA GLU C 196 1.12 -45.97 -15.04
C GLU C 196 2.16 -45.80 -13.95
N MET C 197 1.69 -45.40 -12.78
CA MET C 197 2.55 -45.29 -11.60
C MET C 197 1.71 -45.57 -10.36
N ASN C 198 2.39 -45.76 -9.25
CA ASN C 198 1.75 -46.07 -7.98
C ASN C 198 1.61 -44.79 -7.16
N ILE C 199 0.38 -44.51 -6.73
CA ILE C 199 0.12 -43.40 -5.83
C ILE C 199 -0.86 -43.89 -4.77
N ALA C 200 -0.43 -43.87 -3.51
CA ALA C 200 -1.27 -44.26 -2.37
C ALA C 200 -2.05 -45.54 -2.66
N GLY C 201 -1.32 -46.58 -3.06
CA GLY C 201 -1.92 -47.87 -3.29
C GLY C 201 -2.83 -47.96 -4.50
N MET C 202 -2.92 -46.90 -5.30
CA MET C 202 -3.69 -46.92 -6.53
C MET C 202 -2.75 -47.04 -7.73
N LYS C 203 -3.26 -47.64 -8.81
CA LYS C 203 -2.56 -47.65 -10.09
C LYS C 203 -3.10 -46.46 -10.88
N ILE C 204 -2.23 -45.47 -11.12
CA ILE C 204 -2.61 -44.19 -11.70
C ILE C 204 -1.97 -44.09 -13.07
N ARG C 205 -2.79 -43.91 -14.10
CA ARG C 205 -2.28 -43.75 -15.47
C ARG C 205 -1.53 -42.43 -15.59
N THR C 206 -0.53 -42.42 -16.48
CA THR C 206 0.43 -41.33 -16.58
C THR C 206 0.60 -40.88 -18.03
N LEU C 207 1.01 -39.64 -18.19
CA LEU C 207 1.31 -39.07 -19.51
C LEU C 207 2.57 -38.22 -19.37
N ARG C 208 3.55 -38.49 -20.23
CA ARG C 208 4.83 -37.80 -20.15
C ARG C 208 4.71 -36.38 -20.70
N HIS C 209 5.17 -35.41 -19.91
CA HIS C 209 5.06 -33.98 -20.25
C HIS C 209 6.41 -33.28 -20.05
N ALA C 214 13.56 -30.87 -18.18
CA ALA C 214 12.87 -31.23 -16.94
C ALA C 214 11.62 -32.10 -17.21
N PRO C 215 11.74 -33.42 -16.98
CA PRO C 215 10.60 -34.32 -17.21
C PRO C 215 9.56 -34.20 -16.11
N GLY C 216 8.29 -34.12 -16.51
CA GLY C 216 7.18 -34.22 -15.59
C GLY C 216 6.18 -35.25 -16.07
N LEU C 217 5.08 -35.36 -15.32
CA LEU C 217 3.97 -36.22 -15.73
C LEU C 217 2.66 -35.50 -15.52
N GLU C 218 1.70 -35.80 -16.38
CA GLU C 218 0.31 -35.55 -16.07
C GLU C 218 -0.31 -36.87 -15.60
N ILE C 219 -1.14 -36.80 -14.58
CA ILE C 219 -1.74 -37.98 -13.98
C ILE C 219 -3.23 -37.73 -13.81
N TRP C 220 -4.01 -38.81 -13.82
CA TRP C 220 -5.45 -38.68 -13.67
C TRP C 220 -6.03 -39.95 -13.07
N GLY C 221 -7.22 -39.81 -12.51
CA GLY C 221 -7.89 -40.89 -11.85
C GLY C 221 -9.34 -40.53 -11.61
N PRO C 222 -10.13 -41.48 -11.11
CA PRO C 222 -11.55 -41.18 -10.88
C PRO C 222 -11.69 -40.10 -9.81
N TYR C 223 -12.63 -39.18 -10.05
CA TYR C 223 -12.72 -37.94 -9.27
C TYR C 223 -12.77 -38.19 -7.77
N GLU C 224 -13.42 -39.28 -7.35
CA GLU C 224 -13.69 -39.50 -5.92
C GLU C 224 -12.42 -39.84 -5.13
N THR C 225 -11.34 -40.21 -5.80
CA THR C 225 -10.06 -40.44 -5.13
C THR C 225 -9.15 -39.21 -5.15
N GLN C 226 -9.70 -38.03 -5.47
CA GLN C 226 -8.88 -36.84 -5.64
C GLN C 226 -8.10 -36.50 -4.38
N GLU C 227 -8.79 -36.46 -3.23
CA GLU C 227 -8.11 -36.00 -2.02
C GLU C 227 -7.02 -36.96 -1.57
N LYS C 228 -7.26 -38.26 -1.66
CA LYS C 228 -6.22 -39.22 -1.29
C LYS C 228 -5.00 -39.07 -2.19
N ALA C 229 -5.22 -38.85 -3.49
CA ALA C 229 -4.10 -38.70 -4.41
C ALA C 229 -3.34 -37.40 -4.16
N ARG C 230 -4.07 -36.29 -4.03
CA ARG C 230 -3.41 -35.01 -3.78
C ARG C 230 -2.61 -35.05 -2.48
N ASN C 231 -3.23 -35.54 -1.39
CA ASN C 231 -2.53 -35.54 -0.11
C ASN C 231 -1.27 -36.36 -0.18
N ALA C 232 -1.30 -37.49 -0.90
CA ALA C 232 -0.12 -38.34 -1.03
C ALA C 232 0.99 -37.64 -1.79
N ILE C 233 0.64 -36.94 -2.88
CA ILE C 233 1.64 -36.19 -3.65
C ILE C 233 2.25 -35.08 -2.82
N LEU C 234 1.39 -34.28 -2.16
CA LEU C 234 1.89 -33.17 -1.35
C LEU C 234 2.80 -33.66 -0.23
N GLU C 235 2.43 -34.77 0.43
CA GLU C 235 3.27 -35.26 1.53
C GLU C 235 4.61 -35.76 1.02
N ALA C 236 4.59 -36.52 -0.08
CA ALA C 236 5.83 -37.03 -0.65
C ALA C 236 6.72 -35.89 -1.16
N GLY C 237 6.10 -34.82 -1.68
CA GLY C 237 6.86 -33.74 -2.28
C GLY C 237 7.53 -32.77 -1.32
N LYS C 238 7.16 -32.78 -0.04
CA LYS C 238 7.70 -31.79 0.90
C LYS C 238 9.22 -31.86 0.98
N GLU C 239 9.80 -33.06 0.97
CA GLU C 239 11.26 -33.13 1.07
C GLU C 239 11.94 -32.51 -0.15
N PHE C 240 11.25 -32.40 -1.28
CA PHE C 240 11.77 -31.77 -2.48
C PHE C 240 11.23 -30.38 -2.71
N GLY C 241 10.55 -29.79 -1.72
CA GLY C 241 10.03 -28.44 -1.88
C GLY C 241 8.89 -28.32 -2.87
N LEU C 242 8.13 -29.38 -3.11
CA LEU C 242 6.96 -29.30 -3.98
C LEU C 242 5.87 -28.50 -3.28
N ILE C 243 5.22 -27.61 -4.02
CA ILE C 243 4.08 -26.87 -3.48
C ILE C 243 2.94 -26.92 -4.47
N PRO C 244 1.71 -26.75 -4.00
CA PRO C 244 0.57 -26.68 -4.92
C PRO C 244 0.49 -25.30 -5.55
N VAL C 245 0.02 -25.28 -6.80
CA VAL C 245 -0.12 -24.04 -7.57
C VAL C 245 -1.61 -23.72 -7.66
N GLY C 246 -1.95 -22.46 -7.39
CA GLY C 246 -3.34 -22.04 -7.43
C GLY C 246 -3.79 -21.63 -8.83
N SER C 247 -5.09 -21.33 -8.93
CA SER C 247 -5.65 -20.99 -10.23
C SER C 247 -5.22 -19.61 -10.71
N ARG C 248 -4.75 -18.74 -9.81
CA ARG C 248 -4.21 -17.47 -10.25
C ARG C 248 -2.94 -17.68 -11.07
N ALA C 249 -1.95 -18.37 -10.50
CA ALA C 249 -0.69 -18.56 -11.21
C ALA C 249 -0.82 -19.54 -12.36
N TYR C 250 -1.72 -20.53 -12.25
CA TYR C 250 -1.70 -21.66 -13.18
C TYR C 250 -1.74 -21.24 -14.64
N PRO C 251 -2.76 -20.51 -15.11
CA PRO C 251 -2.85 -20.24 -16.56
C PRO C 251 -1.71 -19.39 -17.09
N SER C 252 -0.97 -18.71 -16.22
CA SER C 252 0.17 -17.93 -16.68
C SER C 252 1.35 -18.80 -17.10
N ASN C 253 1.35 -20.09 -16.75
CA ASN C 253 2.51 -20.92 -17.07
C ASN C 253 2.76 -21.00 -18.57
N THR C 254 1.69 -20.94 -19.37
CA THR C 254 1.81 -21.11 -20.81
C THR C 254 2.59 -19.96 -21.47
N LEU C 255 2.61 -18.78 -20.86
CA LEU C 255 3.42 -17.69 -21.42
C LEU C 255 4.89 -18.04 -21.44
N GLU C 256 5.33 -18.90 -20.51
CA GLU C 256 6.72 -19.33 -20.55
C GLU C 256 6.92 -20.50 -21.52
N SER C 257 5.88 -21.32 -21.71
CA SER C 257 6.01 -22.58 -22.44
C SER C 257 5.70 -22.44 -23.92
N GLY C 258 4.73 -21.60 -24.27
CA GLY C 258 4.48 -21.23 -25.64
C GLY C 258 3.12 -21.57 -26.19
N TRP C 259 2.34 -22.39 -25.51
CA TRP C 259 1.05 -22.81 -26.05
C TRP C 259 0.07 -21.65 -26.02
N ILE C 260 -0.60 -21.39 -27.14
CA ILE C 260 -1.63 -20.36 -27.24
C ILE C 260 -2.98 -21.01 -27.01
N PRO C 261 -3.64 -20.80 -25.87
CA PRO C 261 -4.87 -21.56 -25.57
C PRO C 261 -6.12 -21.04 -26.24
N SER C 262 -6.10 -19.83 -26.76
CA SER C 262 -7.33 -19.12 -27.03
C SER C 262 -7.56 -18.70 -28.47
N PRO C 263 -7.22 -19.50 -29.49
CA PRO C 263 -7.56 -19.08 -30.85
C PRO C 263 -9.07 -19.04 -30.98
N LEU C 264 -9.55 -18.01 -31.68
CA LEU C 264 -10.99 -17.91 -31.89
C LEU C 264 -11.46 -19.13 -32.68
N PRO C 265 -12.54 -19.78 -32.28
CA PRO C 265 -13.09 -20.87 -33.10
C PRO C 265 -13.59 -20.29 -34.42
N ALA C 266 -12.98 -20.74 -35.52
CA ALA C 266 -13.16 -20.10 -36.82
C ALA C 266 -14.39 -20.67 -37.54
N ILE C 267 -15.56 -20.40 -36.96
CA ILE C 267 -16.76 -21.11 -37.37
C ILE C 267 -17.95 -20.19 -37.58
N TYR C 268 -17.69 -18.88 -37.72
CA TYR C 268 -18.79 -17.92 -37.74
C TYR C 268 -19.29 -17.59 -39.13
N THR C 269 -18.51 -17.91 -40.17
CA THR C 269 -18.86 -17.56 -41.54
C THR C 269 -18.56 -18.74 -42.44
N GLY C 270 -19.03 -18.65 -43.69
CA GLY C 270 -18.84 -19.70 -44.66
C GLY C 270 -20.06 -20.59 -44.80
N ASP C 271 -20.40 -20.94 -46.04
CA ASP C 271 -21.56 -21.78 -46.27
C ASP C 271 -21.35 -23.20 -45.73
N LYS C 272 -20.11 -23.72 -45.82
CA LYS C 272 -19.80 -25.09 -45.43
C LYS C 272 -19.83 -25.30 -43.91
N LEU C 273 -20.06 -24.25 -43.11
CA LEU C 273 -20.18 -24.38 -41.67
C LEU C 273 -21.55 -23.98 -41.15
N LYS C 274 -22.48 -23.60 -42.04
CA LYS C 274 -23.82 -23.19 -41.62
C LYS C 274 -24.56 -24.29 -40.87
N ALA C 275 -24.31 -25.56 -41.21
CA ALA C 275 -24.95 -26.65 -40.50
C ALA C 275 -24.48 -26.72 -39.05
N TYR C 276 -23.17 -26.54 -38.85
CA TYR C 276 -22.61 -26.57 -37.50
C TYR C 276 -23.08 -25.38 -36.68
N ARG C 277 -23.25 -24.21 -37.31
CA ARG C 277 -23.79 -23.05 -36.61
C ARG C 277 -25.25 -23.23 -36.23
N GLU C 278 -25.98 -24.08 -36.95
CA GLU C 278 -27.35 -24.41 -36.57
C GLU C 278 -27.41 -25.45 -35.47
N TRP C 279 -26.32 -26.18 -35.25
CA TRP C 279 -26.27 -27.19 -34.20
C TRP C 279 -25.75 -26.64 -32.87
N LEU C 280 -24.85 -25.66 -32.90
CA LEU C 280 -24.35 -25.04 -31.67
C LEU C 280 -25.48 -24.31 -30.95
N PRO C 281 -25.64 -24.50 -29.64
CA PRO C 281 -26.74 -23.85 -28.92
C PRO C 281 -26.47 -22.38 -28.64
N ALA C 282 -27.51 -21.71 -28.15
CA ALA C 282 -27.47 -20.26 -27.98
C ALA C 282 -26.54 -19.80 -26.87
N ASN C 283 -26.17 -20.69 -25.94
CA ASN C 283 -25.33 -20.32 -24.80
C ASN C 283 -23.98 -21.02 -24.84
N SER C 284 -23.54 -21.45 -26.02
CA SER C 284 -22.26 -22.12 -26.16
C SER C 284 -21.12 -21.13 -26.02
N TYR C 285 -19.91 -21.68 -25.81
CA TYR C 285 -18.68 -20.89 -25.85
C TYR C 285 -18.66 -19.96 -27.07
N GLU C 286 -19.08 -20.49 -28.23
CA GLU C 286 -18.99 -19.74 -29.47
C GLU C 286 -20.04 -18.63 -29.53
N ALA C 287 -21.23 -18.90 -29.01
CA ALA C 287 -22.31 -17.92 -29.09
C ALA C 287 -22.13 -16.79 -28.07
N SER C 288 -21.77 -17.12 -26.84
CA SER C 288 -21.81 -16.11 -25.79
C SER C 288 -20.45 -15.67 -25.28
N GLY C 289 -19.36 -16.22 -25.82
CA GLY C 289 -18.03 -15.82 -25.41
C GLY C 289 -17.74 -14.38 -25.81
N ALA C 290 -16.45 -14.02 -25.74
CA ALA C 290 -16.04 -12.64 -25.87
C ALA C 290 -14.69 -12.54 -26.56
N ILE C 291 -14.49 -11.42 -27.24
CA ILE C 291 -13.19 -11.01 -27.78
C ILE C 291 -12.78 -9.73 -27.07
N GLY C 292 -11.50 -9.63 -26.73
CA GLY C 292 -10.99 -8.43 -26.10
C GLY C 292 -9.65 -8.04 -26.68
N GLY C 293 -9.35 -6.76 -26.59
CA GLY C 293 -8.07 -6.25 -27.01
C GLY C 293 -8.21 -5.20 -28.09
N SER C 294 -7.07 -4.76 -28.60
CA SER C 294 -7.03 -3.58 -29.46
C SER C 294 -7.23 -3.88 -30.94
N PHE C 295 -7.02 -5.12 -31.39
CA PHE C 295 -7.18 -5.42 -32.80
C PHE C 295 -8.67 -5.34 -33.19
N VAL C 296 -8.98 -4.52 -34.18
CA VAL C 296 -10.35 -4.25 -34.59
C VAL C 296 -10.50 -4.48 -36.09
N SER C 297 -11.57 -5.16 -36.47
CA SER C 297 -12.01 -5.31 -37.85
C SER C 297 -13.48 -5.67 -37.82
N SER C 298 -14.23 -5.20 -38.81
CA SER C 298 -15.64 -5.54 -38.88
C SER C 298 -15.87 -6.94 -39.42
N ASN C 299 -14.82 -7.60 -39.94
CA ASN C 299 -14.92 -8.95 -40.50
C ASN C 299 -14.35 -9.96 -39.50
N ILE C 300 -15.23 -10.78 -38.91
CA ILE C 300 -14.81 -11.75 -37.92
C ILE C 300 -13.73 -12.66 -38.48
N GLU C 301 -13.70 -12.83 -39.81
CA GLU C 301 -12.69 -13.71 -40.42
C GLU C 301 -11.28 -13.20 -40.19
N ASP C 302 -11.10 -11.92 -39.87
CA ASP C 302 -9.77 -11.39 -39.63
C ASP C 302 -9.21 -11.81 -38.26
N TYR C 303 -10.03 -12.43 -37.41
CA TYR C 303 -9.57 -12.99 -36.16
C TYR C 303 -9.21 -14.47 -36.27
N TYR C 304 -9.52 -15.10 -37.41
CA TYR C 304 -9.21 -16.50 -37.64
C TYR C 304 -7.70 -16.71 -37.75
N VAL C 305 -7.27 -17.91 -37.37
CA VAL C 305 -5.89 -18.35 -37.56
C VAL C 305 -5.91 -19.73 -38.20
N ASN C 306 -4.79 -20.10 -38.80
CA ASN C 306 -4.57 -21.44 -39.34
C ASN C 306 -3.42 -22.10 -38.60
N PRO C 307 -3.32 -23.44 -38.65
CA PRO C 307 -2.33 -24.13 -37.79
C PRO C 307 -0.90 -23.66 -37.94
N TYR C 308 -0.48 -23.23 -39.14
CA TYR C 308 0.89 -22.74 -39.32
C TYR C 308 1.14 -21.47 -38.51
N GLU C 309 0.10 -20.69 -38.23
CA GLU C 309 0.27 -19.38 -37.60
C GLU C 309 0.50 -19.46 -36.09
N ILE C 310 0.10 -20.55 -35.44
CA ILE C 310 0.21 -20.64 -33.99
C ILE C 310 1.06 -21.85 -33.56
N GLY C 311 1.95 -22.32 -34.44
CA GLY C 311 2.94 -23.30 -34.06
C GLY C 311 2.57 -24.74 -34.33
N TYR C 312 1.43 -25.00 -34.96
CA TYR C 312 0.99 -26.37 -35.25
C TYR C 312 1.35 -26.80 -36.68
N GLY C 313 2.25 -26.07 -37.33
CA GLY C 313 2.74 -26.44 -38.63
C GLY C 313 3.17 -27.88 -38.71
N PRO C 314 4.23 -28.24 -37.97
CA PRO C 314 4.73 -29.63 -38.00
C PRO C 314 3.69 -30.70 -37.66
N PHE C 315 2.49 -30.33 -37.21
CA PHE C 315 1.43 -31.32 -36.99
C PHE C 315 0.70 -31.69 -38.27
N VAL C 316 0.71 -30.80 -39.26
CA VAL C 316 0.01 -31.04 -40.52
C VAL C 316 0.66 -32.22 -41.23
N LYS C 317 -0.12 -33.27 -41.46
CA LYS C 317 0.34 -34.44 -42.20
C LYS C 317 -0.75 -34.83 -43.19
N PHE C 318 -0.44 -34.79 -44.47
CA PHE C 318 -1.42 -35.08 -45.52
C PHE C 318 -1.49 -36.58 -45.83
N ASP C 319 -1.34 -37.45 -44.83
CA ASP C 319 -1.36 -38.90 -45.04
C ASP C 319 -2.70 -39.52 -44.70
N HIS C 320 -3.78 -38.76 -44.80
CA HIS C 320 -5.13 -39.25 -44.53
C HIS C 320 -6.11 -38.18 -44.99
N ASP C 321 -7.35 -38.61 -45.25
CA ASP C 321 -8.41 -37.65 -45.53
C ASP C 321 -8.77 -36.93 -44.23
N PHE C 322 -8.85 -35.60 -44.29
CA PHE C 322 -9.35 -34.85 -43.15
C PHE C 322 -9.94 -33.52 -43.62
N ILE C 323 -10.93 -33.03 -42.87
CA ILE C 323 -11.64 -31.82 -43.25
C ILE C 323 -10.65 -30.67 -43.37
N GLY C 324 -10.77 -29.90 -44.45
CA GLY C 324 -9.92 -28.76 -44.70
C GLY C 324 -8.53 -29.10 -45.20
N ARG C 325 -8.26 -30.36 -45.54
CA ARG C 325 -6.95 -30.70 -46.08
C ARG C 325 -6.68 -29.93 -47.37
N ASP C 326 -7.66 -29.91 -48.28
CA ASP C 326 -7.48 -29.17 -49.54
C ASP C 326 -7.10 -27.73 -49.28
N ALA C 327 -7.76 -27.10 -48.29
CA ALA C 327 -7.40 -25.73 -47.93
C ALA C 327 -5.99 -25.65 -47.34
N LEU C 328 -5.59 -26.68 -46.57
CA LEU C 328 -4.30 -26.63 -45.88
C LEU C 328 -3.15 -26.75 -46.86
N GLU C 329 -3.15 -27.78 -47.72
CA GLU C 329 -2.05 -27.93 -48.67
C GLU C 329 -2.03 -26.82 -49.74
N ALA C 330 -3.01 -25.92 -49.74
CA ALA C 330 -3.04 -24.76 -50.62
C ALA C 330 -2.45 -23.51 -49.97
N ILE C 331 -1.74 -23.65 -48.85
CA ILE C 331 -1.20 -22.53 -48.09
C ILE C 331 0.31 -22.69 -48.04
N ASP C 332 1.03 -21.60 -48.33
CA ASP C 332 2.49 -21.63 -48.33
C ASP C 332 3.02 -21.44 -46.91
N PRO C 333 3.57 -22.48 -46.29
CA PRO C 333 4.04 -22.35 -44.90
C PRO C 333 5.12 -21.31 -44.72
N ALA C 334 6.01 -21.16 -45.70
CA ALA C 334 7.15 -20.26 -45.56
C ALA C 334 6.74 -18.79 -45.45
N THR C 335 5.50 -18.44 -45.83
CA THR C 335 5.05 -17.06 -45.78
C THR C 335 4.01 -16.78 -44.71
N GLN C 336 3.57 -17.81 -43.97
CA GLN C 336 2.55 -17.64 -42.96
C GLN C 336 3.09 -16.94 -41.72
N ARG C 337 2.21 -16.21 -41.03
CA ARG C 337 2.58 -15.61 -39.75
C ARG C 337 3.13 -16.68 -38.82
N LYS C 338 4.06 -16.29 -37.96
CA LYS C 338 4.78 -17.23 -37.11
C LYS C 338 4.53 -16.92 -35.64
N LYS C 339 4.52 -17.97 -34.81
CA LYS C 339 4.29 -17.83 -33.39
C LYS C 339 5.53 -17.30 -32.68
N VAL C 340 5.35 -16.28 -31.83
CA VAL C 340 6.45 -15.64 -31.13
C VAL C 340 6.05 -15.38 -29.67
N THR C 341 7.07 -15.22 -28.80
CA THR C 341 6.92 -14.57 -27.50
C THR C 341 7.36 -13.10 -27.62
N LEU C 342 6.52 -12.20 -27.12
CA LEU C 342 6.82 -10.77 -27.10
C LEU C 342 7.18 -10.35 -25.68
N ALA C 343 8.41 -9.87 -25.48
CA ALA C 343 8.89 -9.43 -24.17
C ALA C 343 8.57 -7.96 -24.02
N TRP C 344 7.64 -7.63 -23.12
CA TRP C 344 7.14 -6.26 -23.03
C TRP C 344 8.06 -5.38 -22.20
N ASN C 345 8.10 -4.10 -22.56
CA ASN C 345 9.09 -3.18 -21.99
C ASN C 345 8.72 -2.85 -20.55
N GLY C 346 9.70 -2.94 -19.64
CA GLY C 346 9.43 -2.74 -18.23
C GLY C 346 9.03 -1.32 -17.88
N ASP C 347 9.73 -0.33 -18.45
CA ASP C 347 9.33 1.06 -18.24
C ASP C 347 7.91 1.32 -18.72
N ASP C 348 7.51 0.69 -19.83
CA ASP C 348 6.14 0.88 -20.31
C ASP C 348 5.15 0.18 -19.39
N MET C 349 5.53 -0.96 -18.81
CA MET C 349 4.70 -1.58 -17.79
C MET C 349 4.52 -0.63 -16.62
N ALA C 350 5.63 -0.06 -16.13
CA ALA C 350 5.57 0.86 -15.00
C ALA C 350 4.64 2.03 -15.28
N LYS C 351 4.66 2.57 -16.51
CA LYS C 351 3.77 3.68 -16.84
C LYS C 351 2.31 3.24 -16.81
N ILE C 352 2.03 2.01 -17.23
CA ILE C 352 0.68 1.47 -17.15
C ILE C 352 0.19 1.46 -15.71
N TYR C 353 0.99 0.88 -14.80
CA TYR C 353 0.50 0.74 -13.43
C TYR C 353 0.45 2.07 -12.71
N ALA C 354 1.47 2.92 -12.91
CA ALA C 354 1.49 4.25 -12.31
C ALA C 354 0.18 5.01 -12.53
N SER C 355 -0.46 4.82 -13.68
CA SER C 355 -1.66 5.58 -14.01
C SER C 355 -2.84 5.26 -13.11
N LEU C 356 -2.85 4.09 -12.45
CA LEU C 356 -3.92 3.76 -11.50
C LEU C 356 -3.91 4.67 -10.29
N PHE C 357 -2.75 5.26 -9.96
CA PHE C 357 -2.58 6.06 -8.76
C PHE C 357 -2.51 7.57 -9.07
N ASP C 358 -2.95 7.97 -10.26
CA ASP C 358 -2.96 9.38 -10.65
C ASP C 358 -4.34 9.95 -10.33
N THR C 359 -4.41 10.82 -9.31
CA THR C 359 -5.67 11.37 -8.83
C THR C 359 -6.19 12.52 -9.69
N GLU C 360 -5.39 13.03 -10.62
CA GLU C 360 -5.79 14.15 -11.44
C GLU C 360 -6.11 13.77 -12.88
N ALA C 361 -5.47 12.72 -13.40
CA ALA C 361 -5.66 12.34 -14.80
C ALA C 361 -7.12 11.96 -15.06
N ASP C 362 -7.61 12.31 -16.25
CA ASP C 362 -8.98 11.98 -16.63
C ASP C 362 -9.14 10.50 -16.97
N ALA C 363 -8.04 9.79 -17.21
CA ALA C 363 -8.12 8.38 -17.58
C ALA C 363 -6.77 7.73 -17.31
N HIS C 364 -6.82 6.41 -17.11
CA HIS C 364 -5.65 5.57 -16.86
C HIS C 364 -5.57 4.49 -17.94
N TYR C 365 -4.42 3.83 -18.00
CA TYR C 365 -4.24 2.76 -18.96
C TYR C 365 -4.96 1.49 -18.50
N LYS C 366 -5.31 0.63 -19.45
CA LYS C 366 -6.09 -0.58 -19.16
C LYS C 366 -5.46 -1.39 -18.04
N PHE C 367 -6.27 -1.79 -17.06
CA PHE C 367 -5.76 -2.56 -15.95
C PHE C 367 -5.09 -3.84 -16.45
N PHE C 368 -3.85 -4.06 -16.03
CA PHE C 368 -3.06 -5.23 -16.42
C PHE C 368 -2.97 -6.12 -15.18
N ASP C 369 -3.91 -7.07 -15.07
CA ASP C 369 -3.92 -7.98 -13.91
C ASP C 369 -2.71 -8.92 -13.93
N LEU C 370 -2.31 -9.37 -12.74
CA LEU C 370 -1.11 -10.19 -12.58
C LEU C 370 -1.45 -11.50 -11.87
N PRO C 371 -0.91 -12.63 -12.33
CA PRO C 371 0.04 -12.72 -13.45
C PRO C 371 -0.61 -12.94 -14.81
N LEU C 372 -1.93 -12.94 -14.89
CA LEU C 372 -2.65 -13.12 -16.15
C LEU C 372 -3.50 -11.89 -16.38
N ALA C 373 -3.34 -11.27 -17.54
CA ALA C 373 -3.98 -9.99 -17.82
C ALA C 373 -5.17 -10.11 -18.75
N ASN C 374 -5.42 -11.31 -19.30
CA ASN C 374 -6.49 -11.50 -20.26
C ASN C 374 -7.84 -11.11 -19.66
N TYR C 375 -8.72 -10.55 -20.51
CA TYR C 375 -10.03 -10.16 -20.01
C TYR C 375 -11.15 -10.58 -20.96
N ALA C 376 -10.94 -11.65 -21.73
CA ALA C 376 -11.97 -12.27 -22.58
C ALA C 376 -11.58 -13.72 -22.84
N ASN C 377 -12.50 -14.48 -23.44
CA ASN C 377 -12.17 -15.83 -23.90
C ASN C 377 -11.06 -15.79 -24.93
N THR C 378 -11.22 -14.93 -25.94
CA THR C 378 -10.27 -14.80 -27.03
C THR C 378 -9.60 -13.43 -26.95
N ASN C 379 -8.28 -13.43 -27.07
CA ASN C 379 -7.47 -12.24 -26.90
C ASN C 379 -6.92 -11.80 -28.25
N ALA C 380 -7.06 -10.51 -28.56
CA ALA C 380 -6.69 -10.00 -29.88
C ALA C 380 -6.18 -8.57 -29.70
N ASP C 381 -4.87 -8.43 -29.54
CA ASP C 381 -4.22 -7.13 -29.45
C ASP C 381 -3.42 -6.89 -30.73
N ALA C 382 -3.52 -5.67 -31.25
CA ALA C 382 -2.80 -5.32 -32.48
C ALA C 382 -1.32 -5.15 -32.19
N VAL C 383 -0.49 -5.71 -33.08
CA VAL C 383 0.97 -5.57 -33.01
C VAL C 383 1.41 -4.75 -34.21
N LEU C 384 2.23 -3.73 -33.95
CA LEU C 384 2.59 -2.72 -34.95
C LEU C 384 4.10 -2.55 -35.05
N ASP C 385 4.57 -2.20 -36.26
CA ASP C 385 5.93 -1.74 -36.45
C ASP C 385 5.99 -0.22 -36.28
N ALA C 386 7.20 0.35 -36.43
CA ALA C 386 7.42 1.75 -36.10
C ALA C 386 6.56 2.69 -36.92
N ALA C 387 6.14 2.27 -38.12
CA ALA C 387 5.35 3.11 -39.00
C ALA C 387 3.85 3.01 -38.76
N GLY C 388 3.41 2.02 -37.98
CA GLY C 388 2.00 1.82 -37.75
C GLY C 388 1.38 0.71 -38.55
N ASN C 389 2.19 -0.08 -39.27
CA ASN C 389 1.66 -1.25 -39.97
C ASN C 389 1.26 -2.31 -38.96
N VAL C 390 0.08 -2.89 -39.12
CA VAL C 390 -0.29 -4.07 -38.32
C VAL C 390 0.53 -5.24 -38.84
N VAL C 391 1.44 -5.76 -38.01
CA VAL C 391 2.34 -6.82 -38.40
C VAL C 391 2.09 -8.12 -37.63
N GLY C 392 1.00 -8.19 -36.87
CA GLY C 392 0.76 -9.39 -36.08
C GLY C 392 -0.35 -9.19 -35.08
N MET C 393 -0.64 -10.29 -34.36
CA MET C 393 -1.73 -10.33 -33.38
C MET C 393 -1.23 -10.98 -32.09
N SER C 394 -1.32 -10.24 -30.98
CA SER C 394 -0.98 -10.73 -29.65
C SER C 394 -2.20 -11.39 -29.03
N MET C 395 -2.03 -12.60 -28.48
CA MET C 395 -3.18 -13.44 -28.17
C MET C 395 -3.25 -13.96 -26.73
N PHE C 396 -2.26 -13.71 -25.88
CA PHE C 396 -2.27 -14.21 -24.50
C PHE C 396 -1.24 -13.40 -23.72
N THR C 397 -1.66 -12.81 -22.60
CA THR C 397 -0.87 -11.76 -21.97
C THR C 397 -0.79 -11.91 -20.46
N GLY C 398 0.41 -11.72 -19.92
CA GLY C 398 0.58 -11.71 -18.48
C GLY C 398 2.00 -11.43 -18.03
N TYR C 399 2.42 -12.05 -16.94
CA TYR C 399 3.69 -11.70 -16.34
C TYR C 399 4.33 -12.95 -15.73
N SER C 400 5.66 -13.01 -15.83
CA SER C 400 6.44 -14.11 -15.31
C SER C 400 7.33 -13.58 -14.19
N TYR C 401 7.04 -13.99 -12.95
CA TYR C 401 7.94 -13.66 -11.85
C TYR C 401 9.31 -14.30 -12.04
N ASN C 402 9.41 -15.37 -12.82
CA ASN C 402 10.70 -15.98 -13.09
C ASN C 402 11.58 -15.05 -13.91
N GLU C 403 10.98 -14.40 -14.92
CA GLU C 403 11.71 -13.49 -15.79
C GLU C 403 11.69 -12.05 -15.32
N LYS C 404 10.74 -11.70 -14.44
CA LYS C 404 10.48 -10.31 -14.06
C LYS C 404 10.11 -9.47 -15.28
N ARG C 405 9.38 -10.07 -16.21
CA ARG C 405 8.94 -9.36 -17.40
C ARG C 405 7.49 -9.69 -17.67
N ALA C 406 6.75 -8.72 -18.19
CA ALA C 406 5.46 -9.02 -18.82
C ALA C 406 5.69 -9.63 -20.18
N LEU C 407 4.96 -10.71 -20.49
CA LEU C 407 5.14 -11.46 -21.72
C LEU C 407 3.80 -11.61 -22.43
N SER C 408 3.84 -11.75 -23.75
CA SER C 408 2.65 -12.12 -24.50
C SER C 408 3.04 -13.12 -25.57
N LEU C 409 2.07 -13.96 -25.95
CA LEU C 409 2.23 -14.93 -27.03
C LEU C 409 1.53 -14.38 -28.26
N ALA C 410 2.22 -14.39 -29.40
CA ALA C 410 1.72 -13.68 -30.57
C ALA C 410 2.06 -14.43 -31.85
N THR C 411 1.27 -14.16 -32.89
CA THR C 411 1.56 -14.56 -34.25
C THR C 411 1.85 -13.30 -35.08
N ILE C 412 3.03 -13.26 -35.73
CA ILE C 412 3.52 -12.07 -36.41
C ILE C 412 4.09 -12.46 -37.77
N ASP C 413 4.40 -11.44 -38.58
CA ASP C 413 4.84 -11.65 -39.95
C ASP C 413 6.20 -12.34 -39.99
N HIS C 414 6.33 -13.29 -40.93
CA HIS C 414 7.40 -14.29 -40.88
C HIS C 414 8.79 -13.68 -40.96
N GLU C 415 8.93 -12.51 -41.59
CA GLU C 415 10.28 -12.01 -41.83
C GLU C 415 10.83 -11.15 -40.69
N ILE C 416 10.01 -10.77 -39.71
CA ILE C 416 10.48 -9.96 -38.59
C ILE C 416 11.49 -10.76 -37.78
N PRO C 417 12.74 -10.30 -37.65
CA PRO C 417 13.74 -11.08 -36.93
C PRO C 417 13.54 -11.06 -35.42
N VAL C 418 14.01 -12.12 -34.76
CA VAL C 418 14.06 -12.13 -33.31
C VAL C 418 14.97 -10.99 -32.85
N GLY C 419 14.64 -10.40 -31.71
CA GLY C 419 15.30 -9.20 -31.26
C GLY C 419 14.66 -7.91 -31.73
N THR C 420 13.75 -7.95 -32.68
CA THR C 420 13.13 -6.74 -33.21
C THR C 420 12.18 -6.14 -32.18
N GLU C 421 12.18 -4.82 -32.09
CA GLU C 421 11.29 -4.09 -31.19
C GLU C 421 10.06 -3.63 -31.98
N LEU C 422 8.91 -4.22 -31.68
CA LEU C 422 7.63 -3.76 -32.20
C LEU C 422 6.90 -3.03 -31.09
N THR C 423 5.62 -2.72 -31.32
CA THR C 423 4.75 -2.28 -30.25
C THR C 423 3.51 -3.15 -30.25
N VAL C 424 3.00 -3.42 -29.05
CA VAL C 424 1.66 -3.96 -28.88
C VAL C 424 0.78 -2.83 -28.38
N LEU C 425 -0.42 -2.72 -28.93
CA LEU C 425 -1.36 -1.69 -28.54
C LEU C 425 -2.22 -2.24 -27.41
N TRP C 426 -2.03 -1.72 -26.20
CA TRP C 426 -2.67 -2.29 -25.02
C TRP C 426 -3.88 -1.46 -24.65
N GLY C 427 -5.03 -2.10 -24.56
CA GLY C 427 -6.28 -1.43 -24.28
C GLY C 427 -7.19 -1.41 -25.50
N GLU C 428 -8.42 -0.98 -25.26
CA GLU C 428 -9.44 -0.93 -26.29
C GLU C 428 -9.79 0.52 -26.61
N GLU C 429 -10.44 0.72 -27.76
CA GLU C 429 -10.69 2.05 -28.29
C GLU C 429 -11.96 2.66 -27.69
N ASN C 430 -12.08 3.99 -27.82
CA ASN C 430 -13.27 4.75 -27.42
C ASN C 430 -13.58 4.62 -25.93
N GLY C 431 -12.55 4.51 -25.10
CA GLY C 431 -12.72 4.34 -23.67
C GLY C 431 -12.94 2.91 -23.21
N GLY C 432 -13.11 1.98 -24.15
CA GLY C 432 -13.30 0.57 -23.85
C GLY C 432 -14.64 0.00 -24.25
N THR C 433 -14.65 -1.27 -24.65
CA THR C 433 -15.89 -1.94 -25.01
C THR C 433 -16.80 -2.07 -23.79
N ARG C 434 -17.97 -2.65 -24.01
CA ARG C 434 -18.96 -2.83 -22.94
C ARG C 434 -18.77 -4.13 -22.17
N LYS C 435 -17.66 -4.84 -22.37
CA LYS C 435 -17.43 -6.07 -21.62
C LYS C 435 -17.35 -5.79 -20.12
N THR C 436 -17.96 -6.67 -19.32
CA THR C 436 -18.00 -6.46 -17.88
C THR C 436 -16.62 -6.57 -17.24
N THR C 437 -15.63 -7.10 -17.95
CA THR C 437 -14.25 -7.12 -17.49
C THR C 437 -13.50 -5.82 -17.73
N VAL C 438 -14.16 -4.79 -18.25
CA VAL C 438 -13.47 -3.62 -18.79
C VAL C 438 -13.95 -2.38 -18.06
N GLU C 439 -13.02 -1.75 -17.34
CA GLU C 439 -13.18 -0.43 -16.75
C GLU C 439 -12.77 0.62 -17.76
N PRO C 440 -13.28 1.85 -17.61
CA PRO C 440 -12.88 2.93 -18.53
C PRO C 440 -11.37 3.07 -18.55
N HIS C 441 -10.80 3.21 -19.75
CA HIS C 441 -9.35 3.36 -19.87
C HIS C 441 -9.02 4.02 -21.22
N LYS C 442 -7.73 4.27 -21.40
CA LYS C 442 -7.16 4.79 -22.64
C LYS C 442 -6.09 3.81 -23.10
N GLN C 443 -5.80 3.81 -24.41
CA GLN C 443 -4.90 2.80 -24.93
C GLN C 443 -3.45 3.23 -24.76
N MET C 444 -2.54 2.27 -24.90
CA MET C 444 -1.13 2.58 -24.79
C MET C 444 -0.33 1.71 -25.73
N ALA C 445 0.67 2.31 -26.38
CA ALA C 445 1.58 1.58 -27.25
C ALA C 445 2.73 1.05 -26.40
N VAL C 446 2.85 -0.27 -26.33
CA VAL C 446 3.84 -0.92 -25.47
C VAL C 446 4.95 -1.48 -26.34
N ARG C 447 6.19 -1.06 -26.08
CA ARG C 447 7.32 -1.65 -26.77
C ARG C 447 7.50 -3.11 -26.35
N ALA C 448 7.81 -3.96 -27.34
CA ALA C 448 7.89 -5.40 -27.10
C ALA C 448 8.86 -6.03 -28.09
N VAL C 449 9.78 -6.84 -27.58
CA VAL C 449 10.86 -7.42 -28.37
C VAL C 449 10.51 -8.84 -28.77
N VAL C 450 10.49 -9.10 -30.08
CA VAL C 450 10.28 -10.44 -30.62
C VAL C 450 11.30 -11.41 -30.03
N SER C 451 10.82 -12.55 -29.53
CA SER C 451 11.65 -13.47 -28.78
C SER C 451 11.31 -14.90 -29.12
N PRO C 452 12.20 -15.86 -28.84
CA PRO C 452 11.90 -17.25 -29.14
C PRO C 452 10.68 -17.75 -28.35
N VAL C 453 10.13 -18.87 -28.81
CA VAL C 453 9.03 -19.53 -28.12
C VAL C 453 9.35 -21.02 -28.09
N PRO C 454 9.53 -21.63 -26.89
CA PRO C 454 9.41 -21.10 -25.53
C PRO C 454 10.34 -19.92 -25.25
N TYR C 455 9.87 -19.00 -24.40
CA TYR C 455 10.56 -17.73 -24.23
C TYR C 455 11.99 -17.91 -23.74
N SER C 456 12.90 -17.13 -24.31
CA SER C 456 14.26 -16.99 -23.83
C SER C 456 14.65 -15.53 -23.99
N VAL C 457 15.50 -15.05 -23.09
CA VAL C 457 15.84 -13.62 -23.09
C VAL C 457 16.66 -13.33 -24.34
N THR C 458 16.18 -12.39 -25.15
CA THR C 458 16.75 -12.06 -26.44
C THR C 458 16.99 -10.55 -26.47
N ALA C 459 18.25 -10.15 -26.52
CA ALA C 459 18.60 -8.74 -26.55
C ALA C 459 18.12 -8.10 -27.86
N ARG C 460 17.69 -6.85 -27.77
CA ARG C 460 17.27 -6.12 -28.96
C ARG C 460 18.37 -5.23 -29.53
#